data_1UHG
#
_entry.id   1UHG
#
_cell.length_a   62.647
_cell.length_b   70.914
_cell.length_c   83.386
_cell.angle_alpha   87.24
_cell.angle_beta   71.73
_cell.angle_gamma   75.95
#
_symmetry.space_group_name_H-M   'P 1'
#
loop_
_entity.id
_entity.type
_entity.pdbx_description
1 polymer Ovalbumin
2 branched 2-acetamido-2-deoxy-beta-D-glucopyranose-(1-4)-2-acetamido-2-deoxy-beta-D-glucopyranose
3 non-polymer 'SULFATE ION'
4 non-polymer 2-acetamido-2-deoxy-beta-D-glucopyranose
5 water water
#
_entity_poly.entity_id   1
_entity_poly.type   'polypeptide(L)'
_entity_poly.pdbx_seq_one_letter_code
;GSIGAASMEFCFDVFKELKVHHANENIFYCPIAIMSALAMVYLGAKDSTRTQINKVVRFDKLPGFGD(SEP)IEAQCGTS
VNVHSSLRDILNQITKPNDVYSFSLASRLYAEERYPILPEYLQCVKELYRGGLEPINFQTAADQARELINSWVESQTNGI
IRNVLQP(DSN)SVDSQTAMVLVNAIVFKGLWEKAFKDEDTQAMPFRVTEQESKPVQMMYQIGLFRVASMASEKMKILEL
PFA(DSN)GTMSMLVLLPDEVSGLEQLESIINFEKLTEWTSSNVMEERKIKVYLPRMKMEEKYNLTSVLMAMGITDVFSS
SANLSGISSAE(DSN)LKISQAVHAAHAEINEAGREVVG(SEP)AEAGVDAASVSEEFRADHPFLFCIKHIATNAVLFFG
RCVSP
;
_entity_poly.pdbx_strand_id   A,B,C,D
#
# COMPACT_ATOMS: atom_id res chain seq x y z
N GLY A 1 -36.59 4.15 -29.20
CA GLY A 1 -37.62 5.22 -28.98
C GLY A 1 -37.52 5.80 -27.57
N SER A 2 -36.78 5.10 -26.71
CA SER A 2 -36.58 5.52 -25.34
C SER A 2 -35.14 5.16 -24.97
N ILE A 3 -34.57 5.89 -24.01
CA ILE A 3 -33.20 5.63 -23.61
C ILE A 3 -33.06 4.25 -22.93
N GLY A 4 -34.13 3.80 -22.27
CA GLY A 4 -34.09 2.49 -21.62
C GLY A 4 -33.88 1.44 -22.69
N ALA A 5 -34.74 1.48 -23.71
CA ALA A 5 -34.65 0.52 -24.80
C ALA A 5 -33.32 0.60 -25.53
N ALA A 6 -32.93 1.80 -25.94
CA ALA A 6 -31.71 2.01 -26.71
C ALA A 6 -30.43 1.65 -25.96
N SER A 7 -30.36 2.01 -24.68
CA SER A 7 -29.18 1.68 -23.92
C SER A 7 -29.05 0.15 -23.71
N MET A 8 -30.16 -0.54 -23.50
CA MET A 8 -30.11 -2.01 -23.33
C MET A 8 -29.75 -2.70 -24.64
N GLU A 9 -30.39 -2.31 -25.74
CA GLU A 9 -30.04 -2.88 -27.03
C GLU A 9 -28.56 -2.62 -27.33
N PHE A 10 -28.10 -1.39 -27.13
CA PHE A 10 -26.70 -1.08 -27.39
C PHE A 10 -25.80 -1.90 -26.46
N CYS A 11 -26.19 -2.01 -25.20
CA CYS A 11 -25.45 -2.80 -24.21
C CYS A 11 -25.28 -4.28 -24.64
N PHE A 12 -26.36 -4.89 -25.11
CA PHE A 12 -26.25 -6.28 -25.51
C PHE A 12 -25.49 -6.45 -26.80
N ASP A 13 -25.50 -5.42 -27.66
CA ASP A 13 -24.72 -5.49 -28.89
C ASP A 13 -23.25 -5.47 -28.53
N VAL A 14 -22.87 -4.58 -27.60
CA VAL A 14 -21.50 -4.50 -27.16
C VAL A 14 -21.09 -5.79 -26.47
N PHE A 15 -22.01 -6.35 -25.70
CA PHE A 15 -21.72 -7.61 -25.00
C PHE A 15 -21.41 -8.71 -26.02
N LYS A 16 -22.24 -8.80 -27.06
CA LYS A 16 -22.04 -9.79 -28.12
C LYS A 16 -20.64 -9.70 -28.72
N GLU A 17 -20.16 -8.49 -28.96
CA GLU A 17 -18.82 -8.34 -29.52
C GLU A 17 -17.69 -8.63 -28.55
N LEU A 18 -17.84 -8.24 -27.28
CA LEU A 18 -16.76 -8.51 -26.32
C LEU A 18 -16.63 -10.02 -26.05
N LYS A 19 -17.74 -10.74 -26.17
CA LYS A 19 -17.73 -12.19 -25.95
C LYS A 19 -16.73 -12.90 -26.88
N VAL A 20 -16.53 -12.34 -28.07
CA VAL A 20 -15.61 -12.91 -29.06
C VAL A 20 -14.17 -13.03 -28.57
N HIS A 21 -13.58 -11.93 -28.13
CA HIS A 21 -12.20 -11.93 -27.69
C HIS A 21 -11.97 -11.89 -26.19
N HIS A 22 -13.01 -12.15 -25.40
CA HIS A 22 -12.87 -12.12 -23.95
C HIS A 22 -13.47 -13.32 -23.22
N ALA A 23 -13.36 -14.50 -23.84
CA ALA A 23 -13.92 -15.68 -23.21
C ALA A 23 -13.28 -15.97 -21.87
N ASN A 24 -14.09 -16.48 -20.95
CA ASN A 24 -13.66 -16.84 -19.61
C ASN A 24 -12.93 -15.79 -18.78
N GLU A 25 -13.24 -14.52 -19.04
CA GLU A 25 -12.62 -13.47 -18.26
C GLU A 25 -13.75 -12.57 -17.80
N ASN A 26 -13.48 -11.75 -16.79
CA ASN A 26 -14.47 -10.80 -16.32
C ASN A 26 -14.69 -9.80 -17.45
N ILE A 27 -15.90 -9.23 -17.52
CA ILE A 27 -16.26 -8.21 -18.52
C ILE A 27 -17.02 -7.14 -17.73
N PHE A 28 -16.71 -5.88 -17.96
CA PHE A 28 -17.38 -4.82 -17.20
C PHE A 28 -17.23 -3.51 -17.93
N TYR A 29 -18.37 -2.90 -18.27
CA TYR A 29 -18.35 -1.63 -19.00
C TYR A 29 -19.58 -0.80 -18.68
N CYS A 30 -19.52 0.46 -19.06
CA CYS A 30 -20.56 1.40 -18.79
C CYS A 30 -21.18 1.83 -20.12
N PRO A 31 -22.26 1.15 -20.57
CA PRO A 31 -22.96 1.46 -21.83
C PRO A 31 -23.38 2.93 -21.97
N ILE A 32 -23.98 3.47 -20.92
CA ILE A 32 -24.45 4.86 -20.95
C ILE A 32 -23.30 5.84 -21.22
N ALA A 33 -22.14 5.61 -20.62
CA ALA A 33 -20.99 6.50 -20.83
C ALA A 33 -20.48 6.39 -22.26
N ILE A 34 -20.46 5.18 -22.82
CA ILE A 34 -19.99 5.01 -24.19
C ILE A 34 -20.92 5.74 -25.17
N MET A 35 -22.21 5.67 -24.91
CA MET A 35 -23.17 6.36 -25.77
C MET A 35 -22.96 7.88 -25.70
N SER A 36 -22.67 8.40 -24.51
CA SER A 36 -22.45 9.83 -24.36
C SER A 36 -21.21 10.29 -25.13
N ALA A 37 -20.12 9.51 -25.05
CA ALA A 37 -18.92 9.86 -25.78
C ALA A 37 -19.19 9.88 -27.30
N LEU A 38 -19.93 8.89 -27.77
CA LEU A 38 -20.25 8.81 -29.18
C LEU A 38 -21.24 9.90 -29.57
N ALA A 39 -22.17 10.24 -28.69
CA ALA A 39 -23.12 11.32 -28.99
C ALA A 39 -22.35 12.65 -29.21
N MET A 40 -21.29 12.86 -28.43
CA MET A 40 -20.50 14.07 -28.56
C MET A 40 -19.83 14.13 -29.94
N VAL A 41 -19.32 13.00 -30.40
CA VAL A 41 -18.67 12.94 -31.70
C VAL A 41 -19.76 13.13 -32.78
N TYR A 42 -20.88 12.45 -32.60
CA TYR A 42 -22.02 12.49 -33.52
C TYR A 42 -22.46 13.91 -33.88
N LEU A 43 -22.22 14.84 -32.95
CA LEU A 43 -22.57 16.24 -33.14
C LEU A 43 -21.87 16.89 -34.34
N GLY A 44 -20.64 16.48 -34.59
CA GLY A 44 -19.91 17.05 -35.71
C GLY A 44 -19.65 16.09 -36.86
N ALA A 45 -20.34 14.95 -36.88
CA ALA A 45 -20.11 14.00 -37.96
C ALA A 45 -21.08 14.23 -39.12
N LYS A 46 -20.62 13.95 -40.33
CA LYS A 46 -21.48 14.12 -41.50
C LYS A 46 -21.49 12.88 -42.40
N ASP A 47 -22.39 12.88 -43.37
CA ASP A 47 -22.52 11.79 -44.35
C ASP A 47 -22.59 10.38 -43.76
N SER A 48 -21.77 9.45 -44.27
CA SER A 48 -21.79 8.06 -43.79
C SER A 48 -21.19 7.93 -42.38
N THR A 49 -20.27 8.84 -42.05
CA THR A 49 -19.66 8.83 -40.73
C THR A 49 -20.80 8.95 -39.72
N ARG A 50 -21.68 9.91 -39.96
CA ARG A 50 -22.81 10.15 -39.07
C ARG A 50 -23.84 9.03 -39.13
N THR A 51 -24.12 8.54 -40.32
CA THR A 51 -25.15 7.50 -40.44
C THR A 51 -24.80 6.20 -39.70
N GLN A 52 -23.54 5.80 -39.78
CA GLN A 52 -23.08 4.57 -39.12
C GLN A 52 -23.22 4.66 -37.61
N ILE A 53 -22.88 5.82 -37.06
CA ILE A 53 -22.99 6.02 -35.62
C ILE A 53 -24.45 5.96 -35.20
N ASN A 54 -25.30 6.69 -35.90
CA ASN A 54 -26.72 6.69 -35.56
C ASN A 54 -27.33 5.30 -35.63
N LYS A 55 -26.95 4.54 -36.64
CA LYS A 55 -27.46 3.19 -36.83
C LYS A 55 -26.97 2.23 -35.74
N VAL A 56 -25.69 2.29 -35.42
CA VAL A 56 -25.11 1.41 -34.41
C VAL A 56 -25.45 1.75 -32.96
N VAL A 57 -25.48 3.04 -32.63
CA VAL A 57 -25.81 3.46 -31.26
C VAL A 57 -27.32 3.68 -31.13
N ARG A 58 -28.01 3.76 -32.26
CA ARG A 58 -29.45 3.98 -32.29
C ARG A 58 -29.95 5.22 -31.55
N PHE A 59 -29.51 6.38 -32.03
CA PHE A 59 -29.89 7.67 -31.48
C PHE A 59 -31.21 8.02 -32.15
N ASP A 60 -31.42 7.40 -33.30
CA ASP A 60 -32.60 7.57 -34.14
C ASP A 60 -33.81 8.27 -33.51
N LYS A 61 -34.70 7.47 -32.92
CA LYS A 61 -35.94 7.95 -32.33
C LYS A 61 -35.83 8.57 -30.92
N LEU A 62 -34.61 8.75 -30.44
CA LEU A 62 -34.41 9.29 -29.09
C LEU A 62 -34.66 10.77 -28.86
N PRO A 63 -35.34 11.10 -27.76
CA PRO A 63 -35.62 12.50 -27.42
C PRO A 63 -34.31 13.29 -27.38
N GLY A 64 -34.28 14.42 -28.09
CA GLY A 64 -33.09 15.25 -28.11
C GLY A 64 -32.15 14.96 -29.26
N PHE A 65 -32.42 13.89 -30.00
CA PHE A 65 -31.60 13.50 -31.14
C PHE A 65 -32.38 13.69 -32.44
N GLY A 66 -31.68 13.95 -33.53
CA GLY A 66 -32.37 14.19 -34.78
C GLY A 66 -32.11 15.57 -35.36
N ASP A 67 -32.29 15.64 -36.68
CA ASP A 67 -32.12 16.82 -37.50
C ASP A 67 -32.26 18.21 -36.86
N ILE A 69 -33.56 19.53 -33.96
CA ILE A 69 -33.11 19.71 -32.58
C ILE A 69 -31.61 19.90 -32.40
N GLU A 70 -30.81 19.01 -32.97
CA GLU A 70 -29.36 19.11 -32.81
C GLU A 70 -28.76 20.38 -33.41
N ALA A 71 -29.35 20.85 -34.51
CA ALA A 71 -28.87 22.07 -35.16
C ALA A 71 -28.87 23.24 -34.18
N GLN A 72 -29.48 23.04 -33.01
CA GLN A 72 -29.54 24.07 -31.99
C GLN A 72 -28.52 23.90 -30.86
N CYS A 73 -27.47 23.13 -31.12
CA CYS A 73 -26.47 22.90 -30.09
C CYS A 73 -25.81 24.21 -29.65
N GLY A 74 -25.57 24.34 -28.35
CA GLY A 74 -24.98 25.55 -27.82
C GLY A 74 -26.03 26.26 -26.97
N THR A 75 -27.27 26.17 -27.43
CA THR A 75 -28.42 26.74 -26.73
C THR A 75 -29.40 25.58 -26.60
N SER A 76 -30.53 25.83 -25.96
CA SER A 76 -31.56 24.81 -25.80
C SER A 76 -31.09 23.62 -24.96
N VAL A 77 -31.66 23.52 -23.76
CA VAL A 77 -31.34 22.45 -22.82
C VAL A 77 -32.11 21.20 -23.22
N ASN A 78 -32.40 21.09 -24.52
CA ASN A 78 -33.15 19.94 -25.02
C ASN A 78 -32.30 19.00 -25.87
N VAL A 79 -31.18 19.50 -26.39
CA VAL A 79 -30.32 18.70 -27.25
C VAL A 79 -29.71 17.49 -26.53
N HIS A 80 -29.95 16.30 -27.08
CA HIS A 80 -29.48 15.02 -26.52
C HIS A 80 -30.00 14.81 -25.10
N SER A 81 -31.12 15.45 -24.80
CA SER A 81 -31.73 15.38 -23.47
C SER A 81 -31.91 13.98 -22.85
N SER A 82 -32.33 13.00 -23.64
CA SER A 82 -32.58 11.66 -23.09
C SER A 82 -31.34 11.03 -22.46
N LEU A 83 -30.18 11.41 -22.96
CA LEU A 83 -28.91 10.90 -22.48
C LEU A 83 -28.30 11.85 -21.43
N ARG A 84 -28.20 13.13 -21.80
CA ARG A 84 -27.65 14.14 -20.92
C ARG A 84 -28.40 14.26 -19.58
N ASP A 85 -29.72 14.08 -19.59
CA ASP A 85 -30.51 14.16 -18.36
C ASP A 85 -30.10 13.08 -17.34
N ILE A 86 -29.79 11.87 -17.80
CA ILE A 86 -29.35 10.79 -16.91
C ILE A 86 -27.92 11.06 -16.42
N LEU A 87 -27.03 11.43 -17.33
CA LEU A 87 -25.65 11.71 -16.94
C LEU A 87 -25.58 12.94 -16.03
N ASN A 88 -26.35 13.97 -16.36
CA ASN A 88 -26.38 15.19 -15.56
C ASN A 88 -26.83 14.85 -14.14
N GLN A 89 -27.83 13.99 -14.02
CA GLN A 89 -28.34 13.59 -12.72
C GLN A 89 -27.36 12.74 -11.90
N ILE A 90 -26.81 11.69 -12.52
CA ILE A 90 -25.92 10.80 -11.77
C ILE A 90 -24.51 11.29 -11.46
N THR A 91 -24.08 12.38 -12.11
CA THR A 91 -22.76 12.96 -11.84
C THR A 91 -22.84 14.03 -10.75
N LYS A 92 -24.05 14.38 -10.31
CA LYS A 92 -24.19 15.38 -9.27
C LYS A 92 -23.80 14.80 -7.91
N PRO A 93 -23.31 15.65 -7.01
CA PRO A 93 -22.94 15.10 -5.70
C PRO A 93 -24.18 14.66 -4.90
N ASN A 94 -24.06 13.58 -4.14
CA ASN A 94 -25.16 13.14 -3.29
C ASN A 94 -24.62 12.31 -2.16
N ASP A 95 -25.50 11.94 -1.23
CA ASP A 95 -25.08 11.20 -0.05
C ASP A 95 -25.16 9.67 -0.13
N VAL A 96 -25.51 9.12 -1.28
CA VAL A 96 -25.64 7.67 -1.38
C VAL A 96 -24.78 6.98 -2.43
N TYR A 97 -24.26 7.72 -3.41
CA TYR A 97 -23.39 7.11 -4.39
C TYR A 97 -22.45 8.16 -4.99
N SER A 98 -21.47 7.68 -5.73
CA SER A 98 -20.49 8.54 -6.37
C SER A 98 -20.28 7.96 -7.79
N PHE A 99 -20.40 8.79 -8.82
CA PHE A 99 -20.24 8.36 -10.21
C PHE A 99 -19.36 9.42 -10.89
N SER A 100 -18.09 9.11 -11.14
CA SER A 100 -17.14 10.05 -11.74
C SER A 100 -16.95 9.72 -13.20
N LEU A 101 -17.21 10.68 -14.08
CA LEU A 101 -17.05 10.44 -15.50
C LEU A 101 -15.98 11.38 -16.08
N ALA A 102 -15.00 10.80 -16.74
CA ALA A 102 -13.93 11.55 -17.37
C ALA A 102 -14.02 11.17 -18.87
N SER A 103 -14.73 11.98 -19.64
CA SER A 103 -14.91 11.69 -21.08
C SER A 103 -14.46 12.90 -21.91
N ARG A 104 -13.61 12.66 -22.90
CA ARG A 104 -13.07 13.78 -23.65
C ARG A 104 -12.43 13.42 -24.97
N LEU A 105 -12.50 14.37 -25.90
CA LEU A 105 -11.86 14.23 -27.22
C LEU A 105 -10.61 15.11 -27.23
N TYR A 106 -9.44 14.53 -27.44
CA TYR A 106 -8.21 15.31 -27.54
C TYR A 106 -7.93 15.40 -29.03
N ALA A 107 -7.82 16.62 -29.56
CA ALA A 107 -7.54 16.82 -30.98
C ALA A 107 -6.19 17.51 -31.20
N GLU A 108 -5.45 17.07 -32.20
CA GLU A 108 -4.14 17.68 -32.47
C GLU A 108 -4.37 19.19 -32.58
N GLU A 109 -3.51 19.98 -31.95
CA GLU A 109 -3.66 21.44 -31.93
C GLU A 109 -3.63 22.07 -33.33
N ARG A 110 -2.79 21.51 -34.20
CA ARG A 110 -2.68 22.02 -35.56
C ARG A 110 -4.00 21.96 -36.32
N TYR A 111 -5.00 21.26 -35.77
CA TYR A 111 -6.31 21.19 -36.43
C TYR A 111 -7.18 22.32 -35.92
N PRO A 112 -7.45 23.32 -36.77
CA PRO A 112 -8.29 24.43 -36.33
C PRO A 112 -9.68 23.88 -36.02
N ILE A 113 -10.16 24.10 -34.79
CA ILE A 113 -11.48 23.60 -34.40
C ILE A 113 -12.56 24.58 -34.85
N LEU A 114 -13.62 24.05 -35.44
CA LEU A 114 -14.72 24.88 -35.90
C LEU A 114 -15.40 25.52 -34.68
N PRO A 115 -15.38 26.86 -34.60
CA PRO A 115 -15.99 27.61 -33.49
C PRO A 115 -17.44 27.29 -33.10
N GLU A 116 -18.27 26.89 -34.05
CA GLU A 116 -19.65 26.55 -33.68
C GLU A 116 -19.67 25.27 -32.83
N TYR A 117 -18.71 24.39 -33.09
CA TYR A 117 -18.62 23.13 -32.36
C TYR A 117 -18.22 23.39 -30.92
N LEU A 118 -17.11 24.12 -30.73
CA LEU A 118 -16.63 24.41 -29.38
C LEU A 118 -17.77 24.86 -28.48
N GLN A 119 -18.58 25.78 -28.98
CA GLN A 119 -19.71 26.30 -28.22
C GLN A 119 -20.63 25.15 -27.92
N CYS A 120 -20.83 24.32 -28.93
CA CYS A 120 -21.70 23.17 -28.84
C CYS A 120 -21.31 22.27 -27.66
N VAL A 121 -20.09 21.76 -27.68
CA VAL A 121 -19.61 20.87 -26.62
C VAL A 121 -19.60 21.61 -25.28
N LYS A 122 -19.20 22.89 -25.31
CA LYS A 122 -19.14 23.70 -24.09
C LYS A 122 -20.46 23.75 -23.34
N GLU A 123 -21.57 23.72 -24.06
CA GLU A 123 -22.89 23.80 -23.44
C GLU A 123 -23.53 22.46 -23.08
N LEU A 124 -23.16 21.40 -23.79
CA LEU A 124 -23.76 20.09 -23.52
C LEU A 124 -22.87 19.10 -22.79
N TYR A 125 -21.56 19.25 -22.92
CA TYR A 125 -20.62 18.32 -22.30
C TYR A 125 -19.59 19.03 -21.40
N ARG A 126 -19.12 18.34 -20.37
CA ARG A 126 -18.13 18.92 -19.45
C ARG A 126 -16.73 18.74 -19.97
N GLY A 127 -16.27 17.49 -19.99
CA GLY A 127 -14.92 17.20 -20.46
C GLY A 127 -14.73 17.86 -21.82
N GLY A 128 -15.62 17.53 -22.75
CA GLY A 128 -15.58 18.10 -24.08
C GLY A 128 -14.40 17.82 -24.99
N LEU A 129 -13.92 18.89 -25.60
CA LEU A 129 -12.81 18.82 -26.54
C LEU A 129 -11.65 19.62 -26.02
N GLU A 130 -10.46 19.07 -26.16
CA GLU A 130 -9.26 19.71 -25.68
C GLU A 130 -8.15 19.59 -26.70
N PRO A 131 -7.52 20.73 -27.09
CA PRO A 131 -6.43 20.73 -28.06
C PRO A 131 -5.15 20.23 -27.43
N ILE A 132 -4.29 19.62 -28.23
CA ILE A 132 -3.04 19.10 -27.70
C ILE A 132 -2.01 18.87 -28.81
N ASN A 133 -0.73 18.77 -28.42
CA ASN A 133 0.34 18.56 -29.40
C ASN A 133 0.86 17.14 -29.49
N PHE A 134 0.37 16.39 -30.47
CA PHE A 134 0.82 15.00 -30.70
C PHE A 134 2.02 15.05 -31.68
N GLN A 135 1.99 16.01 -32.60
CA GLN A 135 3.04 16.15 -33.61
C GLN A 135 4.49 16.03 -33.15
N THR A 136 4.91 16.87 -32.20
CA THR A 136 6.29 16.81 -31.72
C THR A 136 6.52 16.43 -30.26
N ALA A 137 5.45 16.15 -29.52
CA ALA A 137 5.62 15.79 -28.12
C ALA A 137 4.58 14.74 -27.72
N ALA A 138 4.51 13.66 -28.52
CA ALA A 138 3.55 12.59 -28.30
C ALA A 138 3.65 11.96 -26.93
N ASP A 139 4.86 11.59 -26.50
CA ASP A 139 5.00 10.99 -25.19
C ASP A 139 4.53 12.00 -24.14
N GLN A 140 4.80 13.29 -24.40
CA GLN A 140 4.36 14.37 -23.51
C GLN A 140 2.81 14.43 -23.52
N ALA A 141 2.22 14.35 -24.71
CA ALA A 141 0.75 14.38 -24.83
C ALA A 141 0.09 13.20 -24.09
N ARG A 142 0.68 12.02 -24.23
CA ARG A 142 0.15 10.83 -23.59
C ARG A 142 0.16 11.01 -22.07
N GLU A 143 1.23 11.62 -21.56
CA GLU A 143 1.33 11.88 -20.12
C GLU A 143 0.23 12.84 -19.70
N LEU A 144 0.00 13.89 -20.48
CA LEU A 144 -1.02 14.87 -20.17
C LEU A 144 -2.39 14.21 -20.09
N ILE A 145 -2.69 13.40 -21.10
CA ILE A 145 -3.99 12.73 -21.15
C ILE A 145 -4.21 11.74 -20.01
N ASN A 146 -3.25 10.85 -19.78
CA ASN A 146 -3.36 9.88 -18.71
C ASN A 146 -3.44 10.54 -17.35
N SER A 147 -2.72 11.66 -17.16
CA SER A 147 -2.74 12.36 -15.87
C SER A 147 -4.09 13.05 -15.64
N TRP A 148 -4.79 13.45 -16.70
CA TRP A 148 -6.10 14.09 -16.55
C TRP A 148 -7.13 13.05 -16.08
N VAL A 149 -7.11 11.90 -16.76
CA VAL A 149 -8.02 10.81 -16.44
C VAL A 149 -7.76 10.35 -15.00
N GLU A 150 -6.50 10.17 -14.64
CA GLU A 150 -6.16 9.74 -13.29
C GLU A 150 -6.64 10.73 -12.20
N SER A 151 -6.36 12.01 -12.43
CA SER A 151 -6.72 13.10 -11.53
C SER A 151 -8.24 13.17 -11.38
N GLN A 152 -8.97 12.96 -12.47
CA GLN A 152 -10.42 13.01 -12.45
C GLN A 152 -11.14 11.76 -11.92
N THR A 153 -10.42 10.65 -11.75
CA THR A 153 -11.06 9.44 -11.24
C THR A 153 -10.53 9.04 -9.86
N ASN A 154 -10.11 10.04 -9.08
CA ASN A 154 -9.57 9.83 -7.74
C ASN A 154 -8.31 8.99 -7.72
N GLY A 155 -7.52 9.10 -8.78
CA GLY A 155 -6.30 8.32 -8.87
C GLY A 155 -6.57 6.86 -9.16
N ILE A 156 -7.82 6.52 -9.49
CA ILE A 156 -8.18 5.12 -9.74
C ILE A 156 -7.86 4.58 -11.14
N ILE A 157 -8.21 5.32 -12.18
CA ILE A 157 -7.95 4.87 -13.55
C ILE A 157 -6.62 5.47 -14.02
N ARG A 158 -5.61 4.61 -14.01
CA ARG A 158 -4.24 4.94 -14.35
C ARG A 158 -3.77 4.43 -15.70
N ASN A 159 -2.88 5.20 -16.33
CA ASN A 159 -2.28 4.87 -17.61
C ASN A 159 -3.32 4.34 -18.58
N VAL A 160 -4.40 5.09 -18.75
CA VAL A 160 -5.44 4.65 -19.67
C VAL A 160 -4.92 4.46 -21.12
N LEU A 161 -4.05 5.34 -21.58
CA LEU A 161 -3.46 5.19 -22.91
C LEU A 161 -2.09 4.52 -22.80
N GLN A 162 -1.93 3.36 -23.44
CA GLN A 162 -0.68 2.60 -23.40
C GLN A 162 0.44 3.25 -24.19
N PRO A 163 1.71 3.03 -23.80
CA PRO A 163 2.77 3.66 -24.58
C PRO A 163 2.78 3.18 -26.03
N SER A 165 0.73 4.15 -28.15
CA SER A 165 -0.64 4.31 -28.63
C SER A 165 -0.80 5.72 -29.23
N VAL A 166 0.16 6.59 -28.95
CA VAL A 166 0.10 7.95 -29.46
C VAL A 166 1.43 8.33 -30.13
N ASP A 167 1.34 8.91 -31.30
CA ASP A 167 2.56 9.29 -32.01
C ASP A 167 2.38 10.55 -32.83
N SER A 168 3.44 10.92 -33.54
CA SER A 168 3.43 12.12 -34.34
C SER A 168 2.30 12.19 -35.36
N GLN A 169 1.68 11.05 -35.66
CA GLN A 169 0.61 11.00 -36.65
C GLN A 169 -0.79 10.99 -36.07
N THR A 170 -0.88 10.93 -34.75
CA THR A 170 -2.17 10.91 -34.07
C THR A 170 -2.99 12.17 -34.36
N ALA A 171 -4.25 11.98 -34.77
CA ALA A 171 -5.12 13.10 -35.07
C ALA A 171 -6.01 13.50 -33.89
N MET A 172 -6.79 12.54 -33.39
CA MET A 172 -7.69 12.83 -32.27
C MET A 172 -7.89 11.57 -31.44
N VAL A 173 -7.92 11.73 -30.11
CA VAL A 173 -8.09 10.61 -29.21
C VAL A 173 -9.34 10.78 -28.33
N LEU A 174 -10.10 9.69 -28.19
CA LEU A 174 -11.29 9.72 -27.34
C LEU A 174 -11.01 8.86 -26.08
N VAL A 175 -11.11 9.48 -24.90
CA VAL A 175 -10.91 8.77 -23.63
C VAL A 175 -12.26 8.83 -22.90
N ASN A 176 -12.69 7.73 -22.31
CA ASN A 176 -14.01 7.65 -21.67
C ASN A 176 -13.82 6.70 -20.49
N ALA A 177 -13.64 7.26 -19.30
CA ALA A 177 -13.39 6.50 -18.07
C ALA A 177 -14.43 6.81 -17.02
N ILE A 178 -14.84 5.78 -16.27
CA ILE A 178 -15.88 5.96 -15.25
C ILE A 178 -15.59 5.16 -13.99
N VAL A 179 -15.88 5.77 -12.83
CA VAL A 179 -15.72 5.09 -11.53
C VAL A 179 -17.07 5.21 -10.79
N PHE A 180 -17.58 4.12 -10.23
CA PHE A 180 -18.84 4.13 -9.49
C PHE A 180 -18.69 3.42 -8.15
N LYS A 181 -19.31 3.97 -7.12
CA LYS A 181 -19.35 3.32 -5.80
C LYS A 181 -20.70 3.72 -5.24
N GLY A 182 -21.48 2.77 -4.77
CA GLY A 182 -22.78 3.11 -4.24
C GLY A 182 -23.07 2.36 -2.95
N LEU A 183 -23.89 2.97 -2.11
CA LEU A 183 -24.28 2.39 -0.84
C LEU A 183 -25.55 1.53 -1.04
N TRP A 184 -25.59 0.33 -0.45
CA TRP A 184 -26.79 -0.50 -0.51
C TRP A 184 -27.86 0.11 0.40
N GLU A 185 -29.12 -0.16 0.10
CA GLU A 185 -30.20 0.27 0.96
C GLU A 185 -30.04 -0.59 2.24
N LYS A 186 -29.81 -1.89 2.03
CA LYS A 186 -29.65 -2.88 3.10
C LYS A 186 -28.18 -3.35 3.15
N ALA A 187 -27.47 -2.90 4.18
CA ALA A 187 -26.06 -3.26 4.32
C ALA A 187 -25.80 -4.71 4.66
N PHE A 188 -24.63 -5.20 4.28
CA PHE A 188 -24.18 -6.55 4.66
C PHE A 188 -23.31 -6.22 5.90
N LYS A 189 -23.33 -7.05 6.93
CA LYS A 189 -22.49 -6.77 8.11
C LYS A 189 -21.08 -7.31 7.88
N ASP A 190 -20.06 -6.53 8.20
CA ASP A 190 -18.66 -6.95 8.01
C ASP A 190 -18.43 -8.29 8.71
N GLU A 191 -19.01 -8.46 9.89
CA GLU A 191 -18.82 -9.68 10.67
C GLU A 191 -19.39 -10.93 10.00
N ASP A 192 -20.30 -10.74 9.04
CA ASP A 192 -20.90 -11.89 8.35
C ASP A 192 -20.18 -12.33 7.08
N THR A 193 -19.20 -11.53 6.64
CA THR A 193 -18.43 -11.83 5.45
C THR A 193 -17.40 -12.92 5.78
N GLN A 194 -17.33 -13.96 4.96
CA GLN A 194 -16.38 -15.06 5.21
C GLN A 194 -15.74 -15.50 3.91
N ALA A 195 -14.61 -16.19 4.04
CA ALA A 195 -13.92 -16.75 2.91
C ALA A 195 -14.76 -17.95 2.45
N MET A 196 -15.09 -18.02 1.17
CA MET A 196 -15.88 -19.12 0.64
C MET A 196 -15.36 -19.44 -0.75
N PRO A 197 -15.48 -20.71 -1.19
CA PRO A 197 -14.96 -20.95 -2.53
C PRO A 197 -15.88 -20.46 -3.63
N PHE A 198 -15.28 -20.00 -4.72
CA PHE A 198 -16.05 -19.54 -5.88
C PHE A 198 -15.63 -20.50 -6.98
N ARG A 199 -16.60 -21.26 -7.50
CA ARG A 199 -16.34 -22.24 -8.54
C ARG A 199 -16.27 -21.59 -9.89
N VAL A 200 -15.04 -21.23 -10.29
CA VAL A 200 -14.75 -20.56 -11.56
C VAL A 200 -15.12 -21.39 -12.79
N THR A 201 -15.15 -22.71 -12.62
CA THR A 201 -15.53 -23.65 -13.68
C THR A 201 -15.81 -24.94 -12.95
N GLU A 204 -13.03 -27.32 -9.44
CA GLU A 204 -12.14 -26.17 -9.49
C GLU A 204 -12.76 -24.90 -8.89
N SER A 205 -11.94 -24.14 -8.16
CA SER A 205 -12.39 -22.90 -7.52
C SER A 205 -11.29 -22.20 -6.73
N LYS A 206 -11.61 -21.04 -6.20
CA LYS A 206 -10.65 -20.27 -5.41
C LYS A 206 -11.41 -19.54 -4.31
N PRO A 207 -10.79 -19.33 -3.14
CA PRO A 207 -11.54 -18.65 -2.08
C PRO A 207 -11.75 -17.16 -2.36
N VAL A 208 -12.93 -16.65 -2.01
CA VAL A 208 -13.22 -15.24 -2.19
C VAL A 208 -13.94 -14.72 -0.97
N GLN A 209 -13.91 -13.42 -0.75
CA GLN A 209 -14.61 -12.86 0.40
C GLN A 209 -16.10 -12.79 0.05
N MET A 210 -16.89 -13.61 0.71
CA MET A 210 -18.32 -13.67 0.43
C MET A 210 -19.17 -12.98 1.47
N MET A 211 -19.92 -11.97 1.04
CA MET A 211 -20.80 -11.23 1.92
C MET A 211 -22.08 -12.05 2.11
N TYR A 212 -22.73 -11.82 3.23
CA TYR A 212 -23.95 -12.54 3.55
C TYR A 212 -24.93 -11.72 4.35
N GLN A 213 -26.21 -11.81 4.00
CA GLN A 213 -27.26 -11.20 4.77
C GLN A 213 -28.59 -11.89 4.47
N ILE A 214 -29.53 -11.73 5.41
CA ILE A 214 -30.86 -12.29 5.29
C ILE A 214 -31.79 -11.08 5.26
N GLY A 215 -32.66 -11.03 4.25
CA GLY A 215 -33.56 -9.90 4.16
C GLY A 215 -34.61 -10.07 3.07
N LEU A 216 -35.49 -9.09 2.99
CA LEU A 216 -36.59 -9.08 2.03
C LEU A 216 -36.07 -8.49 0.71
N PHE A 217 -36.06 -9.30 -0.35
CA PHE A 217 -35.56 -8.84 -1.66
C PHE A 217 -36.41 -9.37 -2.79
N ARG A 218 -36.47 -8.63 -3.91
CA ARG A 218 -37.22 -9.06 -5.09
C ARG A 218 -36.38 -10.11 -5.80
N VAL A 219 -36.98 -11.28 -6.02
CA VAL A 219 -36.30 -12.38 -6.67
C VAL A 219 -37.20 -12.94 -7.74
N ALA A 220 -36.60 -13.36 -8.84
CA ALA A 220 -37.36 -13.95 -9.92
C ALA A 220 -36.75 -15.32 -10.12
N SER A 221 -37.60 -16.34 -10.08
CA SER A 221 -37.11 -17.68 -10.29
C SER A 221 -37.67 -18.17 -11.63
N MET A 222 -36.79 -18.48 -12.57
CA MET A 222 -37.19 -18.96 -13.89
C MET A 222 -36.75 -20.40 -14.12
N ALA A 223 -37.53 -21.34 -13.62
CA ALA A 223 -37.25 -22.77 -13.74
C ALA A 223 -36.99 -23.12 -15.19
N SER A 224 -37.78 -22.53 -16.08
CA SER A 224 -37.67 -22.78 -17.51
C SER A 224 -36.29 -22.48 -18.08
N GLU A 225 -35.58 -21.55 -17.46
CA GLU A 225 -34.26 -21.18 -17.92
C GLU A 225 -33.19 -21.63 -16.95
N LYS A 226 -33.58 -22.34 -15.90
CA LYS A 226 -32.64 -22.80 -14.91
C LYS A 226 -31.77 -21.64 -14.42
N MET A 227 -32.44 -20.62 -13.90
CA MET A 227 -31.72 -19.46 -13.39
C MET A 227 -32.60 -18.65 -12.46
N LYS A 228 -31.95 -17.79 -11.67
CA LYS A 228 -32.64 -16.91 -10.75
C LYS A 228 -32.08 -15.51 -10.92
N ILE A 229 -32.90 -14.48 -10.69
CA ILE A 229 -32.45 -13.10 -10.76
C ILE A 229 -32.77 -12.42 -9.42
N LEU A 230 -31.77 -11.78 -8.86
CA LEU A 230 -31.92 -11.07 -7.60
C LEU A 230 -31.75 -9.57 -7.85
N GLU A 231 -32.60 -8.75 -7.22
CA GLU A 231 -32.48 -7.29 -7.34
C GLU A 231 -32.06 -6.75 -5.96
N LEU A 232 -30.94 -6.02 -5.93
CA LEU A 232 -30.46 -5.41 -4.70
C LEU A 232 -30.52 -3.91 -4.93
N PRO A 233 -31.40 -3.23 -4.20
CA PRO A 233 -31.57 -1.77 -4.33
C PRO A 233 -30.44 -0.98 -3.73
N PHE A 234 -30.04 0.10 -4.39
CA PHE A 234 -29.02 0.95 -3.82
C PHE A 234 -29.82 1.97 -2.99
N ALA A 235 -29.15 2.59 -2.04
CA ALA A 235 -29.81 3.58 -1.18
C ALA A 235 -30.27 4.77 -2.03
N GLY A 237 -33.12 4.88 -3.76
CA GLY A 237 -34.17 4.46 -4.66
C GLY A 237 -34.05 4.86 -6.12
N THR A 238 -32.87 5.23 -6.58
CA THR A 238 -32.74 5.61 -7.99
C THR A 238 -32.04 4.58 -8.87
N MET A 239 -31.28 3.68 -8.25
CA MET A 239 -30.55 2.63 -8.98
C MET A 239 -30.66 1.29 -8.28
N SER A 240 -30.47 0.21 -9.03
CA SER A 240 -30.51 -1.12 -8.41
C SER A 240 -29.52 -2.00 -9.16
N MET A 241 -29.14 -3.11 -8.54
CA MET A 241 -28.25 -4.06 -9.17
C MET A 241 -28.98 -5.37 -9.38
N LEU A 242 -28.93 -5.89 -10.60
CA LEU A 242 -29.56 -7.17 -10.95
C LEU A 242 -28.44 -8.20 -11.05
N VAL A 243 -28.63 -9.35 -10.43
CA VAL A 243 -27.63 -10.41 -10.48
C VAL A 243 -28.35 -11.61 -11.13
N LEU A 244 -27.84 -12.05 -12.28
CA LEU A 244 -28.45 -13.16 -13.03
C LEU A 244 -27.58 -14.34 -12.79
N LEU A 245 -28.10 -15.30 -12.02
CA LEU A 245 -27.34 -16.45 -11.62
C LEU A 245 -27.86 -17.77 -12.18
N PRO A 246 -27.09 -18.43 -13.07
CA PRO A 246 -27.52 -19.71 -13.63
C PRO A 246 -27.53 -20.74 -12.50
N ASP A 247 -28.38 -21.76 -12.62
CA ASP A 247 -28.46 -22.79 -11.59
C ASP A 247 -27.18 -23.64 -11.55
N GLU A 248 -26.57 -23.89 -12.69
CA GLU A 248 -25.36 -24.71 -12.68
C GLU A 248 -24.08 -23.93 -12.89
N VAL A 249 -23.03 -24.37 -12.22
CA VAL A 249 -21.71 -23.75 -12.29
C VAL A 249 -21.28 -23.43 -13.71
N SER A 250 -21.67 -24.27 -14.66
CA SER A 250 -21.28 -24.06 -16.04
C SER A 250 -22.46 -23.72 -16.93
N GLY A 251 -23.43 -22.96 -16.41
CA GLY A 251 -24.59 -22.62 -17.21
C GLY A 251 -24.60 -21.21 -17.77
N LEU A 252 -23.54 -20.47 -17.54
CA LEU A 252 -23.45 -19.11 -18.01
C LEU A 252 -23.55 -19.00 -19.55
N GLU A 253 -22.80 -19.83 -20.25
CA GLU A 253 -22.79 -19.78 -21.71
C GLU A 253 -24.20 -19.77 -22.31
N GLN A 254 -25.07 -20.63 -21.80
CA GLN A 254 -26.45 -20.69 -22.28
C GLN A 254 -27.17 -19.35 -22.07
N LEU A 255 -27.07 -18.82 -20.85
CA LEU A 255 -27.71 -17.56 -20.49
C LEU A 255 -27.26 -16.43 -21.40
N GLU A 256 -25.94 -16.34 -21.62
CA GLU A 256 -25.35 -15.32 -22.47
C GLU A 256 -25.83 -15.44 -23.91
N SER A 257 -26.21 -16.64 -24.33
CA SER A 257 -26.72 -16.77 -25.69
C SER A 257 -28.17 -16.28 -25.78
N ILE A 258 -28.97 -16.53 -24.74
CA ILE A 258 -30.39 -16.11 -24.78
C ILE A 258 -30.77 -14.69 -24.36
N ILE A 259 -29.94 -14.02 -23.56
CA ILE A 259 -30.30 -12.68 -23.08
C ILE A 259 -30.32 -11.54 -24.11
N ASN A 260 -31.29 -10.64 -23.95
CA ASN A 260 -31.45 -9.46 -24.80
C ASN A 260 -32.39 -8.52 -24.06
N PHE A 261 -32.67 -7.35 -24.63
CA PHE A 261 -33.56 -6.38 -24.01
C PHE A 261 -34.97 -6.92 -23.73
N GLU A 262 -35.52 -7.70 -24.66
CA GLU A 262 -36.85 -8.26 -24.47
C GLU A 262 -36.89 -9.24 -23.32
N LYS A 263 -35.94 -10.17 -23.30
CA LYS A 263 -35.85 -11.17 -22.24
C LYS A 263 -35.62 -10.54 -20.87
N LEU A 264 -34.68 -9.60 -20.79
CA LEU A 264 -34.40 -8.98 -19.50
C LEU A 264 -35.66 -8.31 -18.97
N THR A 265 -36.41 -7.67 -19.86
CA THR A 265 -37.62 -6.97 -19.48
C THR A 265 -38.67 -7.95 -18.97
N GLU A 266 -38.82 -9.08 -19.63
CA GLU A 266 -39.80 -10.06 -19.20
C GLU A 266 -39.43 -10.66 -17.85
N TRP A 267 -38.15 -11.02 -17.70
CA TRP A 267 -37.66 -11.64 -16.47
C TRP A 267 -37.74 -10.77 -15.22
N THR A 268 -37.79 -9.46 -15.41
CA THR A 268 -37.82 -8.56 -14.28
C THR A 268 -39.14 -7.81 -14.10
N SER A 269 -40.17 -8.21 -14.84
CA SER A 269 -41.46 -7.55 -14.74
C SER A 269 -41.96 -7.69 -13.30
N SER A 270 -42.84 -6.79 -12.89
CA SER A 270 -43.36 -6.82 -11.54
C SER A 270 -44.07 -8.13 -11.16
N ASN A 271 -44.67 -8.83 -12.12
CA ASN A 271 -45.34 -10.08 -11.76
C ASN A 271 -44.40 -11.25 -11.62
N VAL A 272 -43.27 -11.19 -12.30
CA VAL A 272 -42.30 -12.25 -12.24
C VAL A 272 -41.43 -12.06 -11.00
N MET A 273 -41.13 -10.80 -10.68
CA MET A 273 -40.33 -10.49 -9.51
C MET A 273 -41.27 -10.53 -8.30
N GLU A 274 -40.78 -11.07 -7.18
CA GLU A 274 -41.58 -11.16 -5.98
C GLU A 274 -40.68 -10.98 -4.77
N GLU A 275 -41.13 -10.17 -3.82
CA GLU A 275 -40.41 -9.91 -2.57
C GLU A 275 -40.41 -11.20 -1.73
N ARG A 276 -39.24 -11.70 -1.33
CA ARG A 276 -39.18 -12.90 -0.50
C ARG A 276 -38.06 -12.79 0.51
N LYS A 277 -38.25 -13.38 1.69
CA LYS A 277 -37.23 -13.37 2.74
C LYS A 277 -36.18 -14.36 2.23
N ILE A 278 -34.96 -13.89 1.97
CA ILE A 278 -33.96 -14.81 1.42
C ILE A 278 -32.55 -14.64 1.98
N LYS A 279 -31.78 -15.73 1.94
CA LYS A 279 -30.38 -15.65 2.37
C LYS A 279 -29.61 -15.25 1.12
N VAL A 280 -28.90 -14.12 1.18
CA VAL A 280 -28.11 -13.65 0.03
C VAL A 280 -26.62 -13.76 0.27
N TYR A 281 -25.93 -14.46 -0.65
CA TYR A 281 -24.47 -14.60 -0.62
C TYR A 281 -23.96 -13.89 -1.90
N LEU A 282 -23.17 -12.84 -1.72
CA LEU A 282 -22.65 -12.09 -2.86
C LEU A 282 -21.17 -11.79 -2.62
N PRO A 283 -20.30 -12.06 -3.60
CA PRO A 283 -18.89 -11.74 -3.30
C PRO A 283 -18.55 -10.26 -3.34
N ARG A 284 -17.54 -9.85 -2.57
CA ARG A 284 -17.03 -8.48 -2.61
C ARG A 284 -16.40 -8.51 -4.00
N MET A 285 -16.54 -7.44 -4.75
CA MET A 285 -16.00 -7.42 -6.11
C MET A 285 -15.28 -6.10 -6.36
N LYS A 286 -14.17 -6.17 -7.06
CA LYS A 286 -13.43 -4.96 -7.44
C LYS A 286 -13.40 -5.12 -8.96
N MET A 287 -14.35 -4.52 -9.66
CA MET A 287 -14.40 -4.66 -11.10
C MET A 287 -13.67 -3.52 -11.82
N GLU A 288 -12.84 -3.87 -12.81
CA GLU A 288 -12.13 -2.89 -13.62
C GLU A 288 -11.66 -3.53 -14.91
N GLU A 289 -12.07 -2.95 -16.03
CA GLU A 289 -11.70 -3.45 -17.32
C GLU A 289 -11.55 -2.25 -18.23
N LYS A 290 -10.72 -2.41 -19.24
CA LYS A 290 -10.47 -1.36 -20.20
C LYS A 290 -10.54 -1.98 -21.59
N TYR A 291 -11.20 -1.31 -22.50
CA TYR A 291 -11.35 -1.82 -23.86
C TYR A 291 -10.95 -0.83 -24.95
N ASN A 292 -10.41 -1.38 -26.03
CA ASN A 292 -10.05 -0.60 -27.20
C ASN A 292 -11.38 -0.42 -27.97
N LEU A 293 -12.00 0.74 -27.82
CA LEU A 293 -13.28 0.99 -28.50
C LEU A 293 -13.22 0.98 -30.01
N THR A 294 -12.04 1.22 -30.57
CA THR A 294 -11.93 1.20 -32.02
C THR A 294 -12.27 -0.20 -32.55
N SER A 295 -11.65 -1.22 -31.96
CA SER A 295 -11.88 -2.60 -32.35
C SER A 295 -13.34 -2.99 -32.15
N VAL A 296 -13.89 -2.62 -31.00
CA VAL A 296 -15.28 -2.98 -30.68
C VAL A 296 -16.33 -2.35 -31.61
N LEU A 297 -16.29 -1.04 -31.72
CA LEU A 297 -17.22 -0.29 -32.54
C LEU A 297 -17.09 -0.61 -34.03
N MET A 298 -15.87 -0.83 -34.52
CA MET A 298 -15.67 -1.18 -35.93
C MET A 298 -16.39 -2.51 -36.24
N ALA A 299 -16.20 -3.50 -35.38
CA ALA A 299 -16.85 -4.80 -35.55
C ALA A 299 -18.37 -4.67 -35.39
N MET A 300 -18.82 -3.57 -34.80
CA MET A 300 -20.23 -3.34 -34.61
C MET A 300 -20.83 -2.54 -35.76
N GLY A 301 -19.98 -1.95 -36.59
CA GLY A 301 -20.48 -1.19 -37.73
C GLY A 301 -20.10 0.28 -37.83
N ILE A 302 -19.27 0.77 -36.90
CA ILE A 302 -18.82 2.16 -36.98
C ILE A 302 -17.40 2.09 -37.49
N THR A 303 -17.18 2.44 -38.76
CA THR A 303 -15.84 2.35 -39.35
C THR A 303 -15.24 3.61 -39.94
N ASP A 304 -16.05 4.42 -40.59
CA ASP A 304 -15.55 5.61 -41.23
C ASP A 304 -14.85 6.61 -40.31
N VAL A 305 -15.47 6.89 -39.15
CA VAL A 305 -14.91 7.83 -38.19
C VAL A 305 -13.47 7.52 -37.78
N PHE A 306 -13.04 6.26 -37.93
CA PHE A 306 -11.68 5.87 -37.58
C PHE A 306 -10.73 5.82 -38.78
N SER A 307 -11.19 6.25 -39.95
CA SER A 307 -10.33 6.20 -41.13
C SER A 307 -10.19 7.55 -41.83
N SER A 308 -9.23 7.65 -42.75
CA SER A 308 -9.01 8.88 -43.49
C SER A 308 -10.27 9.30 -44.24
N SER A 309 -11.19 8.36 -44.44
CA SER A 309 -12.43 8.67 -45.13
C SER A 309 -13.46 9.24 -44.14
N ALA A 310 -13.06 9.32 -42.87
CA ALA A 310 -13.91 9.87 -41.83
C ALA A 310 -14.40 11.23 -42.26
N ASN A 311 -15.63 11.59 -41.91
CA ASN A 311 -16.13 12.92 -42.22
C ASN A 311 -16.57 13.64 -40.96
N LEU A 312 -15.65 14.34 -40.32
CA LEU A 312 -15.94 15.10 -39.11
C LEU A 312 -15.82 16.57 -39.47
N SER A 313 -16.38 16.93 -40.63
CA SER A 313 -16.33 18.31 -41.11
C SER A 313 -17.20 19.20 -40.25
N GLY A 314 -17.77 18.63 -39.19
CA GLY A 314 -18.61 19.39 -38.29
C GLY A 314 -17.80 19.85 -37.09
N ILE A 315 -16.59 19.32 -36.97
CA ILE A 315 -15.70 19.65 -35.86
C ILE A 315 -14.61 20.59 -36.36
N SER A 316 -14.06 20.29 -37.53
CA SER A 316 -13.04 21.12 -38.15
C SER A 316 -13.27 21.15 -39.65
N SER A 317 -12.30 21.70 -40.39
CA SER A 317 -12.37 21.79 -41.84
C SER A 317 -11.13 21.15 -42.43
N ALA A 318 -10.15 20.90 -41.56
CA ALA A 318 -8.88 20.29 -41.96
C ALA A 318 -9.04 18.85 -42.44
N GLU A 319 -8.36 18.53 -43.52
CA GLU A 319 -8.42 17.19 -44.10
C GLU A 319 -7.63 16.16 -43.29
N LEU A 321 -8.92 14.70 -40.20
CA LEU A 321 -9.32 14.61 -38.80
C LEU A 321 -10.12 13.33 -38.65
N LYS A 322 -9.61 12.44 -37.81
CA LYS A 322 -10.27 11.17 -37.58
C LYS A 322 -9.90 10.74 -36.17
N ILE A 323 -10.63 9.77 -35.64
CA ILE A 323 -10.36 9.28 -34.32
C ILE A 323 -9.28 8.22 -34.45
N SER A 324 -8.09 8.52 -33.93
CA SER A 324 -6.94 7.62 -34.02
C SER A 324 -6.89 6.56 -32.93
N GLN A 325 -7.54 6.81 -31.80
CA GLN A 325 -7.60 5.83 -30.71
C GLN A 325 -8.87 6.20 -29.93
N ALA A 326 -9.51 5.20 -29.34
CA ALA A 326 -10.71 5.42 -28.54
C ALA A 326 -10.64 4.32 -27.47
N VAL A 327 -10.72 4.72 -26.20
CA VAL A 327 -10.58 3.78 -25.11
C VAL A 327 -11.64 3.98 -24.03
N HIS A 328 -12.12 2.85 -23.52
CA HIS A 328 -13.13 2.84 -22.47
C HIS A 328 -12.58 2.09 -21.25
N ALA A 329 -12.77 2.66 -20.08
CA ALA A 329 -12.32 2.01 -18.86
C ALA A 329 -13.41 2.27 -17.80
N ALA A 330 -13.77 1.23 -17.06
CA ALA A 330 -14.82 1.33 -16.06
C ALA A 330 -14.35 0.58 -14.82
N HIS A 331 -14.58 1.19 -13.66
CA HIS A 331 -14.19 0.64 -12.38
C HIS A 331 -15.35 0.75 -11.39
N ALA A 332 -15.60 -0.33 -10.65
CA ALA A 332 -16.61 -0.24 -9.63
C ALA A 332 -16.35 -1.28 -8.58
N GLU A 333 -16.53 -0.87 -7.33
CA GLU A 333 -16.33 -1.77 -6.21
C GLU A 333 -17.65 -2.10 -5.59
N ILE A 334 -17.89 -3.38 -5.39
CA ILE A 334 -19.09 -3.84 -4.77
C ILE A 334 -18.65 -4.37 -3.40
N ASN A 335 -19.22 -3.81 -2.34
CA ASN A 335 -18.89 -4.30 -1.01
C ASN A 335 -20.03 -4.20 -0.02
N GLU A 336 -19.72 -4.31 1.26
CA GLU A 336 -20.74 -4.34 2.29
C GLU A 336 -21.54 -3.08 2.60
N ALA A 337 -20.93 -1.92 2.40
CA ALA A 337 -21.54 -0.65 2.78
C ALA A 337 -23.01 -0.45 2.43
N GLY A 338 -23.79 -0.11 3.44
CA GLY A 338 -25.21 0.11 3.24
C GLY A 338 -25.80 1.07 4.27
N ARG A 339 -27.05 1.47 4.06
CA ARG A 339 -27.67 2.42 4.98
C ARG A 339 -28.24 1.78 6.26
N GLU A 340 -28.93 0.67 6.11
CA GLU A 340 -29.54 0.02 7.28
C GLU A 340 -29.19 -1.45 7.37
N VAL A 341 -29.40 -2.01 8.56
CA VAL A 341 -29.14 -3.42 8.78
C VAL A 341 -30.17 -4.01 9.74
N VAL A 342 -30.37 -5.31 9.65
CA VAL A 342 -31.29 -6.02 10.54
C VAL A 342 -30.53 -6.20 11.85
N GLY A 343 -31.23 -6.22 12.97
CA GLY A 343 -30.56 -6.41 14.24
C GLY A 343 -30.12 -7.85 14.44
N ALA A 345 -30.78 -9.80 16.74
CA ALA A 345 -31.91 -10.59 17.24
C ALA A 345 -32.84 -11.16 16.15
N GLU A 346 -33.24 -10.32 15.20
CA GLU A 346 -34.12 -10.76 14.11
C GLU A 346 -33.34 -11.71 13.21
N ALA A 347 -32.10 -11.35 12.93
CA ALA A 347 -31.24 -12.16 12.08
C ALA A 347 -31.16 -13.57 12.67
N GLY A 348 -31.00 -13.64 14.00
CA GLY A 348 -30.90 -14.92 14.68
C GLY A 348 -32.10 -15.80 14.42
N VAL A 349 -33.27 -15.18 14.42
CA VAL A 349 -34.51 -15.88 14.18
C VAL A 349 -34.59 -16.40 12.73
N ASP A 350 -33.98 -15.66 11.81
CA ASP A 350 -33.98 -16.05 10.40
C ASP A 350 -32.98 -17.16 10.11
N ALA A 351 -31.83 -17.09 10.77
CA ALA A 351 -30.76 -18.06 10.61
C ALA A 351 -31.22 -19.47 10.24
N ALA A 352 -32.06 -20.05 11.10
CA ALA A 352 -32.53 -21.41 10.87
C ALA A 352 -33.99 -21.53 10.44
N SER A 353 -34.65 -20.41 10.17
CA SER A 353 -36.04 -20.41 9.74
C SER A 353 -36.16 -20.09 8.24
N VAL A 354 -35.19 -19.35 7.71
CA VAL A 354 -35.20 -19.03 6.29
C VAL A 354 -34.40 -20.11 5.57
N SER A 355 -35.01 -20.74 4.58
CA SER A 355 -34.34 -21.78 3.82
C SER A 355 -33.97 -21.33 2.41
N GLU A 356 -34.77 -20.44 1.82
CA GLU A 356 -34.50 -19.96 0.46
C GLU A 356 -33.24 -19.11 0.44
N GLU A 357 -32.36 -19.40 -0.52
CA GLU A 357 -31.13 -18.64 -0.64
C GLU A 357 -30.76 -18.32 -2.07
N PHE A 358 -29.90 -17.32 -2.23
CA PHE A 358 -29.44 -16.91 -3.55
C PHE A 358 -27.95 -16.86 -3.29
N ARG A 359 -27.23 -17.89 -3.76
CA ARG A 359 -25.81 -18.00 -3.50
C ARG A 359 -24.93 -17.81 -4.74
N ALA A 360 -24.39 -16.60 -4.90
CA ALA A 360 -23.58 -16.29 -6.07
C ALA A 360 -22.12 -16.71 -5.90
N ASP A 361 -21.90 -18.03 -5.89
CA ASP A 361 -20.57 -18.58 -5.75
C ASP A 361 -20.06 -19.25 -7.03
N HIS A 362 -20.60 -18.82 -8.17
CA HIS A 362 -20.15 -19.32 -9.48
C HIS A 362 -20.45 -18.19 -10.45
N PRO A 363 -19.84 -18.20 -11.66
CA PRO A 363 -20.06 -17.11 -12.62
C PRO A 363 -21.48 -16.64 -12.86
N PHE A 364 -21.64 -15.33 -12.86
CA PHE A 364 -22.95 -14.73 -13.04
C PHE A 364 -22.85 -13.45 -13.87
N LEU A 365 -24.00 -12.97 -14.34
CA LEU A 365 -24.03 -11.70 -15.08
C LEU A 365 -24.66 -10.69 -14.14
N PHE A 366 -24.36 -9.42 -14.33
CA PHE A 366 -24.96 -8.45 -13.45
C PHE A 366 -25.13 -7.13 -14.21
N CYS A 367 -26.14 -6.38 -13.80
CA CYS A 367 -26.48 -5.14 -14.43
C CYS A 367 -26.82 -4.07 -13.36
N ILE A 368 -26.34 -2.83 -13.54
CA ILE A 368 -26.71 -1.79 -12.60
C ILE A 368 -27.56 -0.89 -13.46
N LYS A 369 -28.81 -0.72 -13.05
CA LYS A 369 -29.74 0.08 -13.82
C LYS A 369 -30.27 1.35 -13.13
N HIS A 370 -30.69 2.31 -13.95
CA HIS A 370 -31.30 3.57 -13.48
C HIS A 370 -32.80 3.19 -13.45
N ILE A 371 -33.38 3.22 -12.27
CA ILE A 371 -34.77 2.79 -12.12
C ILE A 371 -35.83 3.53 -12.93
N ALA A 372 -35.82 4.86 -12.89
CA ALA A 372 -36.83 5.66 -13.59
C ALA A 372 -36.90 5.49 -15.12
N THR A 373 -35.74 5.34 -15.77
CA THR A 373 -35.67 5.18 -17.23
C THR A 373 -35.49 3.74 -17.68
N ASN A 374 -34.98 2.93 -16.78
CA ASN A 374 -34.69 1.53 -17.05
C ASN A 374 -33.42 1.41 -17.89
N ALA A 375 -32.68 2.51 -17.98
CA ALA A 375 -31.44 2.52 -18.75
C ALA A 375 -30.38 1.71 -18.01
N VAL A 376 -29.49 1.10 -18.78
CA VAL A 376 -28.40 0.31 -18.23
C VAL A 376 -27.19 1.23 -17.99
N LEU A 377 -26.76 1.30 -16.73
CA LEU A 377 -25.61 2.11 -16.34
C LEU A 377 -24.34 1.25 -16.43
N PHE A 378 -24.37 0.01 -15.93
CA PHE A 378 -23.21 -0.88 -16.04
C PHE A 378 -23.70 -2.29 -16.31
N PHE A 379 -22.87 -3.06 -17.01
CA PHE A 379 -23.17 -4.45 -17.31
C PHE A 379 -21.88 -5.24 -17.22
N GLY A 380 -21.95 -6.49 -16.78
CA GLY A 380 -20.71 -7.24 -16.69
C GLY A 380 -20.92 -8.73 -16.48
N ARG A 381 -19.82 -9.46 -16.55
CA ARG A 381 -19.82 -10.89 -16.32
C ARG A 381 -18.75 -11.02 -15.25
N CYS A 382 -19.09 -11.69 -14.17
CA CYS A 382 -18.14 -11.91 -13.10
C CYS A 382 -17.74 -13.38 -13.06
N VAL A 383 -16.49 -13.67 -13.41
CA VAL A 383 -15.99 -15.05 -13.37
C VAL A 383 -14.93 -15.15 -12.27
N SER A 384 -14.45 -13.99 -11.81
CA SER A 384 -13.42 -13.96 -10.77
C SER A 384 -13.54 -12.63 -10.03
N PRO A 385 -14.21 -12.64 -8.87
CA PRO A 385 -14.44 -11.46 -8.02
C PRO A 385 -13.22 -10.67 -7.57
N GLY B 1 -17.70 40.46 7.45
CA GLY B 1 -18.70 41.08 6.50
C GLY B 1 -18.85 40.25 5.24
N SER B 2 -17.84 39.44 4.97
CA SER B 2 -17.84 38.56 3.80
C SER B 2 -17.36 37.16 4.21
N ILE B 3 -17.69 36.17 3.39
CA ILE B 3 -17.27 34.80 3.66
C ILE B 3 -15.75 34.71 3.57
N GLY B 4 -15.17 35.54 2.71
CA GLY B 4 -13.72 35.56 2.58
C GLY B 4 -13.09 35.92 3.91
N ALA B 5 -13.52 37.05 4.46
CA ALA B 5 -12.97 37.50 5.73
C ALA B 5 -13.29 36.54 6.87
N ALA B 6 -14.53 36.06 6.90
CA ALA B 6 -14.96 35.14 7.96
C ALA B 6 -14.28 33.78 7.86
N SER B 7 -14.14 33.23 6.65
CA SER B 7 -13.51 31.91 6.53
C SER B 7 -12.02 32.09 6.86
N MET B 8 -11.42 33.18 6.40
CA MET B 8 -10.01 33.36 6.71
C MET B 8 -9.76 33.54 8.19
N GLU B 9 -10.60 34.32 8.86
CA GLU B 9 -10.38 34.51 10.26
C GLU B 9 -10.64 33.23 11.05
N PHE B 10 -11.68 32.49 10.68
CA PHE B 10 -11.98 31.22 11.36
C PHE B 10 -10.76 30.30 11.16
N CYS B 11 -10.29 30.22 9.92
CA CYS B 11 -9.13 29.39 9.58
C CYS B 11 -7.92 29.67 10.48
N PHE B 12 -7.55 30.93 10.67
CA PHE B 12 -6.41 31.20 11.51
C PHE B 12 -6.67 30.95 12.99
N ASP B 13 -7.92 31.09 13.43
CA ASP B 13 -8.25 30.82 14.83
C ASP B 13 -8.09 29.31 15.05
N VAL B 14 -8.50 28.53 14.06
CA VAL B 14 -8.35 27.08 14.13
C VAL B 14 -6.84 26.76 14.15
N PHE B 15 -6.10 27.39 13.25
CA PHE B 15 -4.65 27.16 13.17
C PHE B 15 -3.94 27.48 14.47
N LYS B 16 -4.33 28.58 15.10
CA LYS B 16 -3.73 28.97 16.37
C LYS B 16 -3.93 27.89 17.44
N GLU B 17 -5.09 27.24 17.40
CA GLU B 17 -5.36 26.20 18.38
C GLU B 17 -4.62 24.90 18.04
N LEU B 18 -4.62 24.49 16.77
CA LEU B 18 -3.91 23.28 16.37
C LEU B 18 -2.41 23.35 16.62
N LYS B 19 -1.82 24.53 16.47
CA LYS B 19 -0.37 24.65 16.70
C LYS B 19 0.03 24.19 18.09
N VAL B 20 -0.80 24.49 19.08
CA VAL B 20 -0.50 24.12 20.45
C VAL B 20 -0.28 22.62 20.66
N HIS B 21 -1.10 21.80 20.04
CA HIS B 21 -1.00 20.36 20.23
C HIS B 21 -0.36 19.55 19.10
N HIS B 22 0.10 20.21 18.04
CA HIS B 22 0.70 19.48 16.91
C HIS B 22 2.05 20.04 16.46
N ALA B 23 2.95 20.25 17.42
CA ALA B 23 4.27 20.79 17.11
C ALA B 23 5.10 19.84 16.25
N ASN B 24 5.88 20.42 15.36
CA ASN B 24 6.76 19.69 14.45
C ASN B 24 6.03 18.70 13.56
N GLU B 25 4.74 18.92 13.34
CA GLU B 25 3.97 18.01 12.50
C GLU B 25 3.30 18.70 11.34
N ASN B 26 2.93 17.94 10.33
CA ASN B 26 2.21 18.49 9.20
C ASN B 26 0.81 18.79 9.76
N ILE B 27 0.18 19.84 9.24
CA ILE B 27 -1.18 20.21 9.62
C ILE B 27 -1.93 20.40 8.29
N PHE B 28 -3.19 19.97 8.24
CA PHE B 28 -4.01 20.11 7.03
C PHE B 28 -5.48 19.95 7.36
N TYR B 29 -6.25 20.97 7.01
CA TYR B 29 -7.68 20.94 7.26
C TYR B 29 -8.41 21.84 6.26
N CYS B 30 -9.72 21.67 6.20
CA CYS B 30 -10.61 22.39 5.31
C CYS B 30 -11.54 23.31 6.14
N PRO B 31 -11.11 24.56 6.39
CA PRO B 31 -12.01 25.39 7.19
C PRO B 31 -13.41 25.61 6.62
N ILE B 32 -13.53 25.66 5.29
CA ILE B 32 -14.85 25.86 4.68
C ILE B 32 -15.81 24.71 4.99
N ALA B 33 -15.29 23.48 5.05
CA ALA B 33 -16.14 22.34 5.37
C ALA B 33 -16.55 22.35 6.84
N ILE B 34 -15.64 22.73 7.73
CA ILE B 34 -15.95 22.80 9.14
C ILE B 34 -17.06 23.85 9.36
N MET B 35 -16.93 24.99 8.68
CA MET B 35 -17.94 26.04 8.82
C MET B 35 -19.31 25.53 8.37
N SER B 36 -19.31 24.73 7.30
CA SER B 36 -20.55 24.17 6.78
C SER B 36 -21.21 23.28 7.84
N ALA B 37 -20.43 22.38 8.42
CA ALA B 37 -20.98 21.50 9.45
C ALA B 37 -21.55 22.32 10.62
N LEU B 38 -20.77 23.28 11.13
CA LEU B 38 -21.24 24.09 12.25
C LEU B 38 -22.47 24.93 11.87
N ALA B 39 -22.55 25.42 10.64
CA ALA B 39 -23.70 26.20 10.19
C ALA B 39 -24.96 25.33 10.26
N MET B 40 -24.83 24.07 9.86
CA MET B 40 -25.93 23.11 9.88
C MET B 40 -26.43 22.81 11.31
N VAL B 41 -25.51 22.83 12.28
CA VAL B 41 -25.85 22.61 13.70
C VAL B 41 -26.46 23.93 14.24
N TYR B 42 -25.84 25.05 13.88
CA TYR B 42 -26.29 26.38 14.29
C TYR B 42 -27.80 26.60 14.07
N LEU B 43 -28.30 26.10 12.96
CA LEU B 43 -29.69 26.23 12.60
C LEU B 43 -30.65 25.73 13.68
N GLY B 44 -30.27 24.66 14.37
CA GLY B 44 -31.10 24.12 15.44
C GLY B 44 -30.64 24.45 16.84
N ALA B 45 -29.68 25.38 16.98
CA ALA B 45 -29.17 25.72 18.30
C ALA B 45 -29.91 26.92 18.90
N LYS B 46 -29.97 26.98 20.23
CA LYS B 46 -30.61 28.09 20.91
C LYS B 46 -29.74 28.59 22.03
N ASP B 47 -30.11 29.76 22.56
CA ASP B 47 -29.44 30.40 23.67
C ASP B 47 -27.91 30.41 23.64
N SER B 48 -27.25 30.10 24.75
CA SER B 48 -25.79 30.14 24.75
C SER B 48 -25.13 29.08 23.83
N THR B 49 -25.85 28.01 23.55
CA THR B 49 -25.30 27.00 22.65
C THR B 49 -25.14 27.67 21.28
N ARG B 50 -26.14 28.44 20.88
CA ARG B 50 -26.13 29.15 19.61
C ARG B 50 -25.19 30.34 19.64
N THR B 51 -25.17 31.06 20.75
CA THR B 51 -24.31 32.23 20.85
C THR B 51 -22.82 31.91 20.80
N GLN B 52 -22.38 30.83 21.44
CA GLN B 52 -20.98 30.45 21.41
C GLN B 52 -20.53 30.12 19.98
N ILE B 53 -21.38 29.41 19.24
CA ILE B 53 -21.08 29.04 17.86
C ILE B 53 -20.96 30.31 17.02
N ASN B 54 -21.93 31.21 17.18
CA ASN B 54 -21.94 32.47 16.43
C ASN B 54 -20.70 33.32 16.64
N LYS B 55 -20.22 33.39 17.88
CA LYS B 55 -19.04 34.19 18.19
C LYS B 55 -17.75 33.58 17.62
N VAL B 56 -17.59 32.28 17.82
CA VAL B 56 -16.42 31.56 17.35
C VAL B 56 -16.31 31.41 15.83
N VAL B 57 -17.43 31.24 15.14
CA VAL B 57 -17.40 31.07 13.69
C VAL B 57 -17.63 32.35 12.90
N ARG B 58 -18.16 33.37 13.54
CA ARG B 58 -18.44 34.66 12.90
C ARG B 58 -19.58 34.61 11.90
N PHE B 59 -20.67 33.94 12.27
CA PHE B 59 -21.80 33.87 11.38
C PHE B 59 -22.54 35.22 11.39
N ASP B 60 -22.44 35.92 12.52
CA ASP B 60 -23.11 37.22 12.75
C ASP B 60 -22.78 38.41 11.85
N LYS B 61 -23.08 38.33 10.56
CA LYS B 61 -22.78 39.42 9.64
C LYS B 61 -22.78 38.92 8.21
N LEU B 62 -22.81 37.60 8.07
CA LEU B 62 -22.76 36.99 6.75
C LEU B 62 -24.05 36.98 5.95
N PRO B 63 -23.95 37.27 4.64
CA PRO B 63 -25.12 37.27 3.76
C PRO B 63 -25.77 35.89 3.88
N GLY B 64 -27.10 35.88 4.02
CA GLY B 64 -27.82 34.63 4.15
C GLY B 64 -27.96 34.20 5.60
N PHE B 65 -27.29 34.94 6.48
CA PHE B 65 -27.32 34.64 7.92
C PHE B 65 -28.05 35.71 8.72
N GLY B 66 -28.60 35.31 9.85
CA GLY B 66 -29.33 36.23 10.71
C GLY B 66 -30.57 35.56 11.26
N ASP B 67 -30.88 35.78 12.54
CA ASP B 67 -32.04 35.18 13.18
C ASP B 67 -33.35 35.71 12.61
N ILE B 69 -33.65 35.66 8.44
CA ILE B 69 -33.60 34.97 7.16
C ILE B 69 -33.61 33.46 7.38
N GLU B 70 -32.84 33.00 8.36
CA GLU B 70 -32.75 31.58 8.66
C GLU B 70 -34.12 31.03 9.03
N ALA B 71 -34.98 31.90 9.56
CA ALA B 71 -36.33 31.50 9.95
C ALA B 71 -37.09 31.07 8.71
N GLN B 72 -36.43 31.12 7.56
CA GLN B 72 -37.02 30.73 6.29
C GLN B 72 -36.17 29.62 5.67
N CYS B 73 -36.82 28.50 5.31
CA CYS B 73 -36.12 27.39 4.68
C CYS B 73 -36.93 26.90 3.49
N GLY B 74 -38.15 26.42 3.77
CA GLY B 74 -39.01 25.96 2.71
C GLY B 74 -39.66 27.15 2.02
N THR B 75 -38.91 28.25 1.93
CA THR B 75 -39.39 29.49 1.30
C THR B 75 -38.24 30.37 0.84
N SER B 76 -37.04 29.80 0.69
CA SER B 76 -35.88 30.57 0.25
C SER B 76 -34.60 29.74 0.19
N VAL B 77 -34.09 29.55 -1.03
CA VAL B 77 -32.87 28.76 -1.22
C VAL B 77 -31.63 29.65 -1.10
N ASN B 78 -31.82 30.82 -0.50
CA ASN B 78 -30.73 31.78 -0.32
C ASN B 78 -30.34 31.97 1.15
N VAL B 79 -30.78 31.06 2.02
CA VAL B 79 -30.41 31.16 3.43
C VAL B 79 -28.99 30.59 3.54
N HIS B 80 -28.17 31.23 4.37
CA HIS B 80 -26.77 30.83 4.52
C HIS B 80 -26.12 30.87 3.15
N SER B 81 -26.67 31.74 2.29
CA SER B 81 -26.21 31.89 0.92
C SER B 81 -24.70 32.08 0.76
N SER B 82 -24.12 33.00 1.52
CA SER B 82 -22.69 33.28 1.40
C SER B 82 -21.81 32.03 1.48
N LEU B 83 -22.19 31.09 2.35
CA LEU B 83 -21.42 29.87 2.52
C LEU B 83 -21.84 28.74 1.57
N ARG B 84 -23.15 28.52 1.45
CA ARG B 84 -23.68 27.47 0.58
C ARG B 84 -23.44 27.66 -0.91
N ASP B 85 -23.32 28.90 -1.36
CA ASP B 85 -23.09 29.13 -2.77
C ASP B 85 -21.69 28.60 -3.12
N ILE B 86 -20.74 28.77 -2.22
CA ILE B 86 -19.38 28.29 -2.46
C ILE B 86 -19.37 26.74 -2.47
N LEU B 87 -19.99 26.14 -1.47
CA LEU B 87 -20.00 24.69 -1.39
C LEU B 87 -20.78 24.06 -2.54
N ASN B 88 -21.89 24.69 -2.91
CA ASN B 88 -22.71 24.19 -4.03
C ASN B 88 -21.90 24.22 -5.33
N GLN B 89 -21.09 25.26 -5.50
CA GLN B 89 -20.27 25.38 -6.69
C GLN B 89 -19.15 24.32 -6.75
N ILE B 90 -18.27 24.32 -5.76
CA ILE B 90 -17.14 23.41 -5.77
C ILE B 90 -17.41 21.92 -5.66
N THR B 91 -18.62 21.53 -5.24
CA THR B 91 -18.93 20.11 -5.17
C THR B 91 -19.53 19.60 -6.48
N LYS B 92 -19.79 20.51 -7.41
CA LYS B 92 -20.35 20.06 -8.69
C LYS B 92 -19.28 19.39 -9.54
N PRO B 93 -19.70 18.48 -10.43
CA PRO B 93 -18.70 17.82 -11.27
C PRO B 93 -18.12 18.80 -12.30
N ASN B 94 -16.82 18.70 -12.53
CA ASN B 94 -16.17 19.58 -13.50
C ASN B 94 -14.91 18.92 -14.06
N ASP B 95 -14.34 19.52 -15.10
CA ASP B 95 -13.16 18.93 -15.73
C ASP B 95 -11.79 19.37 -15.20
N VAL B 96 -11.74 20.14 -14.12
CA VAL B 96 -10.45 20.56 -13.61
C VAL B 96 -10.14 20.12 -12.17
N TYR B 97 -11.15 19.89 -11.37
CA TYR B 97 -10.88 19.45 -10.01
C TYR B 97 -12.00 18.61 -9.43
N SER B 98 -11.73 17.94 -8.32
CA SER B 98 -12.72 17.12 -7.64
C SER B 98 -12.69 17.52 -6.14
N PHE B 99 -13.86 17.79 -5.57
CA PHE B 99 -13.98 18.17 -4.16
C PHE B 99 -15.13 17.31 -3.61
N SER B 100 -14.79 16.22 -2.93
CA SER B 100 -15.78 15.29 -2.35
C SER B 100 -16.00 15.64 -0.89
N LEU B 101 -17.25 15.90 -0.51
CA LEU B 101 -17.55 16.23 0.88
C LEU B 101 -18.53 15.23 1.53
N ALA B 102 -18.10 14.57 2.60
CA ALA B 102 -18.95 13.64 3.35
C ALA B 102 -19.14 14.26 4.73
N SER B 103 -20.20 15.05 4.88
CA SER B 103 -20.48 15.76 6.12
C SER B 103 -21.89 15.38 6.59
N ARG B 104 -22.00 14.94 7.82
CA ARG B 104 -23.29 14.47 8.31
C ARG B 104 -23.38 14.39 9.81
N LEU B 105 -24.59 14.58 10.32
CA LEU B 105 -24.90 14.45 11.73
C LEU B 105 -25.69 13.15 11.90
N TYR B 106 -25.13 12.20 12.64
CA TYR B 106 -25.82 10.95 12.92
C TYR B 106 -26.44 11.14 14.29
N ALA B 107 -27.75 10.99 14.41
CA ALA B 107 -28.40 11.19 15.71
C ALA B 107 -29.08 9.91 16.17
N GLU B 108 -28.98 9.60 17.47
CA GLU B 108 -29.61 8.39 18.02
C GLU B 108 -31.07 8.39 17.52
N GLU B 109 -31.49 7.25 16.96
CA GLU B 109 -32.82 7.14 16.38
C GLU B 109 -33.99 7.43 17.31
N ARG B 110 -33.79 7.35 18.62
CA ARG B 110 -34.90 7.62 19.54
C ARG B 110 -35.25 9.10 19.60
N TYR B 111 -34.33 9.97 19.18
CA TYR B 111 -34.59 11.41 19.19
C TYR B 111 -35.46 11.81 17.99
N PRO B 112 -36.66 12.31 18.25
CA PRO B 112 -37.51 12.70 17.12
C PRO B 112 -37.00 14.04 16.60
N ILE B 113 -36.82 14.15 15.29
CA ILE B 113 -36.32 15.39 14.72
C ILE B 113 -37.48 16.28 14.29
N LEU B 114 -37.42 17.55 14.68
CA LEU B 114 -38.45 18.51 14.33
C LEU B 114 -38.54 18.66 12.83
N PRO B 115 -39.71 18.32 12.25
CA PRO B 115 -39.87 18.44 10.79
C PRO B 115 -39.35 19.78 10.23
N GLU B 116 -39.49 20.84 11.02
CA GLU B 116 -39.00 22.15 10.59
C GLU B 116 -37.47 22.17 10.43
N TYR B 117 -36.78 21.33 11.21
CA TYR B 117 -35.33 21.24 11.10
C TYR B 117 -35.01 20.37 9.90
N LEU B 118 -35.70 19.24 9.83
CA LEU B 118 -35.51 18.29 8.73
C LEU B 118 -35.72 18.92 7.36
N GLN B 119 -36.68 19.85 7.27
CA GLN B 119 -36.95 20.51 6.00
C GLN B 119 -35.80 21.45 5.64
N CYS B 120 -35.27 22.14 6.64
CA CYS B 120 -34.16 23.07 6.40
C CYS B 120 -32.96 22.31 5.87
N VAL B 121 -32.58 21.25 6.58
CA VAL B 121 -31.43 20.43 6.17
C VAL B 121 -31.65 19.87 4.78
N LYS B 122 -32.84 19.33 4.54
CA LYS B 122 -33.19 18.78 3.23
C LYS B 122 -32.96 19.78 2.10
N GLU B 123 -33.26 21.05 2.37
CA GLU B 123 -33.10 22.08 1.35
C GLU B 123 -31.75 22.77 1.30
N LEU B 124 -31.03 22.75 2.41
CA LEU B 124 -29.74 23.44 2.49
C LEU B 124 -28.50 22.58 2.72
N TYR B 125 -28.71 21.42 3.31
CA TYR B 125 -27.60 20.52 3.62
C TYR B 125 -28.04 19.10 3.37
N ARG B 126 -28.60 18.87 2.18
CA ARG B 126 -29.10 17.56 1.83
C ARG B 126 -28.15 16.41 2.21
N GLY B 127 -28.73 15.40 2.85
CA GLY B 127 -27.95 14.26 3.29
C GLY B 127 -27.27 14.47 4.64
N GLY B 128 -27.39 15.67 5.17
CA GLY B 128 -26.76 16.01 6.44
C GLY B 128 -27.20 15.37 7.75
N LEU B 129 -28.44 14.86 7.87
CA LEU B 129 -28.88 14.28 9.14
C LEU B 129 -29.43 12.86 8.98
N GLU B 130 -28.89 11.94 9.76
CA GLU B 130 -29.29 10.55 9.66
C GLU B 130 -29.55 9.90 11.02
N PRO B 131 -30.68 9.19 11.15
CA PRO B 131 -30.98 8.52 12.43
C PRO B 131 -30.14 7.22 12.50
N ILE B 132 -29.77 6.81 13.71
CA ILE B 132 -29.00 5.57 13.86
C ILE B 132 -29.17 5.00 15.29
N ASN B 133 -29.05 3.70 15.45
CA ASN B 133 -29.22 3.11 16.77
C ASN B 133 -27.91 3.00 17.53
N PHE B 134 -27.69 3.89 18.49
CA PHE B 134 -26.48 3.84 19.31
C PHE B 134 -26.86 3.11 20.62
N GLN B 135 -28.08 3.32 21.09
CA GLN B 135 -28.48 2.73 22.38
C GLN B 135 -28.27 1.23 22.53
N THR B 136 -28.63 0.44 21.53
CA THR B 136 -28.44 -1.00 21.66
C THR B 136 -27.56 -1.67 20.60
N ALA B 137 -27.03 -0.89 19.66
CA ALA B 137 -26.17 -1.45 18.62
C ALA B 137 -25.08 -0.43 18.20
N ALA B 138 -24.38 0.10 19.19
CA ALA B 138 -23.33 1.09 18.93
C ALA B 138 -22.16 0.54 18.11
N ASP B 139 -21.80 -0.71 18.31
CA ASP B 139 -20.68 -1.28 17.56
C ASP B 139 -21.05 -1.33 16.08
N GLN B 140 -22.30 -1.70 15.82
CA GLN B 140 -22.80 -1.77 14.45
C GLN B 140 -22.91 -0.34 13.89
N ALA B 141 -23.34 0.60 14.73
CA ALA B 141 -23.44 1.99 14.29
C ALA B 141 -22.08 2.52 13.85
N ARG B 142 -21.04 2.22 14.62
CA ARG B 142 -19.71 2.71 14.25
C ARG B 142 -19.33 2.20 12.87
N GLU B 143 -19.59 0.93 12.59
CA GLU B 143 -19.28 0.34 11.27
C GLU B 143 -20.09 1.00 10.15
N LEU B 144 -21.37 1.24 10.40
CA LEU B 144 -22.18 1.91 9.38
C LEU B 144 -21.64 3.32 9.08
N ILE B 145 -21.31 4.07 10.12
CA ILE B 145 -20.78 5.41 9.94
C ILE B 145 -19.43 5.37 9.20
N ASN B 146 -18.50 4.54 9.67
CA ASN B 146 -17.18 4.46 9.00
C ASN B 146 -17.34 4.01 7.56
N SER B 147 -18.24 3.05 7.33
CA SER B 147 -18.42 2.56 5.96
C SER B 147 -18.99 3.61 5.01
N TRP B 148 -19.85 4.50 5.53
CA TRP B 148 -20.44 5.54 4.70
C TRP B 148 -19.37 6.56 4.28
N VAL B 149 -18.55 7.00 5.24
CA VAL B 149 -17.51 7.98 4.91
C VAL B 149 -16.51 7.35 3.94
N GLU B 150 -16.20 6.07 4.13
CA GLU B 150 -15.24 5.39 3.25
C GLU B 150 -15.81 5.22 1.85
N SER B 151 -17.09 4.83 1.79
CA SER B 151 -17.74 4.63 0.52
C SER B 151 -17.84 5.95 -0.23
N GLN B 152 -18.16 7.03 0.47
CA GLN B 152 -18.29 8.33 -0.16
C GLN B 152 -16.98 8.97 -0.56
N THR B 153 -15.87 8.52 -0.01
CA THR B 153 -14.58 9.10 -0.38
C THR B 153 -13.80 8.12 -1.27
N ASN B 154 -14.52 7.21 -1.90
CA ASN B 154 -13.90 6.19 -2.76
C ASN B 154 -12.76 5.45 -2.06
N GLY B 155 -13.04 5.03 -0.83
CA GLY B 155 -12.07 4.29 -0.05
C GLY B 155 -10.89 5.05 0.53
N ILE B 156 -10.84 6.36 0.31
CA ILE B 156 -9.70 7.14 0.79
C ILE B 156 -9.70 7.39 2.29
N ILE B 157 -10.83 7.84 2.83
CA ILE B 157 -10.91 8.10 4.26
C ILE B 157 -11.60 6.97 5.02
N ARG B 158 -10.79 6.20 5.73
CA ARG B 158 -11.24 5.04 6.49
C ARG B 158 -11.16 5.14 8.02
N ASN B 159 -12.01 4.37 8.69
CA ASN B 159 -12.00 4.31 10.16
C ASN B 159 -12.00 5.63 10.90
N VAL B 160 -12.85 6.55 10.46
CA VAL B 160 -12.91 7.87 11.05
C VAL B 160 -13.28 7.81 12.55
N LEU B 161 -14.03 6.79 12.95
CA LEU B 161 -14.38 6.60 14.36
C LEU B 161 -13.68 5.33 14.88
N GLN B 162 -12.90 5.45 15.95
CA GLN B 162 -12.22 4.27 16.45
C GLN B 162 -13.03 3.52 17.51
N PRO B 163 -12.61 2.29 17.81
CA PRO B 163 -13.31 1.47 18.80
C PRO B 163 -13.45 2.24 20.12
N SER B 165 -15.31 4.80 20.71
CA SER B 165 -15.73 6.19 20.56
C SER B 165 -17.27 6.33 20.60
N VAL B 166 -18.00 5.25 20.35
CA VAL B 166 -19.45 5.33 20.44
C VAL B 166 -19.98 4.19 21.34
N ASP B 167 -21.08 4.46 22.04
CA ASP B 167 -21.66 3.50 22.99
C ASP B 167 -23.12 3.80 23.24
N SER B 168 -23.72 3.12 24.22
CA SER B 168 -25.14 3.32 24.50
C SER B 168 -25.50 4.74 24.87
N GLN B 169 -24.54 5.51 25.36
CA GLN B 169 -24.81 6.88 25.76
C GLN B 169 -24.59 7.94 24.68
N THR B 170 -24.16 7.52 23.50
CA THR B 170 -23.91 8.47 22.41
C THR B 170 -25.21 9.12 21.94
N ALA B 171 -25.21 10.45 21.81
CA ALA B 171 -26.43 11.14 21.38
C ALA B 171 -26.35 11.50 19.89
N MET B 172 -25.29 12.21 19.52
CA MET B 172 -25.14 12.60 18.12
C MET B 172 -23.65 12.64 17.76
N VAL B 173 -23.33 12.18 16.56
CA VAL B 173 -21.94 12.21 16.09
C VAL B 173 -21.88 13.03 14.80
N LEU B 174 -20.93 13.95 14.74
CA LEU B 174 -20.71 14.76 13.56
C LEU B 174 -19.49 14.23 12.81
N VAL B 175 -19.63 13.88 11.52
CA VAL B 175 -18.47 13.46 10.74
C VAL B 175 -18.36 14.49 9.61
N ASN B 176 -17.14 14.92 9.32
CA ASN B 176 -16.92 15.99 8.36
C ASN B 176 -15.65 15.60 7.59
N ALA B 177 -15.81 14.92 6.47
CA ALA B 177 -14.65 14.45 5.72
C ALA B 177 -14.62 15.00 4.31
N ILE B 178 -13.43 15.32 3.82
CA ILE B 178 -13.30 15.89 2.51
C ILE B 178 -12.07 15.40 1.74
N VAL B 179 -12.24 15.18 0.44
CA VAL B 179 -11.12 14.78 -0.41
C VAL B 179 -11.02 15.79 -1.56
N PHE B 180 -9.81 16.23 -1.88
CA PHE B 180 -9.60 17.19 -2.97
C PHE B 180 -8.46 16.79 -3.88
N LYS B 181 -8.67 17.01 -5.18
CA LYS B 181 -7.64 16.73 -6.19
C LYS B 181 -7.87 17.78 -7.27
N GLY B 182 -6.83 18.54 -7.57
CA GLY B 182 -6.96 19.57 -8.59
C GLY B 182 -5.87 19.56 -9.64
N LEU B 183 -6.24 19.88 -10.87
CA LEU B 183 -5.30 19.97 -11.97
C LEU B 183 -4.69 21.38 -12.01
N TRP B 184 -3.36 21.47 -12.11
CA TRP B 184 -2.69 22.77 -12.22
C TRP B 184 -2.98 23.36 -13.59
N GLU B 185 -2.90 24.68 -13.70
CA GLU B 185 -3.06 25.29 -15.01
C GLU B 185 -1.78 24.89 -15.75
N LYS B 186 -0.64 24.99 -15.07
CA LYS B 186 0.62 24.65 -15.69
C LYS B 186 1.20 23.37 -15.08
N ALA B 187 1.26 22.32 -15.90
CA ALA B 187 1.75 21.04 -15.42
C ALA B 187 3.25 20.99 -15.22
N PHE B 188 3.65 20.20 -14.21
CA PHE B 188 5.06 19.93 -13.98
C PHE B 188 5.24 18.66 -14.81
N LYS B 189 6.41 18.46 -15.40
CA LYS B 189 6.64 17.25 -16.20
C LYS B 189 7.14 16.14 -15.29
N ASP B 190 6.59 14.93 -15.44
CA ASP B 190 7.03 13.81 -14.62
C ASP B 190 8.53 13.57 -14.73
N GLU B 191 9.08 13.74 -15.92
CA GLU B 191 10.50 13.49 -16.12
C GLU B 191 11.39 14.44 -15.34
N ASP B 192 10.86 15.60 -14.96
CA ASP B 192 11.64 16.61 -14.22
C ASP B 192 11.62 16.42 -12.71
N THR B 193 10.80 15.50 -12.22
CA THR B 193 10.74 15.25 -10.78
C THR B 193 11.86 14.31 -10.39
N GLN B 194 12.55 14.64 -9.31
CA GLN B 194 13.65 13.79 -8.83
C GLN B 194 13.85 14.02 -7.33
N ALA B 195 14.43 13.04 -6.67
CA ALA B 195 14.69 13.15 -5.22
C ALA B 195 15.59 14.33 -4.91
N MET B 196 15.16 15.16 -3.96
CA MET B 196 15.97 16.30 -3.55
C MET B 196 15.88 16.43 -2.03
N PRO B 197 16.95 16.94 -1.40
CA PRO B 197 16.87 17.08 0.04
C PRO B 197 15.90 18.17 0.52
N PHE B 198 15.19 17.85 1.60
CA PHE B 198 14.22 18.75 2.22
C PHE B 198 14.68 18.89 3.67
N ARG B 199 15.06 20.09 4.07
CA ARG B 199 15.55 20.31 5.42
C ARG B 199 14.43 20.34 6.45
N VAL B 200 14.13 19.18 7.01
CA VAL B 200 13.08 19.03 8.04
C VAL B 200 13.52 19.74 9.32
N THR B 201 14.77 19.48 9.76
CA THR B 201 15.32 20.13 10.96
C THR B 201 16.84 20.19 10.80
N GLU B 202 17.51 20.44 11.93
CA GLU B 202 18.97 20.53 11.95
C GLU B 202 19.60 19.15 11.78
N GLN B 203 18.94 18.12 12.32
CA GLN B 203 19.44 16.75 12.22
C GLN B 203 18.84 15.95 11.07
N GLU B 204 17.80 16.48 10.43
CA GLU B 204 17.17 15.76 9.34
C GLU B 204 17.13 16.47 7.99
N SER B 205 17.73 15.82 7.01
CA SER B 205 17.76 16.31 5.63
C SER B 205 17.17 15.10 4.93
N LYS B 206 15.89 15.19 4.65
CA LYS B 206 15.14 14.11 4.06
C LYS B 206 14.95 14.14 2.55
N PRO B 207 15.26 13.03 1.87
CA PRO B 207 15.09 13.03 0.41
C PRO B 207 13.59 12.90 0.11
N VAL B 208 13.06 13.75 -0.77
CA VAL B 208 11.64 13.72 -1.17
C VAL B 208 11.51 13.91 -2.69
N GLN B 209 10.41 13.46 -3.28
CA GLN B 209 10.25 13.66 -4.73
C GLN B 209 9.91 15.11 -4.94
N MET B 210 10.81 15.84 -5.58
CA MET B 210 10.66 17.26 -5.81
C MET B 210 10.28 17.58 -7.27
N MET B 211 9.15 18.24 -7.46
CA MET B 211 8.71 18.60 -8.80
C MET B 211 9.40 19.89 -9.20
N TYR B 212 9.56 20.08 -10.50
CA TYR B 212 10.25 21.25 -11.00
C TYR B 212 9.66 21.73 -12.31
N GLN B 213 9.63 23.05 -12.48
CA GLN B 213 9.19 23.64 -13.72
C GLN B 213 9.57 25.13 -13.72
N ILE B 214 9.67 25.71 -14.90
CA ILE B 214 9.91 27.15 -14.98
C ILE B 214 8.63 27.62 -15.64
N GLY B 215 8.01 28.65 -15.09
CA GLY B 215 6.78 29.18 -15.64
C GLY B 215 6.58 30.60 -15.19
N LEU B 216 5.51 31.22 -15.66
CA LEU B 216 5.21 32.59 -15.30
C LEU B 216 4.21 32.50 -14.15
N PHE B 217 4.61 32.97 -12.97
CA PHE B 217 3.74 32.91 -11.80
C PHE B 217 3.82 34.21 -11.02
N ARG B 218 2.74 34.52 -10.29
CA ARG B 218 2.73 35.69 -9.43
C ARG B 218 3.52 35.32 -8.20
N VAL B 219 4.41 36.20 -7.77
CA VAL B 219 5.23 35.95 -6.61
C VAL B 219 5.42 37.29 -5.88
N ALA B 220 5.61 37.21 -4.58
CA ALA B 220 5.81 38.41 -3.75
C ALA B 220 6.96 38.07 -2.82
N SER B 221 7.89 38.99 -2.66
CA SER B 221 9.03 38.74 -1.79
C SER B 221 9.15 39.78 -0.68
N MET B 222 8.45 39.55 0.42
CA MET B 222 8.47 40.45 1.56
C MET B 222 9.72 40.31 2.41
N ALA B 223 10.68 41.22 2.20
CA ALA B 223 11.93 41.18 2.94
C ALA B 223 11.72 41.53 4.41
N SER B 224 10.76 42.40 4.68
CA SER B 224 10.48 42.78 6.05
C SER B 224 10.01 41.56 6.83
N GLU B 225 9.29 40.69 6.13
CA GLU B 225 8.77 39.46 6.70
C GLU B 225 9.73 38.29 6.54
N LYS B 226 10.80 38.48 5.78
CA LYS B 226 11.77 37.41 5.56
C LYS B 226 11.09 36.17 4.95
N MET B 227 10.30 36.37 3.91
CA MET B 227 9.58 35.27 3.28
C MET B 227 9.07 35.61 1.87
N LYS B 228 8.80 34.57 1.08
CA LYS B 228 8.30 34.70 -0.28
C LYS B 228 6.96 33.98 -0.39
N ILE B 229 6.08 34.49 -1.24
CA ILE B 229 4.81 33.82 -1.44
C ILE B 229 4.69 33.53 -2.92
N LEU B 230 4.33 32.28 -3.24
CA LEU B 230 4.15 31.86 -4.62
C LEU B 230 2.68 31.48 -4.82
N GLU B 231 2.08 31.92 -5.91
CA GLU B 231 0.70 31.59 -6.23
C GLU B 231 0.69 30.66 -7.46
N LEU B 232 0.17 29.44 -7.31
CA LEU B 232 0.10 28.48 -8.43
C LEU B 232 -1.40 28.29 -8.74
N PRO B 233 -1.86 28.79 -9.88
CA PRO B 233 -3.27 28.65 -10.26
C PRO B 233 -3.66 27.23 -10.60
N PHE B 234 -4.88 26.83 -10.23
CA PHE B 234 -5.37 25.52 -10.65
C PHE B 234 -6.07 25.86 -11.96
N ALA B 235 -6.27 24.86 -12.80
CA ALA B 235 -6.94 25.07 -14.08
C ALA B 235 -8.40 25.49 -13.87
N GLY B 237 -9.44 28.76 -13.51
CA GLY B 237 -9.51 30.10 -12.93
C GLY B 237 -10.36 30.28 -11.68
N THR B 238 -10.73 29.21 -10.96
CA THR B 238 -11.52 29.41 -9.76
C THR B 238 -10.79 29.19 -8.43
N MET B 239 -9.63 28.55 -8.47
CA MET B 239 -8.88 28.30 -7.23
C MET B 239 -7.40 28.41 -7.45
N SER B 240 -6.65 28.62 -6.37
CA SER B 240 -5.20 28.68 -6.50
C SER B 240 -4.58 28.27 -5.19
N MET B 241 -3.32 27.82 -5.25
CA MET B 241 -2.60 27.50 -4.04
C MET B 241 -1.57 28.59 -3.78
N LEU B 242 -1.51 29.02 -2.53
CA LEU B 242 -0.53 30.02 -2.11
C LEU B 242 0.46 29.23 -1.28
N VAL B 243 1.74 29.45 -1.54
CA VAL B 243 2.78 28.74 -0.79
C VAL B 243 3.58 29.85 -0.10
N LEU B 244 3.61 29.83 1.23
CA LEU B 244 4.32 30.84 1.99
C LEU B 244 5.61 30.21 2.51
N LEU B 245 6.72 30.66 1.95
CA LEU B 245 8.01 30.09 2.28
C LEU B 245 8.94 31.03 3.02
N PRO B 246 9.32 30.69 4.26
CA PRO B 246 10.23 31.51 5.08
C PRO B 246 11.61 31.53 4.41
N ASP B 247 12.32 32.64 4.49
CA ASP B 247 13.67 32.72 3.89
C ASP B 247 14.55 31.78 4.68
N GLU B 248 14.56 32.01 5.98
CA GLU B 248 15.36 31.25 6.90
C GLU B 248 14.81 29.85 7.04
N VAL B 249 15.70 28.87 6.98
CA VAL B 249 15.31 27.49 7.13
C VAL B 249 14.79 27.41 8.56
N SER B 250 13.68 26.74 8.78
CA SER B 250 13.09 26.66 10.12
C SER B 250 12.76 28.07 10.65
N GLY B 251 12.32 28.95 9.77
CA GLY B 251 11.93 30.30 10.18
C GLY B 251 10.41 30.29 10.17
N LEU B 252 9.87 29.09 10.18
CA LEU B 252 8.44 28.88 10.17
C LEU B 252 7.79 29.40 11.46
N GLU B 253 8.50 29.22 12.57
CA GLU B 253 8.03 29.66 13.88
C GLU B 253 7.51 31.10 13.88
N GLN B 254 8.36 32.03 13.49
CA GLN B 254 8.00 33.43 13.43
C GLN B 254 6.82 33.68 12.51
N LEU B 255 6.87 33.12 11.31
CA LEU B 255 5.80 33.29 10.34
C LEU B 255 4.45 32.87 10.90
N GLU B 256 4.45 31.75 11.60
CA GLU B 256 3.22 31.24 12.20
C GLU B 256 2.73 32.13 13.33
N SER B 257 3.67 32.75 14.03
CA SER B 257 3.30 33.63 15.13
C SER B 257 2.58 34.90 14.69
N ILE B 258 2.84 35.39 13.47
CA ILE B 258 2.18 36.63 13.03
C ILE B 258 1.19 36.53 11.87
N ILE B 259 1.06 35.38 11.25
CA ILE B 259 0.13 35.28 10.13
C ILE B 259 -1.32 35.36 10.63
N ASN B 260 -2.16 36.04 9.85
CA ASN B 260 -3.58 36.18 10.17
C ASN B 260 -4.28 36.74 8.94
N PHE B 261 -5.60 36.90 9.03
CA PHE B 261 -6.40 37.41 7.91
C PHE B 261 -5.85 38.67 7.26
N GLU B 262 -5.71 39.73 8.04
CA GLU B 262 -5.21 41.01 7.54
C GLU B 262 -3.85 40.88 6.85
N LYS B 263 -2.92 40.18 7.50
CA LYS B 263 -1.58 40.01 6.94
C LYS B 263 -1.57 39.27 5.61
N LEU B 264 -2.28 38.15 5.54
CA LEU B 264 -2.31 37.38 4.30
C LEU B 264 -2.87 38.18 3.13
N THR B 265 -3.91 38.97 3.38
CA THR B 265 -4.53 39.77 2.33
C THR B 265 -3.54 40.83 1.83
N GLU B 266 -2.85 41.45 2.77
CA GLU B 266 -1.84 42.45 2.46
C GLU B 266 -0.76 41.82 1.58
N TRP B 267 -0.22 40.69 2.04
CA TRP B 267 0.82 40.00 1.32
C TRP B 267 0.42 39.48 -0.06
N THR B 268 -0.87 39.29 -0.29
CA THR B 268 -1.27 38.76 -1.59
C THR B 268 -2.10 39.72 -2.44
N SER B 269 -1.95 41.02 -2.19
CA SER B 269 -2.68 42.05 -2.92
C SER B 269 -2.06 42.25 -4.30
N SER B 270 -2.86 42.70 -5.25
CA SER B 270 -2.38 42.94 -6.61
C SER B 270 -1.17 43.87 -6.65
N ASN B 271 -1.04 44.69 -5.61
CA ASN B 271 0.07 45.63 -5.53
C ASN B 271 1.38 44.94 -5.16
N VAL B 272 1.30 43.97 -4.26
CA VAL B 272 2.47 43.25 -3.78
C VAL B 272 2.92 42.10 -4.70
N MET B 273 1.96 41.34 -5.20
CA MET B 273 2.23 40.20 -6.08
C MET B 273 2.61 40.69 -7.47
N GLU B 274 3.60 40.05 -8.06
CA GLU B 274 4.07 40.41 -9.38
C GLU B 274 4.38 39.17 -10.20
N GLU B 275 3.95 39.16 -11.46
CA GLU B 275 4.22 38.02 -12.32
C GLU B 275 5.68 38.00 -12.75
N ARG B 276 6.28 36.82 -12.69
CA ARG B 276 7.69 36.67 -13.07
C ARG B 276 8.00 35.26 -13.54
N LYS B 277 8.92 35.13 -14.49
CA LYS B 277 9.32 33.80 -14.96
C LYS B 277 10.28 33.27 -13.93
N ILE B 278 9.92 32.19 -13.25
CA ILE B 278 10.76 31.67 -12.21
C ILE B 278 10.84 30.15 -12.18
N LYS B 279 11.91 29.64 -11.58
CA LYS B 279 12.06 28.18 -11.42
C LYS B 279 11.30 27.83 -10.15
N VAL B 280 10.41 26.85 -10.24
CA VAL B 280 9.64 26.46 -9.06
C VAL B 280 9.98 25.02 -8.68
N TYR B 281 10.40 24.80 -7.43
CA TYR B 281 10.61 23.43 -6.96
C TYR B 281 9.56 23.22 -5.85
N LEU B 282 8.64 22.27 -6.03
CA LEU B 282 7.60 22.01 -5.03
C LEU B 282 7.55 20.51 -4.82
N PRO B 283 7.48 20.05 -3.56
CA PRO B 283 7.42 18.60 -3.40
C PRO B 283 6.08 17.94 -3.70
N ARG B 284 6.13 16.68 -4.14
CA ARG B 284 4.90 15.95 -4.33
C ARG B 284 4.41 15.82 -2.88
N MET B 285 3.10 15.96 -2.66
CA MET B 285 2.56 15.87 -1.29
C MET B 285 1.26 15.10 -1.23
N LYS B 286 1.13 14.29 -0.19
CA LYS B 286 -0.08 13.53 0.06
C LYS B 286 -0.40 13.99 1.48
N MET B 287 -1.36 14.89 1.58
CA MET B 287 -1.74 15.46 2.87
C MET B 287 -2.98 14.75 3.39
N GLU B 288 -2.92 14.28 4.62
CA GLU B 288 -4.06 13.63 5.25
C GLU B 288 -3.92 13.76 6.76
N GLU B 289 -4.95 14.31 7.38
CA GLU B 289 -4.92 14.50 8.81
C GLU B 289 -6.35 14.36 9.28
N LYS B 290 -6.52 13.98 10.54
CA LYS B 290 -7.85 13.85 11.14
C LYS B 290 -7.72 14.54 12.48
N TYR B 291 -8.77 15.25 12.88
CA TYR B 291 -8.77 15.97 14.13
C TYR B 291 -10.04 15.74 14.93
N ASN B 292 -9.89 15.76 16.25
CA ASN B 292 -11.03 15.64 17.13
C ASN B 292 -11.51 17.10 17.21
N LEU B 293 -12.57 17.43 16.48
CA LEU B 293 -13.10 18.77 16.50
C LEU B 293 -13.67 19.18 17.84
N THR B 294 -14.04 18.20 18.67
CA THR B 294 -14.58 18.55 19.98
C THR B 294 -13.49 19.27 20.77
N SER B 295 -12.28 18.71 20.80
CA SER B 295 -11.23 19.35 21.58
C SER B 295 -10.80 20.68 21.00
N VAL B 296 -10.75 20.78 19.67
CA VAL B 296 -10.34 22.02 19.04
C VAL B 296 -11.35 23.15 19.25
N LEU B 297 -12.61 22.83 19.01
CA LEU B 297 -13.69 23.82 19.13
C LEU B 297 -13.96 24.24 20.57
N MET B 298 -13.82 23.32 21.52
CA MET B 298 -14.01 23.70 22.91
C MET B 298 -12.92 24.70 23.32
N ALA B 299 -11.68 24.45 22.87
CA ALA B 299 -10.58 25.35 23.20
C ALA B 299 -10.80 26.74 22.57
N MET B 300 -11.57 26.77 21.50
CA MET B 300 -11.85 28.01 20.80
C MET B 300 -13.02 28.75 21.42
N GLY B 301 -13.79 28.07 22.27
CA GLY B 301 -14.92 28.72 22.92
C GLY B 301 -16.30 28.07 22.74
N ILE B 302 -16.37 26.99 21.96
CA ILE B 302 -17.66 26.31 21.74
C ILE B 302 -17.65 25.10 22.66
N THR B 303 -18.37 25.21 23.78
CA THR B 303 -18.40 24.15 24.77
C THR B 303 -19.78 23.58 25.11
N ASP B 304 -20.81 24.43 25.12
CA ASP B 304 -22.14 23.94 25.50
C ASP B 304 -22.72 22.85 24.60
N VAL B 305 -22.48 22.94 23.30
CA VAL B 305 -23.03 21.95 22.35
C VAL B 305 -22.54 20.52 22.64
N PHE B 306 -21.39 20.41 23.29
CA PHE B 306 -20.77 19.14 23.63
C PHE B 306 -21.10 18.64 25.04
N SER B 307 -21.95 19.36 25.77
CA SER B 307 -22.25 18.96 27.15
C SER B 307 -23.73 18.84 27.46
N SER B 308 -24.02 18.50 28.71
CA SER B 308 -25.39 18.36 29.15
C SER B 308 -26.15 19.68 29.08
N SER B 309 -25.42 20.79 29.07
CA SER B 309 -26.02 22.12 29.01
C SER B 309 -26.47 22.44 27.58
N ALA B 310 -26.12 21.59 26.63
CA ALA B 310 -26.49 21.85 25.23
C ALA B 310 -27.95 22.16 25.05
N ASN B 311 -28.22 23.10 24.16
CA ASN B 311 -29.59 23.43 23.81
C ASN B 311 -29.71 23.31 22.30
N LEU B 312 -30.18 22.16 21.83
CA LEU B 312 -30.38 21.96 20.39
C LEU B 312 -31.88 21.70 20.23
N SER B 313 -32.65 22.45 21.02
CA SER B 313 -34.10 22.32 21.00
C SER B 313 -34.70 22.60 19.63
N GLY B 314 -33.88 23.15 18.73
CA GLY B 314 -34.36 23.42 17.39
C GLY B 314 -34.24 22.19 16.51
N ILE B 315 -33.47 21.21 16.98
CA ILE B 315 -33.27 19.98 16.23
C ILE B 315 -34.24 18.91 16.70
N SER B 316 -34.32 18.74 18.01
CA SER B 316 -35.21 17.72 18.57
C SER B 316 -35.92 18.21 19.81
N SER B 317 -37.17 17.78 19.90
CA SER B 317 -38.04 18.10 21.01
C SER B 317 -37.68 17.24 22.20
N ALA B 318 -36.69 16.37 22.03
CA ALA B 318 -36.24 15.49 23.10
C ALA B 318 -35.02 16.06 23.83
N GLU B 319 -34.97 15.87 25.14
CA GLU B 319 -33.86 16.39 25.94
C GLU B 319 -32.67 15.46 26.00
N LEU B 321 -30.01 15.85 23.90
CA LEU B 321 -29.32 15.89 22.62
C LEU B 321 -28.09 16.80 22.69
N LYS B 322 -26.94 16.25 22.37
CA LYS B 322 -25.71 17.04 22.38
C LYS B 322 -24.80 16.36 21.38
N ILE B 323 -23.68 16.99 21.06
CA ILE B 323 -22.74 16.35 20.12
C ILE B 323 -21.77 15.52 20.93
N SER B 324 -21.84 14.19 20.78
CA SER B 324 -20.97 13.28 21.52
C SER B 324 -19.56 13.09 20.93
N GLN B 325 -19.44 13.21 19.61
CA GLN B 325 -18.14 13.09 18.93
C GLN B 325 -18.26 13.95 17.70
N ALA B 326 -17.13 14.50 17.27
CA ALA B 326 -17.07 15.38 16.10
C ALA B 326 -15.69 15.20 15.49
N VAL B 327 -15.65 14.66 14.28
CA VAL B 327 -14.36 14.39 13.64
C VAL B 327 -14.24 15.07 12.28
N HIS B 328 -13.07 15.65 12.03
CA HIS B 328 -12.79 16.32 10.74
C HIS B 328 -11.65 15.52 10.11
N ALA B 329 -11.79 15.12 8.85
CA ALA B 329 -10.72 14.39 8.15
C ALA B 329 -10.58 15.02 6.77
N ALA B 330 -9.35 15.35 6.39
CA ALA B 330 -9.14 15.97 5.09
C ALA B 330 -7.97 15.28 4.41
N HIS B 331 -8.12 15.06 3.11
CA HIS B 331 -7.10 14.38 2.30
C HIS B 331 -6.95 15.12 0.96
N ALA B 332 -5.72 15.44 0.57
CA ALA B 332 -5.48 16.09 -0.72
C ALA B 332 -4.11 15.62 -1.20
N GLU B 333 -3.97 15.49 -2.50
CA GLU B 333 -2.72 15.05 -3.07
C GLU B 333 -2.24 16.13 -4.01
N ILE B 334 -1.01 16.56 -3.81
CA ILE B 334 -0.42 17.57 -4.67
C ILE B 334 0.63 16.87 -5.53
N ASN B 335 0.41 16.83 -6.84
CA ASN B 335 1.38 16.22 -7.76
C ASN B 335 1.53 17.00 -9.04
N GLU B 336 2.14 16.38 -10.03
CA GLU B 336 2.46 17.03 -11.31
C GLU B 336 1.34 17.41 -12.26
N ALA B 337 0.22 16.70 -12.20
CA ALA B 337 -0.86 16.90 -13.19
C ALA B 337 -1.31 18.34 -13.47
N GLY B 338 -1.31 18.68 -14.76
CA GLY B 338 -1.70 20.01 -15.19
C GLY B 338 -2.34 20.00 -16.57
N ARG B 339 -2.94 21.12 -16.95
CA ARG B 339 -3.61 21.21 -18.25
C ARG B 339 -2.69 21.49 -19.44
N GLU B 340 -1.75 22.41 -19.26
CA GLU B 340 -0.81 22.84 -20.30
C GLU B 340 0.60 22.53 -19.81
N VAL B 341 1.50 22.27 -20.75
CA VAL B 341 2.87 21.99 -20.41
C VAL B 341 3.76 22.81 -21.34
N VAL B 342 4.90 23.27 -20.83
CA VAL B 342 5.76 24.09 -21.70
C VAL B 342 6.32 23.26 -22.86
N GLY B 343 6.36 23.90 -24.03
CA GLY B 343 6.89 23.27 -25.21
C GLY B 343 8.39 23.42 -25.30
N ALA B 345 10.56 24.71 -27.56
CA ALA B 345 11.13 26.04 -27.84
C ALA B 345 11.09 26.97 -26.61
N GLU B 346 9.95 27.07 -25.93
CA GLU B 346 9.90 27.97 -24.78
C GLU B 346 10.79 27.44 -23.67
N ALA B 347 10.90 26.12 -23.55
CA ALA B 347 11.77 25.54 -22.51
C ALA B 347 13.22 25.96 -22.76
N GLY B 348 13.62 26.02 -24.04
CA GLY B 348 14.98 26.41 -24.38
C GLY B 348 15.27 27.88 -24.04
N VAL B 349 14.30 28.75 -24.29
CA VAL B 349 14.51 30.17 -23.96
C VAL B 349 14.56 30.33 -22.44
N ASP B 350 13.63 29.66 -21.74
CA ASP B 350 13.57 29.73 -20.27
C ASP B 350 14.92 29.32 -19.68
N ALA B 351 15.50 28.22 -20.17
CA ALA B 351 16.79 27.77 -19.65
C ALA B 351 17.91 28.83 -19.78
N ALA B 352 17.83 29.65 -20.81
CA ALA B 352 18.87 30.64 -21.02
C ALA B 352 18.58 31.98 -20.35
N SER B 353 17.32 32.24 -20.04
CA SER B 353 16.95 33.52 -19.46
C SER B 353 16.56 33.57 -17.99
N VAL B 354 16.11 32.44 -17.44
CA VAL B 354 15.65 32.42 -16.05
C VAL B 354 16.66 31.97 -14.99
N SER B 355 16.87 32.83 -14.00
CA SER B 355 17.79 32.52 -12.89
C SER B 355 17.06 32.53 -11.54
N GLU B 356 15.99 33.31 -11.43
CA GLU B 356 15.23 33.41 -10.17
C GLU B 356 14.53 32.11 -9.82
N GLU B 357 14.41 31.81 -8.53
CA GLU B 357 13.75 30.60 -8.11
C GLU B 357 12.94 30.68 -6.81
N PHE B 358 12.03 29.72 -6.65
CA PHE B 358 11.20 29.56 -5.46
C PHE B 358 11.38 28.08 -5.17
N ARG B 359 12.21 27.76 -4.18
CA ARG B 359 12.55 26.37 -3.86
C ARG B 359 12.01 25.94 -2.51
N ALA B 360 10.85 25.29 -2.54
CA ALA B 360 10.17 24.84 -1.31
C ALA B 360 10.82 23.58 -0.78
N ASP B 361 12.05 23.70 -0.31
CA ASP B 361 12.74 22.54 0.23
C ASP B 361 13.02 22.63 1.74
N HIS B 362 12.18 23.41 2.45
CA HIS B 362 12.20 23.54 3.91
C HIS B 362 10.73 23.86 4.28
N PRO B 363 10.32 23.65 5.56
CA PRO B 363 8.94 23.89 6.02
C PRO B 363 8.25 25.13 5.52
N PHE B 364 7.02 24.95 5.04
CA PHE B 364 6.27 26.07 4.52
C PHE B 364 4.80 25.95 4.87
N LEU B 365 4.07 27.04 4.72
CA LEU B 365 2.64 26.99 4.94
C LEU B 365 2.02 27.04 3.54
N PHE B 366 0.77 26.65 3.43
CA PHE B 366 0.11 26.73 2.14
C PHE B 366 -1.40 26.85 2.35
N CYS B 367 -2.06 27.41 1.36
CA CYS B 367 -3.48 27.68 1.44
C CYS B 367 -4.11 27.54 0.07
N ILE B 368 -5.25 26.88 -0.02
CA ILE B 368 -5.92 26.81 -1.33
C ILE B 368 -7.12 27.71 -1.17
N LYS B 369 -7.22 28.72 -2.03
CA LYS B 369 -8.35 29.61 -1.93
C LYS B 369 -9.24 29.68 -3.16
N HIS B 370 -10.46 30.14 -2.90
CA HIS B 370 -11.49 30.33 -3.93
C HIS B 370 -11.27 31.78 -4.39
N ILE B 371 -10.89 31.96 -5.65
CA ILE B 371 -10.57 33.27 -6.18
C ILE B 371 -11.68 34.32 -6.21
N ALA B 372 -12.89 33.94 -6.56
CA ALA B 372 -13.98 34.90 -6.65
C ALA B 372 -14.44 35.50 -5.32
N THR B 373 -14.19 34.80 -4.21
CA THR B 373 -14.62 35.25 -2.88
C THR B 373 -13.47 35.42 -1.90
N ASN B 374 -12.30 34.91 -2.26
CA ASN B 374 -11.12 34.93 -1.42
C ASN B 374 -11.24 34.04 -0.18
N ALA B 375 -12.26 33.19 -0.17
CA ALA B 375 -12.47 32.27 0.93
C ALA B 375 -11.38 31.20 0.93
N VAL B 376 -11.02 30.74 2.12
CA VAL B 376 -10.01 29.71 2.25
C VAL B 376 -10.70 28.34 2.21
N LEU B 377 -10.25 27.47 1.30
CA LEU B 377 -10.80 26.13 1.17
C LEU B 377 -9.98 25.12 1.99
N PHE B 378 -8.66 25.24 1.92
CA PHE B 378 -7.74 24.37 2.66
C PHE B 378 -6.57 25.19 3.20
N PHE B 379 -6.04 24.76 4.35
CA PHE B 379 -4.89 25.43 4.91
C PHE B 379 -4.01 24.34 5.46
N GLY B 380 -2.70 24.53 5.37
CA GLY B 380 -1.82 23.51 5.89
C GLY B 380 -0.42 23.98 6.18
N ARG B 381 0.31 23.13 6.89
CA ARG B 381 1.70 23.37 7.19
C ARG B 381 2.38 22.10 6.74
N CYS B 382 3.44 22.22 5.96
CA CYS B 382 4.17 21.05 5.49
C CYS B 382 5.56 21.09 6.17
N VAL B 383 5.86 20.13 7.05
CA VAL B 383 7.19 20.11 7.67
C VAL B 383 7.99 18.94 7.09
N SER B 384 7.27 17.95 6.57
CA SER B 384 7.91 16.78 5.97
C SER B 384 6.96 16.14 4.97
N PRO B 385 7.18 16.42 3.66
CA PRO B 385 6.39 15.93 2.53
C PRO B 385 6.17 14.42 2.51
N GLY C 1 -4.37 -22.25 -17.27
CA GLY C 1 -4.49 -20.76 -17.38
C GLY C 1 -4.55 -20.03 -16.06
N SER C 2 -3.90 -20.58 -15.04
CA SER C 2 -3.84 -19.98 -13.70
C SER C 2 -2.44 -20.21 -13.14
N ILE C 3 -2.03 -19.41 -12.16
CA ILE C 3 -0.70 -19.60 -11.59
C ILE C 3 -0.66 -20.93 -10.82
N GLY C 4 -1.83 -21.37 -10.34
CA GLY C 4 -1.92 -22.64 -9.63
C GLY C 4 -1.54 -23.80 -10.53
N ALA C 5 -2.22 -23.92 -11.67
CA ALA C 5 -1.91 -25.00 -12.60
C ALA C 5 -0.54 -24.81 -13.24
N ALA C 6 -0.19 -23.57 -13.58
CA ALA C 6 1.12 -23.30 -14.20
C ALA C 6 2.29 -23.69 -13.31
N SER C 7 2.27 -23.27 -12.06
CA SER C 7 3.35 -23.59 -11.14
C SER C 7 3.41 -25.09 -10.83
N MET C 8 2.25 -25.72 -10.77
CA MET C 8 2.19 -27.16 -10.49
C MET C 8 2.72 -27.99 -11.65
N GLU C 9 2.38 -27.59 -12.88
CA GLU C 9 2.87 -28.31 -14.05
C GLU C 9 4.38 -28.10 -14.16
N PHE C 10 4.83 -26.85 -13.97
CA PHE C 10 6.27 -26.54 -14.02
C PHE C 10 7.01 -27.33 -12.95
N CYS C 11 6.41 -27.33 -11.75
CA CYS C 11 6.98 -28.04 -10.60
C CYS C 11 7.19 -29.55 -10.90
N PHE C 12 6.17 -30.21 -11.45
CA PHE C 12 6.32 -31.62 -11.75
C PHE C 12 7.29 -31.92 -12.88
N ASP C 13 7.41 -31.00 -13.84
CA ASP C 13 8.38 -31.18 -14.92
C ASP C 13 9.80 -31.10 -14.34
N VAL C 14 10.03 -30.18 -13.41
CA VAL C 14 11.34 -30.08 -12.78
C VAL C 14 11.61 -31.37 -11.99
N PHE C 15 10.61 -31.84 -11.26
CA PHE C 15 10.79 -33.05 -10.45
C PHE C 15 11.16 -34.26 -11.34
N LYS C 16 10.51 -34.40 -12.48
CA LYS C 16 10.81 -35.52 -13.37
C LYS C 16 12.27 -35.49 -13.82
N GLU C 17 12.80 -34.30 -14.07
CA GLU C 17 14.19 -34.19 -14.49
C GLU C 17 15.13 -34.47 -13.35
N LEU C 18 14.82 -33.91 -12.17
CA LEU C 18 15.68 -34.12 -11.00
C LEU C 18 15.71 -35.59 -10.57
N LYS C 19 14.59 -36.29 -10.70
CA LYS C 19 14.52 -37.70 -10.33
C LYS C 19 15.56 -38.54 -11.08
N VAL C 20 15.84 -38.13 -12.31
CA VAL C 20 16.80 -38.83 -13.16
C VAL C 20 18.18 -38.90 -12.54
N HIS C 21 18.67 -37.76 -12.08
CA HIS C 21 20.01 -37.65 -11.55
C HIS C 21 20.16 -37.56 -10.05
N HIS C 22 19.07 -37.73 -9.31
CA HIS C 22 19.22 -37.65 -7.86
C HIS C 22 18.49 -38.78 -7.19
N ALA C 23 18.79 -39.99 -7.63
CA ALA C 23 18.15 -41.16 -7.04
C ALA C 23 18.61 -41.22 -5.59
N ASN C 24 17.71 -41.66 -4.70
CA ASN C 24 17.97 -41.84 -3.27
C ASN C 24 18.47 -40.64 -2.50
N GLU C 25 18.22 -39.45 -3.01
CA GLU C 25 18.68 -38.25 -2.32
C GLU C 25 17.51 -37.34 -1.98
N ASN C 26 17.72 -36.48 -1.00
CA ASN C 26 16.69 -35.50 -0.68
C ASN C 26 16.63 -34.58 -1.89
N ILE C 27 15.43 -34.05 -2.16
CA ILE C 27 15.22 -33.09 -3.24
C ILE C 27 14.42 -31.96 -2.59
N PHE C 28 14.76 -30.72 -2.89
CA PHE C 28 14.03 -29.59 -2.33
C PHE C 28 14.26 -28.37 -3.21
N TYR C 29 13.18 -27.74 -3.67
CA TYR C 29 13.32 -26.56 -4.53
C TYR C 29 12.09 -25.66 -4.50
N CYS C 30 12.24 -24.44 -4.99
CA CYS C 30 11.17 -23.44 -4.95
C CYS C 30 10.70 -23.12 -6.39
N PRO C 31 9.63 -23.80 -6.87
CA PRO C 31 9.15 -23.54 -8.24
C PRO C 31 8.83 -22.07 -8.53
N ILE C 32 8.10 -21.44 -7.61
CA ILE C 32 7.70 -20.05 -7.81
C ILE C 32 8.92 -19.13 -7.97
N ALA C 33 9.95 -19.32 -7.16
CA ALA C 33 11.16 -18.53 -7.27
C ALA C 33 11.84 -18.76 -8.64
N ILE C 34 11.89 -20.00 -9.10
CA ILE C 34 12.52 -20.26 -10.38
C ILE C 34 11.73 -19.57 -11.50
N MET C 35 10.41 -19.66 -11.43
CA MET C 35 9.59 -19.05 -12.47
C MET C 35 9.80 -17.54 -12.52
N SER C 36 9.97 -16.90 -11.36
CA SER C 36 10.16 -15.45 -11.37
C SER C 36 11.52 -15.08 -11.96
N ALA C 37 12.54 -15.88 -11.70
CA ALA C 37 13.85 -15.58 -12.28
C ALA C 37 13.76 -15.72 -13.80
N LEU C 38 13.15 -16.79 -14.29
CA LEU C 38 13.03 -16.95 -15.74
C LEU C 38 12.10 -15.90 -16.35
N ALA C 39 11.13 -15.41 -15.59
CA ALA C 39 10.23 -14.37 -16.09
C ALA C 39 11.05 -13.07 -16.31
N MET C 40 12.05 -12.85 -15.46
CA MET C 40 12.89 -11.67 -15.56
C MET C 40 13.75 -11.74 -16.83
N VAL C 41 14.22 -12.95 -17.15
CA VAL C 41 15.02 -13.19 -18.34
C VAL C 41 14.09 -13.06 -19.57
N TYR C 42 12.94 -13.68 -19.46
CA TYR C 42 11.93 -13.69 -20.50
C TYR C 42 11.63 -12.28 -21.06
N LEU C 43 11.58 -11.31 -20.18
CA LEU C 43 11.29 -9.94 -20.58
C LEU C 43 12.24 -9.41 -21.66
N GLY C 44 13.48 -9.88 -21.66
CA GLY C 44 14.46 -9.41 -22.63
C GLY C 44 14.81 -10.39 -23.73
N ALA C 45 14.08 -11.50 -23.83
CA ALA C 45 14.35 -12.51 -24.85
C ALA C 45 13.43 -12.32 -26.07
N LYS C 46 13.92 -12.78 -27.21
CA LYS C 46 13.15 -12.68 -28.47
C LYS C 46 13.20 -13.98 -29.23
N ASP C 47 12.35 -14.11 -30.24
CA ASP C 47 12.30 -15.26 -31.12
C ASP C 47 12.30 -16.62 -30.43
N SER C 48 13.11 -17.55 -30.92
CA SER C 48 13.18 -18.90 -30.35
C SER C 48 13.56 -18.95 -28.86
N THR C 49 14.48 -18.10 -28.46
CA THR C 49 14.90 -18.03 -27.08
C THR C 49 13.68 -17.78 -26.17
N ARG C 50 12.88 -16.80 -26.56
CA ARG C 50 11.67 -16.44 -25.82
C ARG C 50 10.63 -17.55 -25.91
N THR C 51 10.45 -18.10 -27.10
CA THR C 51 9.49 -19.18 -27.31
C THR C 51 9.68 -20.37 -26.35
N GLN C 52 10.93 -20.83 -26.24
CA GLN C 52 11.24 -21.98 -25.38
C GLN C 52 10.93 -21.74 -23.92
N ILE C 53 11.28 -20.54 -23.44
CA ILE C 53 11.01 -20.20 -22.03
C ILE C 53 9.51 -20.15 -21.80
N ASN C 54 8.79 -19.49 -22.71
CA ASN C 54 7.33 -19.35 -22.62
C ASN C 54 6.64 -20.71 -22.51
N LYS C 55 7.05 -21.65 -23.35
CA LYS C 55 6.45 -22.97 -23.35
C LYS C 55 6.82 -23.80 -22.12
N VAL C 56 8.11 -23.92 -21.86
CA VAL C 56 8.62 -24.70 -20.76
C VAL C 56 8.25 -24.19 -19.39
N VAL C 57 8.19 -22.87 -19.20
CA VAL C 57 7.84 -22.38 -17.88
C VAL C 57 6.35 -22.11 -17.72
N ARG C 58 5.59 -22.46 -18.75
CA ARG C 58 4.14 -22.30 -18.75
C ARG C 58 3.62 -20.88 -18.53
N PHE C 59 4.24 -19.90 -19.19
CA PHE C 59 3.78 -18.52 -19.07
C PHE C 59 2.57 -18.38 -19.98
N ASP C 60 2.44 -19.33 -20.90
CA ASP C 60 1.36 -19.38 -21.87
C ASP C 60 0.11 -18.55 -21.57
N LYS C 61 -0.86 -19.18 -20.92
CA LYS C 61 -2.12 -18.52 -20.61
C LYS C 61 -2.11 -17.72 -19.31
N LEU C 62 -0.94 -17.57 -18.68
CA LEU C 62 -0.86 -16.84 -17.42
C LEU C 62 -1.28 -15.38 -17.45
N PRO C 63 -2.10 -14.96 -16.47
CA PRO C 63 -2.55 -13.57 -16.40
C PRO C 63 -1.36 -12.62 -16.13
N GLY C 64 -1.24 -11.56 -16.93
CA GLY C 64 -0.15 -10.62 -16.76
C GLY C 64 0.98 -10.81 -17.75
N PHE C 65 0.92 -11.93 -18.49
CA PHE C 65 1.94 -12.25 -19.48
C PHE C 65 1.38 -12.12 -20.89
N GLY C 66 2.28 -11.96 -21.86
CA GLY C 66 1.86 -11.85 -23.25
C GLY C 66 1.75 -10.43 -23.80
N ASP C 67 1.39 -10.37 -25.08
CA ASP C 67 1.18 -9.15 -25.87
C ASP C 67 1.87 -7.85 -25.45
N ILE C 69 0.90 -6.05 -22.90
CA ILE C 69 0.79 -5.79 -21.48
C ILE C 69 2.22 -5.79 -20.98
N GLU C 70 3.04 -6.64 -21.59
CA GLU C 70 4.46 -6.74 -21.26
C GLU C 70 5.15 -5.51 -21.83
N ALA C 71 4.47 -4.84 -22.74
CA ALA C 71 4.99 -3.63 -23.37
C ALA C 71 4.57 -2.43 -22.54
N GLN C 72 3.72 -2.68 -21.54
CA GLN C 72 3.23 -1.64 -20.65
C GLN C 72 4.03 -1.61 -19.37
N CYS C 73 5.16 -2.31 -19.37
CA CYS C 73 6.02 -2.34 -18.20
C CYS C 73 6.59 -0.93 -18.04
N GLY C 74 6.96 -0.32 -19.17
CA GLY C 74 7.51 1.03 -19.14
C GLY C 74 6.52 2.11 -18.79
N THR C 75 5.61 1.81 -17.85
CA THR C 75 4.60 2.78 -17.39
C THR C 75 4.34 2.61 -15.89
N SER C 76 3.40 1.71 -15.54
CA SER C 76 3.05 1.44 -14.14
C SER C 76 1.85 0.52 -14.02
N VAL C 77 1.86 -0.58 -14.77
CA VAL C 77 0.78 -1.56 -14.73
C VAL C 77 1.26 -2.88 -14.11
N ASN C 78 0.32 -3.63 -13.55
CA ASN C 78 0.65 -4.90 -12.92
C ASN C 78 1.03 -6.01 -13.90
N VAL C 79 2.16 -5.83 -14.59
CA VAL C 79 2.65 -6.83 -15.53
C VAL C 79 3.07 -8.04 -14.70
N HIS C 80 2.86 -9.25 -15.22
CA HIS C 80 3.22 -10.47 -14.51
C HIS C 80 2.50 -10.60 -13.15
N SER C 81 1.34 -9.97 -13.03
CA SER C 81 0.59 -9.98 -11.77
C SER C 81 0.40 -11.35 -11.11
N SER C 82 -0.14 -12.31 -11.85
CA SER C 82 -0.40 -13.62 -11.26
C SER C 82 0.81 -14.19 -10.53
N LEU C 83 2.03 -13.89 -11.01
CA LEU C 83 3.25 -14.38 -10.39
C LEU C 83 3.79 -13.41 -9.33
N ARG C 84 3.92 -12.16 -9.72
CA ARG C 84 4.44 -11.14 -8.82
C ARG C 84 3.54 -10.85 -7.61
N ASP C 85 2.25 -11.11 -7.73
CA ASP C 85 1.34 -10.87 -6.62
C ASP C 85 1.69 -11.80 -5.45
N ILE C 86 2.01 -13.05 -5.77
CA ILE C 86 2.37 -14.01 -4.75
C ILE C 86 3.69 -13.61 -4.08
N LEU C 87 4.72 -13.41 -4.91
CA LEU C 87 6.05 -13.03 -4.46
C LEU C 87 6.05 -11.77 -3.59
N ASN C 88 5.34 -10.73 -4.04
CA ASN C 88 5.28 -9.51 -3.27
C ASN C 88 4.65 -9.79 -1.91
N GLN C 89 3.58 -10.58 -1.89
CA GLN C 89 2.92 -10.92 -0.64
C GLN C 89 3.81 -11.68 0.37
N ILE C 90 4.48 -12.73 -0.08
CA ILE C 90 5.28 -13.53 0.83
C ILE C 90 6.63 -12.97 1.28
N THR C 91 7.11 -11.92 0.62
CA THR C 91 8.39 -11.32 1.01
C THR C 91 8.22 -10.14 1.95
N LYS C 92 6.98 -9.70 2.15
CA LYS C 92 6.70 -8.58 3.03
C LYS C 92 6.86 -9.04 4.49
N PRO C 93 7.46 -8.20 5.34
CA PRO C 93 7.68 -8.50 6.76
C PRO C 93 6.35 -8.84 7.42
N ASN C 94 6.33 -9.88 8.24
CA ASN C 94 5.10 -10.25 8.93
C ASN C 94 5.48 -10.98 10.21
N ASP C 95 4.51 -11.32 11.05
CA ASP C 95 4.85 -11.95 12.32
C ASP C 95 4.67 -13.48 12.37
N VAL C 96 4.49 -14.11 11.22
CA VAL C 96 4.30 -15.56 11.23
C VAL C 96 5.31 -16.40 10.41
N TYR C 97 5.96 -15.79 9.43
CA TYR C 97 6.93 -16.54 8.64
C TYR C 97 7.91 -15.61 7.98
N SER C 98 9.00 -16.17 7.46
CA SER C 98 10.01 -15.35 6.80
C SER C 98 10.38 -16.07 5.50
N PHE C 99 10.40 -15.29 4.43
CA PHE C 99 10.68 -15.77 3.09
C PHE C 99 11.69 -14.80 2.53
N SER C 100 12.95 -15.22 2.44
CA SER C 100 14.02 -14.36 1.92
C SER C 100 14.40 -14.85 0.52
N LEU C 101 14.33 -13.93 -0.44
CA LEU C 101 14.62 -14.25 -1.83
C LEU C 101 15.78 -13.43 -2.34
N ALA C 102 16.76 -14.12 -2.92
CA ALA C 102 17.96 -13.52 -3.50
C ALA C 102 17.94 -13.99 -4.98
N SER C 103 17.39 -13.17 -5.87
CA SER C 103 17.27 -13.51 -7.29
C SER C 103 17.81 -12.37 -8.13
N ARG C 104 18.81 -12.67 -8.96
CA ARG C 104 19.43 -11.62 -9.73
C ARG C 104 20.19 -12.12 -10.95
N LEU C 105 20.22 -11.27 -11.97
CA LEU C 105 20.95 -11.55 -13.19
C LEU C 105 22.19 -10.66 -13.18
N TYR C 106 23.38 -11.24 -13.09
CA TYR C 106 24.62 -10.48 -13.14
C TYR C 106 25.08 -10.48 -14.59
N ALA C 107 25.38 -9.30 -15.15
CA ALA C 107 25.82 -9.24 -16.55
C ALA C 107 27.17 -8.52 -16.69
N GLU C 108 27.98 -8.98 -17.65
CA GLU C 108 29.30 -8.38 -17.91
C GLU C 108 29.13 -6.86 -18.02
N GLU C 109 29.87 -6.11 -17.20
CA GLU C 109 29.77 -4.65 -17.17
C GLU C 109 29.99 -3.95 -18.51
N ARG C 110 30.73 -4.60 -19.41
CA ARG C 110 31.02 -4.01 -20.72
C ARG C 110 29.83 -4.04 -21.66
N TYR C 111 28.83 -4.88 -21.36
CA TYR C 111 27.64 -4.94 -22.22
C TYR C 111 26.69 -3.77 -21.92
N PRO C 112 26.37 -2.97 -22.93
CA PRO C 112 25.47 -1.84 -22.70
C PRO C 112 24.05 -2.39 -22.63
N ILE C 113 23.37 -2.10 -21.54
CA ILE C 113 22.01 -2.60 -21.32
C ILE C 113 20.98 -1.62 -21.87
N LEU C 114 19.90 -2.14 -22.47
CA LEU C 114 18.88 -1.25 -22.99
C LEU C 114 18.14 -0.64 -21.82
N PRO C 115 17.97 0.70 -21.83
CA PRO C 115 17.28 1.35 -20.71
C PRO C 115 15.86 0.87 -20.45
N GLU C 116 15.15 0.48 -21.52
CA GLU C 116 13.77 0.01 -21.38
C GLU C 116 13.72 -1.30 -20.60
N TYR C 117 14.74 -2.13 -20.80
CA TYR C 117 14.81 -3.40 -20.07
C TYR C 117 15.05 -3.03 -18.59
N LEU C 118 16.06 -2.23 -18.33
CA LEU C 118 16.37 -1.81 -16.96
C LEU C 118 15.15 -1.15 -16.33
N GLN C 119 14.38 -0.42 -17.12
CA GLN C 119 13.17 0.20 -16.59
C GLN C 119 12.24 -0.89 -16.10
N CYS C 120 11.97 -1.85 -16.98
CA CYS C 120 11.05 -2.93 -16.66
C CYS C 120 11.46 -3.75 -15.42
N VAL C 121 12.72 -4.11 -15.32
CA VAL C 121 13.20 -4.88 -14.16
C VAL C 121 13.10 -4.12 -12.84
N LYS C 122 13.40 -2.82 -12.85
CA LYS C 122 13.35 -2.05 -11.61
C LYS C 122 11.91 -1.91 -11.12
N GLU C 123 10.95 -2.08 -12.01
CA GLU C 123 9.56 -1.95 -11.65
C GLU C 123 8.88 -3.25 -11.23
N LEU C 124 9.31 -4.37 -11.83
CA LEU C 124 8.70 -5.67 -11.56
C LEU C 124 9.51 -6.60 -10.66
N TYR C 125 10.83 -6.58 -10.85
CA TYR C 125 11.73 -7.43 -10.08
C TYR C 125 12.88 -6.58 -9.54
N ARG C 126 12.51 -5.52 -8.83
CA ARG C 126 13.47 -4.57 -8.26
C ARG C 126 14.81 -5.18 -7.88
N GLY C 127 15.89 -4.67 -8.50
CA GLY C 127 17.23 -5.16 -8.22
C GLY C 127 17.63 -6.39 -9.03
N GLY C 128 16.86 -6.70 -10.06
CA GLY C 128 17.13 -7.86 -10.89
C GLY C 128 18.40 -7.95 -11.72
N LEU C 129 18.84 -6.87 -12.38
CA LEU C 129 20.06 -6.93 -13.20
C LEU C 129 21.18 -6.09 -12.56
N GLU C 130 22.36 -6.69 -12.41
CA GLU C 130 23.50 -6.01 -11.79
C GLU C 130 24.75 -6.18 -12.67
N PRO C 131 25.37 -5.05 -13.10
CA PRO C 131 26.58 -5.11 -13.93
C PRO C 131 27.74 -5.61 -13.08
N ILE C 132 28.68 -6.33 -13.67
CA ILE C 132 29.81 -6.82 -12.89
C ILE C 132 30.98 -7.09 -13.82
N ASN C 133 32.21 -6.95 -13.31
CA ASN C 133 33.38 -7.17 -14.15
C ASN C 133 33.83 -8.61 -14.25
N PHE C 134 33.32 -9.36 -15.22
CA PHE C 134 33.75 -10.76 -15.38
C PHE C 134 35.06 -10.79 -16.19
N GLN C 135 35.10 -10.06 -17.28
CA GLN C 135 36.27 -10.07 -18.17
C GLN C 135 37.66 -9.90 -17.55
N THR C 136 37.85 -8.91 -16.68
CA THR C 136 39.18 -8.74 -16.10
C THR C 136 39.31 -9.01 -14.61
N ALA C 137 38.26 -9.56 -14.00
CA ALA C 137 38.31 -9.88 -12.57
C ALA C 137 37.35 -11.03 -12.25
N ALA C 138 37.43 -12.11 -13.04
CA ALA C 138 36.53 -13.24 -12.85
C ALA C 138 36.37 -13.75 -11.44
N ASP C 139 37.47 -14.14 -10.80
CA ASP C 139 37.39 -14.71 -9.45
C ASP C 139 36.86 -13.74 -8.42
N GLN C 140 37.10 -12.45 -8.63
CA GLN C 140 36.61 -11.42 -7.71
C GLN C 140 35.10 -11.34 -7.85
N ALA C 141 34.64 -11.37 -9.10
CA ALA C 141 33.21 -11.30 -9.41
C ALA C 141 32.46 -12.46 -8.77
N ARG C 142 33.05 -13.65 -8.83
CA ARG C 142 32.44 -14.83 -8.24
C ARG C 142 32.28 -14.61 -6.75
N GLU C 143 33.36 -14.16 -6.09
CA GLU C 143 33.32 -13.86 -4.67
C GLU C 143 32.26 -12.79 -4.36
N LEU C 144 32.15 -11.78 -5.19
CA LEU C 144 31.14 -10.75 -4.98
C LEU C 144 29.74 -11.37 -5.02
N ILE C 145 29.49 -12.15 -6.07
CA ILE C 145 28.17 -12.76 -6.20
C ILE C 145 27.85 -13.66 -5.00
N ASN C 146 28.78 -14.52 -4.63
CA ASN C 146 28.62 -15.45 -3.51
C ASN C 146 28.39 -14.67 -2.22
N SER C 147 29.10 -13.56 -2.06
CA SER C 147 28.96 -12.75 -0.84
C SER C 147 27.59 -12.09 -0.76
N TRP C 148 27.07 -11.65 -1.90
CA TRP C 148 25.76 -11.02 -1.93
C TRP C 148 24.68 -12.02 -1.56
N VAL C 149 24.68 -13.19 -2.18
CA VAL C 149 23.69 -14.21 -1.83
C VAL C 149 23.78 -14.56 -0.33
N GLU C 150 24.99 -14.79 0.17
CA GLU C 150 25.16 -15.15 1.57
C GLU C 150 24.64 -14.04 2.45
N SER C 151 25.01 -12.81 2.09
CA SER C 151 24.58 -11.64 2.84
C SER C 151 23.06 -11.54 2.88
N GLN C 152 22.42 -11.80 1.75
CA GLN C 152 20.97 -11.73 1.67
C GLN C 152 20.23 -12.90 2.32
N THR C 153 20.95 -13.96 2.66
CA THR C 153 20.28 -15.11 3.28
C THR C 153 20.71 -15.35 4.74
N ASN C 154 21.24 -14.31 5.37
CA ASN C 154 21.69 -14.36 6.78
C ASN C 154 22.78 -15.39 6.99
N GLY C 155 23.69 -15.48 6.03
CA GLY C 155 24.77 -16.42 6.11
C GLY C 155 24.38 -17.85 5.84
N ILE C 156 23.12 -18.09 5.47
CA ILE C 156 22.67 -19.47 5.23
C ILE C 156 23.10 -20.09 3.92
N ILE C 157 22.89 -19.41 2.80
CA ILE C 157 23.30 -19.99 1.51
C ILE C 157 24.65 -19.40 1.12
N ARG C 158 25.67 -20.24 1.29
CA ARG C 158 27.05 -19.87 1.05
C ARG C 158 27.68 -20.54 -0.18
N ASN C 159 28.67 -19.87 -0.76
CA ASN C 159 29.40 -20.37 -1.92
C ASN C 159 28.47 -20.92 -3.02
N VAL C 160 27.43 -20.18 -3.36
CA VAL C 160 26.48 -20.63 -4.37
C VAL C 160 27.16 -20.95 -5.72
N LEU C 161 28.23 -20.22 -6.08
CA LEU C 161 28.98 -20.50 -7.32
C LEU C 161 30.30 -21.18 -6.94
N GLN C 162 30.59 -22.37 -7.48
CA GLN C 162 31.84 -23.03 -7.13
C GLN C 162 33.06 -22.49 -7.86
N PRO C 163 34.26 -22.81 -7.37
CA PRO C 163 35.48 -22.34 -8.02
C PRO C 163 35.51 -22.83 -9.46
N SER C 165 33.67 -21.70 -11.98
CA SER C 165 32.40 -21.52 -12.68
C SER C 165 32.28 -20.18 -13.37
N VAL C 166 33.18 -19.28 -13.02
CA VAL C 166 33.20 -17.94 -13.59
C VAL C 166 34.58 -17.71 -14.19
N ASP C 167 34.61 -17.17 -15.40
CA ASP C 167 35.88 -16.90 -16.04
C ASP C 167 35.79 -15.67 -16.90
N SER C 168 36.88 -15.38 -17.60
CA SER C 168 36.98 -14.21 -18.45
C SER C 168 35.88 -14.13 -19.51
N GLN C 169 35.39 -15.27 -19.95
CA GLN C 169 34.36 -15.33 -20.98
C GLN C 169 32.92 -15.38 -20.47
N THR C 170 32.74 -15.34 -19.15
CA THR C 170 31.40 -15.34 -18.58
C THR C 170 30.59 -14.13 -19.07
N ALA C 171 29.37 -14.36 -19.55
CA ALA C 171 28.52 -13.28 -20.04
C ALA C 171 27.50 -12.83 -18.98
N MET C 172 26.65 -13.76 -18.56
CA MET C 172 25.63 -13.45 -17.57
C MET C 172 25.49 -14.64 -16.62
N VAL C 173 25.21 -14.34 -15.36
CA VAL C 173 25.02 -15.36 -14.34
C VAL C 173 23.70 -15.10 -13.62
N LEU C 174 22.86 -16.14 -13.56
CA LEU C 174 21.58 -16.05 -12.88
C LEU C 174 21.73 -16.78 -11.53
N VAL C 175 21.40 -16.10 -10.43
CA VAL C 175 21.42 -16.72 -9.11
C VAL C 175 20.01 -16.62 -8.57
N ASN C 176 19.54 -17.68 -7.95
CA ASN C 176 18.17 -17.70 -7.45
C ASN C 176 18.20 -18.52 -6.17
N ALA C 177 18.27 -17.83 -5.03
CA ALA C 177 18.37 -18.48 -3.72
C ALA C 177 17.21 -18.07 -2.80
N ILE C 178 16.72 -19.02 -2.01
CA ILE C 178 15.59 -18.70 -1.17
C ILE C 178 15.70 -19.42 0.16
N VAL C 179 15.29 -18.73 1.22
CA VAL C 179 15.29 -19.28 2.58
C VAL C 179 13.88 -19.10 3.12
N PHE C 180 13.34 -20.13 3.76
CA PHE C 180 11.98 -20.05 4.33
C PHE C 180 11.95 -20.67 5.73
N LYS C 181 11.18 -20.03 6.59
CA LYS C 181 10.99 -20.51 7.94
C LYS C 181 9.62 -20.01 8.30
N GLY C 182 8.74 -20.92 8.72
CA GLY C 182 7.40 -20.51 9.08
C GLY C 182 6.88 -21.19 10.31
N LEU C 183 5.98 -20.51 11.00
CA LEU C 183 5.36 -21.02 12.20
C LEU C 183 4.14 -21.86 11.86
N TRP C 184 3.96 -22.99 12.53
CA TRP C 184 2.75 -23.78 12.32
C TRP C 184 1.62 -23.06 13.03
N GLU C 185 0.40 -23.36 12.62
CA GLU C 185 -0.74 -22.81 13.32
C GLU C 185 -0.78 -23.57 14.67
N LYS C 186 -0.71 -24.91 14.60
CA LYS C 186 -0.72 -25.81 15.77
C LYS C 186 0.69 -26.26 16.09
N ALA C 187 1.27 -25.70 17.14
CA ALA C 187 2.64 -26.02 17.51
C ALA C 187 2.78 -27.44 18.03
N PHE C 188 3.98 -27.99 17.88
CA PHE C 188 4.31 -29.29 18.42
C PHE C 188 5.02 -28.92 19.73
N LYS C 189 4.82 -29.69 20.79
CA LYS C 189 5.51 -29.39 22.06
C LYS C 189 6.91 -29.99 22.05
N ASP C 190 7.92 -29.22 22.45
CA ASP C 190 9.28 -29.74 22.48
C ASP C 190 9.38 -31.01 23.32
N GLU C 191 8.60 -31.06 24.41
CA GLU C 191 8.62 -32.23 25.28
C GLU C 191 8.09 -33.49 24.59
N ASP C 192 7.30 -33.33 23.53
CA ASP C 192 6.75 -34.49 22.83
C ASP C 192 7.64 -35.03 21.72
N THR C 193 8.74 -34.33 21.40
CA THR C 193 9.69 -34.76 20.36
C THR C 193 10.62 -35.79 20.97
N GLN C 194 10.83 -36.90 20.27
CA GLN C 194 11.68 -37.98 20.77
C GLN C 194 12.55 -38.54 19.66
N ALA C 195 13.69 -39.09 20.02
CA ALA C 195 14.57 -39.71 19.05
C ALA C 195 13.86 -41.00 18.58
N MET C 196 13.61 -41.09 17.28
CA MET C 196 12.93 -42.24 16.69
C MET C 196 13.57 -42.58 15.35
N PRO C 197 13.39 -43.81 14.90
CA PRO C 197 13.97 -44.22 13.63
C PRO C 197 13.20 -43.72 12.40
N PHE C 198 13.94 -43.43 11.35
CA PHE C 198 13.36 -43.05 10.08
C PHE C 198 13.94 -44.16 9.19
N ARG C 199 13.06 -44.98 8.66
CA ARG C 199 13.45 -46.11 7.83
C ARG C 199 13.79 -45.61 6.44
N VAL C 200 15.07 -45.35 6.18
CA VAL C 200 15.54 -44.88 4.87
C VAL C 200 15.34 -45.97 3.84
N THR C 201 15.83 -47.17 4.16
CA THR C 201 15.66 -48.33 3.31
C THR C 201 15.25 -49.43 4.30
N GLU C 202 14.76 -50.56 3.81
CA GLU C 202 14.31 -51.62 4.73
C GLU C 202 15.36 -52.08 5.73
N GLN C 203 16.64 -51.83 5.44
CA GLN C 203 17.73 -52.21 6.34
C GLN C 203 18.24 -51.02 7.15
N GLU C 204 18.35 -49.85 6.52
CA GLU C 204 18.84 -48.65 7.22
C GLU C 204 17.73 -47.86 7.93
N SER C 205 17.97 -47.58 9.20
CA SER C 205 17.02 -46.82 10.02
C SER C 205 17.82 -45.75 10.74
N LYS C 206 17.63 -44.51 10.34
CA LYS C 206 18.36 -43.39 10.90
C LYS C 206 17.70 -42.74 12.11
N PRO C 207 18.49 -42.42 13.15
CA PRO C 207 17.86 -41.78 14.30
C PRO C 207 17.51 -40.33 13.93
N VAL C 208 16.28 -39.92 14.18
CA VAL C 208 15.89 -38.54 13.90
C VAL C 208 15.03 -38.03 15.04
N GLN C 209 14.90 -36.71 15.15
CA GLN C 209 14.08 -36.12 16.18
C GLN C 209 12.69 -36.10 15.62
N MET C 210 11.82 -36.96 16.15
CA MET C 210 10.47 -37.05 15.66
C MET C 210 9.46 -36.28 16.50
N MET C 211 8.87 -35.23 15.91
CA MET C 211 7.86 -34.42 16.60
C MET C 211 6.54 -35.18 16.65
N TYR C 212 5.71 -34.86 17.65
CA TYR C 212 4.43 -35.53 17.85
C TYR C 212 3.32 -34.64 18.39
N GLN C 213 2.11 -34.87 17.89
CA GLN C 213 0.96 -34.14 18.38
C GLN C 213 -0.34 -34.83 17.91
N ILE C 214 -1.39 -34.71 18.72
CA ILE C 214 -2.66 -35.28 18.36
C ILE C 214 -3.63 -34.13 18.28
N GLY C 215 -4.44 -34.12 17.22
CA GLY C 215 -5.41 -33.06 17.04
C GLY C 215 -6.18 -33.22 15.75
N LEU C 216 -6.95 -32.18 15.39
CA LEU C 216 -7.76 -32.19 14.19
C LEU C 216 -6.99 -31.71 12.97
N PHE C 217 -6.84 -32.59 11.98
CA PHE C 217 -6.13 -32.25 10.75
C PHE C 217 -6.87 -32.80 9.54
N ARG C 218 -6.72 -32.12 8.41
CA ARG C 218 -7.31 -32.59 7.16
C ARG C 218 -6.40 -33.70 6.65
N VAL C 219 -7.00 -34.84 6.34
CA VAL C 219 -6.26 -35.99 5.85
C VAL C 219 -7.05 -36.77 4.79
N ALA C 220 -6.35 -37.40 3.86
CA ALA C 220 -7.02 -38.23 2.86
C ALA C 220 -6.28 -39.55 2.80
N SER C 221 -7.03 -40.63 2.70
CA SER C 221 -6.44 -41.96 2.59
C SER C 221 -6.79 -42.42 1.17
N MET C 222 -5.76 -42.55 0.33
CA MET C 222 -5.97 -42.97 -1.04
C MET C 222 -5.67 -44.47 -1.15
N ALA C 223 -6.65 -45.28 -0.74
CA ALA C 223 -6.53 -46.73 -0.77
C ALA C 223 -5.94 -47.25 -2.08
N SER C 224 -6.44 -46.75 -3.19
CA SER C 224 -5.96 -47.16 -4.51
C SER C 224 -4.43 -47.04 -4.65
N GLU C 225 -3.90 -45.85 -4.39
CA GLU C 225 -2.46 -45.59 -4.49
C GLU C 225 -1.70 -46.03 -3.24
N LYS C 226 -2.42 -46.59 -2.26
CA LYS C 226 -1.78 -47.02 -1.02
C LYS C 226 -0.89 -45.91 -0.43
N MET C 227 -1.53 -44.78 -0.14
CA MET C 227 -0.83 -43.63 0.44
C MET C 227 -1.83 -42.77 1.19
N LYS C 228 -1.30 -41.86 1.99
CA LYS C 228 -2.14 -40.94 2.74
C LYS C 228 -1.56 -39.56 2.55
N ILE C 229 -2.39 -38.55 2.68
CA ILE C 229 -1.92 -37.19 2.55
C ILE C 229 -2.37 -36.45 3.80
N LEU C 230 -1.48 -35.67 4.37
CA LEU C 230 -1.80 -34.90 5.55
C LEU C 230 -1.55 -33.43 5.18
N GLU C 231 -2.43 -32.55 5.62
CA GLU C 231 -2.25 -31.13 5.38
C GLU C 231 -2.01 -30.46 6.72
N LEU C 232 -0.88 -29.76 6.85
CA LEU C 232 -0.52 -29.03 8.07
C LEU C 232 -0.49 -27.53 7.75
N PRO C 233 -1.43 -26.75 8.31
CA PRO C 233 -1.52 -25.30 8.07
C PRO C 233 -0.43 -24.49 8.78
N PHE C 234 0.10 -23.48 8.09
CA PHE C 234 1.08 -22.59 8.71
C PHE C 234 0.29 -21.42 9.30
N ALA C 235 0.87 -20.76 10.30
CA ALA C 235 0.21 -19.61 10.94
C ALA C 235 0.06 -18.53 9.86
N GLY C 237 -2.67 -18.38 7.86
CA GLY C 237 -3.75 -18.83 6.99
C GLY C 237 -3.46 -18.70 5.50
N THR C 238 -2.21 -18.46 5.11
CA THR C 238 -1.90 -18.28 3.71
C THR C 238 -1.18 -19.43 3.02
N MET C 239 -0.53 -20.30 3.81
CA MET C 239 0.19 -21.45 3.22
C MET C 239 -0.06 -22.68 4.08
N SER C 240 0.16 -23.84 3.49
CA SER C 240 0.01 -25.08 4.21
C SER C 240 0.99 -26.06 3.59
N MET C 241 1.41 -27.06 4.37
CA MET C 241 2.31 -28.09 3.88
C MET C 241 1.48 -29.36 3.65
N LEU C 242 1.68 -30.01 2.53
CA LEU C 242 1.01 -31.26 2.26
C LEU C 242 2.08 -32.34 2.36
N VAL C 243 1.80 -33.43 3.07
CA VAL C 243 2.77 -34.51 3.15
C VAL C 243 2.15 -35.77 2.50
N LEU C 244 2.83 -36.30 1.47
CA LEU C 244 2.35 -37.48 0.72
C LEU C 244 3.18 -38.66 1.17
N LEU C 245 2.52 -39.54 1.91
CA LEU C 245 3.19 -40.66 2.52
C LEU C 245 2.73 -42.04 2.04
N PRO C 246 3.64 -42.81 1.44
CA PRO C 246 3.30 -44.14 0.94
C PRO C 246 3.02 -45.03 2.16
N ASP C 247 2.08 -45.96 2.02
CA ASP C 247 1.78 -46.85 3.12
C ASP C 247 2.96 -47.73 3.45
N GLU C 248 3.69 -48.12 2.41
CA GLU C 248 4.84 -49.00 2.57
C GLU C 248 6.17 -48.30 2.72
N VAL C 249 6.98 -48.86 3.61
CA VAL C 249 8.30 -48.36 3.94
C VAL C 249 9.10 -47.95 2.71
N SER C 250 8.96 -48.70 1.63
CA SER C 250 9.69 -48.38 0.41
C SER C 250 8.76 -48.23 -0.78
N GLY C 251 7.59 -47.66 -0.53
CA GLY C 251 6.64 -47.47 -1.63
C GLY C 251 6.84 -46.14 -2.35
N LEU C 252 7.86 -45.37 -1.95
CA LEU C 252 8.07 -44.06 -2.58
C LEU C 252 8.36 -44.17 -4.09
N GLU C 253 9.20 -45.12 -4.48
CA GLU C 253 9.51 -45.26 -5.90
C GLU C 253 8.24 -45.41 -6.73
N GLN C 254 7.33 -46.26 -6.28
CA GLN C 254 6.08 -46.46 -6.99
C GLN C 254 5.22 -45.18 -6.99
N LEU C 255 5.13 -44.52 -5.85
CA LEU C 255 4.35 -43.30 -5.79
C LEU C 255 4.88 -42.28 -6.80
N GLU C 256 6.20 -42.21 -6.92
CA GLU C 256 6.82 -41.28 -7.84
C GLU C 256 6.53 -41.57 -9.31
N SER C 257 6.27 -42.84 -9.64
CA SER C 257 6.00 -43.23 -11.02
C SER C 257 4.55 -42.99 -11.47
N ILE C 258 3.76 -42.33 -10.63
CA ILE C 258 2.35 -42.06 -10.94
C ILE C 258 1.90 -40.62 -10.63
N ILE C 259 2.52 -39.98 -9.65
CA ILE C 259 2.13 -38.63 -9.29
C ILE C 259 2.37 -37.61 -10.40
N ASN C 260 1.50 -36.62 -10.48
CA ASN C 260 1.60 -35.56 -11.47
C ASN C 260 0.61 -34.46 -11.15
N PHE C 261 0.57 -33.43 -12.00
CA PHE C 261 -0.35 -32.32 -11.83
C PHE C 261 -1.76 -32.85 -11.64
N GLU C 262 -2.12 -33.79 -12.52
CA GLU C 262 -3.44 -34.41 -12.50
C GLU C 262 -3.76 -35.07 -11.17
N LYS C 263 -2.99 -36.11 -10.86
CA LYS C 263 -3.20 -36.86 -9.63
C LYS C 263 -3.19 -36.01 -8.36
N LEU C 264 -2.19 -35.16 -8.23
CA LEU C 264 -2.08 -34.33 -7.04
C LEU C 264 -3.38 -33.57 -6.75
N THR C 265 -3.84 -32.80 -7.73
CA THR C 265 -5.06 -32.02 -7.58
C THR C 265 -6.18 -32.90 -7.03
N GLU C 266 -6.41 -34.03 -7.68
CA GLU C 266 -7.45 -34.97 -7.26
C GLU C 266 -7.27 -35.44 -5.81
N TRP C 267 -6.04 -35.80 -5.45
CA TRP C 267 -5.77 -36.26 -4.08
C TRP C 267 -5.97 -35.21 -3.01
N THR C 268 -5.66 -33.95 -3.35
CA THR C 268 -5.77 -32.87 -2.38
C THR C 268 -7.11 -32.14 -2.42
N SER C 269 -8.06 -32.72 -3.14
CA SER C 269 -9.39 -32.14 -3.27
C SER C 269 -10.17 -32.14 -1.96
N SER C 270 -10.96 -31.09 -1.76
CA SER C 270 -11.80 -31.00 -0.56
C SER C 270 -12.79 -32.14 -0.59
N ASN C 271 -12.93 -32.78 -1.75
CA ASN C 271 -13.87 -33.90 -1.91
C ASN C 271 -13.24 -35.19 -1.38
N VAL C 272 -11.92 -35.18 -1.18
CA VAL C 272 -11.26 -36.37 -0.67
C VAL C 272 -10.60 -36.11 0.69
N MET C 273 -10.24 -34.86 0.97
CA MET C 273 -9.64 -34.56 2.26
C MET C 273 -10.72 -34.16 3.27
N GLU C 274 -10.65 -34.76 4.45
CA GLU C 274 -11.61 -34.48 5.51
C GLU C 274 -10.90 -34.43 6.85
N GLU C 275 -11.49 -33.70 7.79
CA GLU C 275 -10.93 -33.53 9.12
C GLU C 275 -11.18 -34.72 10.03
N ARG C 276 -10.14 -35.16 10.71
CA ARG C 276 -10.26 -36.26 11.64
C ARG C 276 -9.24 -36.02 12.72
N LYS C 277 -9.51 -36.53 13.90
CA LYS C 277 -8.60 -36.39 15.01
C LYS C 277 -7.53 -37.44 14.72
N ILE C 278 -6.28 -37.06 14.61
CA ILE C 278 -5.24 -38.05 14.30
C ILE C 278 -3.93 -37.77 15.03
N LYS C 279 -3.12 -38.82 15.22
CA LYS C 279 -1.81 -38.73 15.84
C LYS C 279 -0.81 -38.43 14.71
N VAL C 280 -0.12 -37.29 14.80
CA VAL C 280 0.83 -36.91 13.76
C VAL C 280 2.26 -36.99 14.26
N TYR C 281 3.08 -37.69 13.48
CA TYR C 281 4.52 -37.84 13.76
C TYR C 281 5.19 -37.28 12.50
N LEU C 282 6.00 -36.24 12.67
CA LEU C 282 6.68 -35.60 11.54
C LEU C 282 8.10 -35.30 12.01
N PRO C 283 9.11 -35.63 11.19
CA PRO C 283 10.48 -35.35 11.65
C PRO C 283 10.85 -33.87 11.56
N ARG C 284 11.74 -33.44 12.45
CA ARG C 284 12.26 -32.08 12.39
C ARG C 284 13.10 -32.20 11.13
N MET C 285 13.05 -31.21 10.26
CA MET C 285 13.78 -31.24 9.00
C MET C 285 14.58 -29.98 8.69
N LYS C 286 15.75 -30.15 8.09
CA LYS C 286 16.58 -29.01 7.69
C LYS C 286 16.91 -29.29 6.24
N MET C 287 16.06 -28.83 5.33
CA MET C 287 16.28 -29.09 3.93
C MET C 287 17.12 -28.01 3.27
N GLU C 288 18.15 -28.43 2.54
CA GLU C 288 18.97 -27.51 1.77
C GLU C 288 19.57 -28.20 0.56
N GLU C 289 19.19 -27.74 -0.64
CA GLU C 289 19.72 -28.31 -1.86
C GLU C 289 20.08 -27.21 -2.85
N LYS C 290 21.01 -27.51 -3.75
CA LYS C 290 21.39 -26.52 -4.77
C LYS C 290 21.42 -27.28 -6.11
N TYR C 291 20.98 -26.62 -7.17
CA TYR C 291 20.95 -27.27 -8.47
C TYR C 291 21.51 -26.37 -9.56
N ASN C 292 22.11 -27.02 -10.54
CA ASN C 292 22.63 -26.33 -11.72
C ASN C 292 21.42 -26.18 -12.64
N LEU C 293 20.83 -24.99 -12.69
CA LEU C 293 19.64 -24.78 -13.51
C LEU C 293 19.89 -24.95 -14.99
N THR C 294 21.12 -24.71 -15.42
CA THR C 294 21.41 -24.85 -16.83
C THR C 294 21.09 -26.30 -17.25
N SER C 295 21.67 -27.24 -16.51
CA SER C 295 21.49 -28.66 -16.74
C SER C 295 20.02 -29.09 -16.69
N VAL C 296 19.31 -28.63 -15.65
CA VAL C 296 17.92 -29.00 -15.46
C VAL C 296 17.02 -28.41 -16.56
N LEU C 297 17.18 -27.12 -16.81
CA LEU C 297 16.34 -26.43 -17.81
C LEU C 297 16.62 -26.90 -19.24
N MET C 298 17.88 -27.20 -19.58
CA MET C 298 18.16 -27.69 -20.93
C MET C 298 17.47 -29.05 -21.15
N ALA C 299 17.52 -29.91 -20.14
CA ALA C 299 16.86 -31.22 -20.27
C ALA C 299 15.34 -31.02 -20.42
N MET C 300 14.81 -29.92 -19.89
CA MET C 300 13.38 -29.66 -19.99
C MET C 300 12.97 -28.95 -21.28
N GLY C 301 13.95 -28.48 -22.06
CA GLY C 301 13.59 -27.81 -23.29
C GLY C 301 14.07 -26.37 -23.46
N ILE C 302 14.78 -25.82 -22.48
CA ILE C 302 15.29 -24.44 -22.61
C ILE C 302 16.77 -24.56 -22.91
N THR C 303 17.13 -24.26 -24.15
CA THR C 303 18.50 -24.41 -24.61
C THR C 303 19.10 -23.20 -25.32
N ASP C 304 18.30 -22.47 -26.08
CA ASP C 304 18.85 -21.32 -26.82
C ASP C 304 19.46 -20.23 -25.96
N VAL C 305 18.86 -19.96 -24.79
CA VAL C 305 19.35 -18.91 -23.89
C VAL C 305 20.74 -19.20 -23.34
N PHE C 306 21.13 -20.47 -23.32
CA PHE C 306 22.43 -20.88 -22.81
C PHE C 306 23.49 -21.06 -23.92
N SER C 307 23.11 -20.80 -25.17
CA SER C 307 24.05 -20.99 -26.29
C SER C 307 24.43 -19.68 -26.98
N SER C 308 25.43 -19.74 -27.86
CA SER C 308 25.83 -18.54 -28.56
C SER C 308 24.75 -18.03 -29.48
N SER C 309 23.75 -18.86 -29.73
CA SER C 309 22.65 -18.46 -30.58
C SER C 309 21.52 -17.83 -29.73
N ALA C 310 21.78 -17.57 -28.45
CA ALA C 310 20.77 -16.94 -27.60
C ALA C 310 20.31 -15.62 -28.21
N ASN C 311 19.03 -15.27 -28.03
CA ASN C 311 18.60 -13.97 -28.48
C ASN C 311 18.06 -13.22 -27.27
N LEU C 312 18.92 -12.45 -26.62
CA LEU C 312 18.53 -11.64 -25.46
C LEU C 312 18.73 -10.20 -25.92
N SER C 313 18.38 -9.92 -27.17
CA SER C 313 18.60 -8.59 -27.71
C SER C 313 17.68 -7.55 -27.10
N GLY C 314 16.75 -8.00 -26.26
CA GLY C 314 15.86 -7.08 -25.55
C GLY C 314 16.59 -6.58 -24.31
N ILE C 315 17.71 -7.20 -24.00
CA ILE C 315 18.51 -6.81 -22.84
C ILE C 315 19.69 -5.95 -23.31
N SER C 316 20.35 -6.41 -24.37
CA SER C 316 21.52 -5.71 -24.93
C SER C 316 21.73 -6.09 -26.40
N SER C 317 22.37 -5.19 -27.15
CA SER C 317 22.67 -5.43 -28.58
C SER C 317 24.00 -6.15 -28.66
N ALA C 318 24.63 -6.33 -27.51
CA ALA C 318 25.93 -6.98 -27.43
C ALA C 318 25.91 -8.39 -27.98
N GLU C 319 26.89 -8.67 -28.83
CA GLU C 319 27.00 -9.97 -29.42
C GLU C 319 27.54 -10.98 -28.42
N LEU C 321 25.75 -12.29 -25.90
CA LEU C 321 25.14 -12.25 -24.57
C LEU C 321 24.40 -13.57 -24.42
N LYS C 322 24.62 -14.25 -23.30
CA LYS C 322 23.93 -15.50 -23.03
C LYS C 322 24.05 -15.78 -21.55
N ILE C 323 23.29 -16.75 -21.07
CA ILE C 323 23.40 -17.12 -19.67
C ILE C 323 24.48 -18.20 -19.59
N SER C 324 25.58 -17.86 -18.92
CA SER C 324 26.74 -18.72 -18.73
C SER C 324 26.64 -19.71 -17.56
N GLN C 325 25.92 -19.30 -16.51
CA GLN C 325 25.70 -20.15 -15.34
C GLN C 325 24.37 -19.73 -14.75
N ALA C 326 23.64 -20.68 -14.18
CA ALA C 326 22.32 -20.41 -13.57
C ALA C 326 22.20 -21.41 -12.43
N VAL C 327 22.01 -20.90 -11.22
CA VAL C 327 21.94 -21.78 -10.06
C VAL C 327 20.71 -21.49 -9.19
N HIS C 328 20.11 -22.55 -8.66
CA HIS C 328 18.96 -22.40 -7.76
C HIS C 328 19.38 -23.02 -6.42
N ALA C 329 19.14 -22.33 -5.32
CA ALA C 329 19.47 -22.86 -3.98
C ALA C 329 18.27 -22.60 -3.08
N ALA C 330 17.83 -23.61 -2.35
CA ALA C 330 16.69 -23.44 -1.47
C ALA C 330 16.98 -24.08 -0.10
N HIS C 331 16.60 -23.39 0.97
CA HIS C 331 16.82 -23.84 2.35
C HIS C 331 15.56 -23.63 3.18
N ALA C 332 15.13 -24.65 3.91
CA ALA C 332 13.97 -24.46 4.77
C ALA C 332 14.12 -25.41 5.94
N GLU C 333 13.65 -24.98 7.08
CA GLU C 333 13.71 -25.80 8.27
C GLU C 333 12.31 -26.00 8.77
N ILE C 334 11.98 -27.25 9.05
CA ILE C 334 10.68 -27.58 9.62
C ILE C 334 10.98 -28.06 11.05
N ASN C 335 10.36 -27.42 12.03
CA ASN C 335 10.56 -27.83 13.41
C ASN C 335 9.28 -27.65 14.21
N GLU C 336 9.36 -27.66 15.53
CA GLU C 336 8.15 -27.55 16.36
C GLU C 336 7.39 -26.23 16.38
N ALA C 337 8.11 -25.13 16.25
CA ALA C 337 7.53 -23.80 16.37
C ALA C 337 6.15 -23.59 15.75
N GLY C 338 5.22 -23.12 16.60
CA GLY C 338 3.86 -22.86 16.18
C GLY C 338 3.25 -21.68 16.93
N ARG C 339 2.10 -21.21 16.45
CA ARG C 339 1.47 -20.05 17.06
C ARG C 339 0.86 -20.36 18.41
N GLU C 340 0.24 -21.54 18.52
CA GLU C 340 -0.42 -21.97 19.73
C GLU C 340 -0.42 -23.48 19.91
N VAL C 341 -0.73 -23.90 21.12
CA VAL C 341 -0.85 -25.31 21.42
C VAL C 341 -2.35 -25.47 21.60
N VAL C 342 -2.97 -26.27 20.73
CA VAL C 342 -4.41 -26.50 20.79
C VAL C 342 -4.66 -27.93 21.27
N VAL C 354 -7.15 -42.53 20.74
CA VAL C 354 -6.92 -42.36 19.31
C VAL C 354 -6.05 -43.48 18.76
N SER C 355 -6.41 -43.97 17.57
CA SER C 355 -5.64 -45.03 16.94
C SER C 355 -5.19 -44.61 15.55
N GLU C 356 -5.95 -43.72 14.92
CA GLU C 356 -5.56 -43.24 13.59
C GLU C 356 -4.33 -42.36 13.69
N GLU C 357 -3.30 -42.73 12.93
CA GLU C 357 -2.05 -41.99 12.95
C GLU C 357 -1.53 -41.73 11.55
N PHE C 358 -0.68 -40.73 11.46
CA PHE C 358 -0.03 -40.41 10.20
C PHE C 358 1.40 -40.32 10.69
N ARG C 359 2.15 -41.40 10.46
CA ARG C 359 3.53 -41.50 10.97
C ARG C 359 4.53 -41.41 9.82
N ALA C 360 5.10 -40.23 9.65
CA ALA C 360 6.04 -39.94 8.58
C ALA C 360 7.45 -40.35 8.98
N ASP C 361 7.66 -41.66 9.13
CA ASP C 361 8.96 -42.20 9.53
C ASP C 361 9.64 -43.01 8.42
N HIS C 362 9.22 -42.75 7.17
CA HIS C 362 9.83 -43.36 6.00
C HIS C 362 9.68 -42.34 4.86
N PRO C 363 10.51 -42.48 3.80
CA PRO C 363 10.51 -41.55 2.66
C PRO C 363 9.16 -41.04 2.17
N PHE C 364 9.06 -39.73 2.02
CA PHE C 364 7.79 -39.11 1.60
C PHE C 364 8.02 -37.87 0.71
N LEU C 365 6.99 -37.40 0.02
CA LEU C 365 7.09 -36.19 -0.79
C LEU C 365 6.33 -35.16 0.03
N PHE C 366 6.64 -33.88 -0.19
CA PHE C 366 5.92 -32.85 0.52
C PHE C 366 5.88 -31.61 -0.37
N CYS C 367 4.89 -30.75 -0.15
CA CYS C 367 4.67 -29.57 -0.99
C CYS C 367 4.18 -28.44 -0.08
N ILE C 368 4.72 -27.24 -0.25
CA ILE C 368 4.22 -26.12 0.52
C ILE C 368 3.44 -25.30 -0.50
N LYS C 369 2.15 -25.12 -0.23
CA LYS C 369 1.34 -24.40 -1.18
C LYS C 369 0.73 -23.10 -0.66
N HIS C 370 0.48 -22.17 -1.59
CA HIS C 370 -0.15 -20.89 -1.29
C HIS C 370 -1.64 -21.25 -1.40
N ILE C 371 -2.38 -21.10 -0.31
CA ILE C 371 -3.79 -21.46 -0.27
C ILE C 371 -4.75 -20.70 -1.19
N ALA C 372 -4.60 -19.39 -1.27
CA ALA C 372 -5.50 -18.56 -2.08
C ALA C 372 -5.46 -18.81 -3.59
N THR C 373 -4.31 -19.26 -4.08
CA THR C 373 -4.11 -19.51 -5.50
C THR C 373 -3.79 -20.97 -5.85
N ASN C 374 -3.55 -21.79 -4.84
CA ASN C 374 -3.17 -23.20 -5.04
C ASN C 374 -1.78 -23.31 -5.65
N ALA C 375 -1.02 -22.22 -5.68
CA ALA C 375 0.32 -22.22 -6.25
C ALA C 375 1.33 -23.01 -5.40
N VAL C 376 2.25 -23.70 -6.07
CA VAL C 376 3.27 -24.48 -5.36
C VAL C 376 4.44 -23.57 -5.02
N LEU C 377 4.73 -23.41 -3.74
CA LEU C 377 5.84 -22.58 -3.29
C LEU C 377 7.11 -23.40 -3.11
N PHE C 378 6.98 -24.61 -2.57
CA PHE C 378 8.14 -25.49 -2.42
C PHE C 378 7.69 -26.90 -2.70
N PHE C 379 8.61 -27.73 -3.18
CA PHE C 379 8.32 -29.13 -3.43
C PHE C 379 9.55 -29.92 -3.04
N GLY C 380 9.35 -31.13 -2.51
CA GLY C 380 10.53 -31.89 -2.13
C GLY C 380 10.30 -33.37 -1.85
N ARG C 381 11.38 -34.07 -1.66
CA ARG C 381 11.33 -35.49 -1.34
C ARG C 381 12.27 -35.60 -0.15
N CYS C 382 11.78 -36.20 0.93
CA CYS C 382 12.58 -36.40 2.13
C CYS C 382 12.91 -37.88 2.27
N VAL C 383 14.17 -38.25 2.07
CA VAL C 383 14.56 -39.66 2.23
C VAL C 383 15.41 -39.78 3.48
N SER C 384 15.85 -38.64 3.98
CA SER C 384 16.69 -38.61 5.16
C SER C 384 16.69 -37.27 5.84
N PRO C 385 15.86 -37.13 6.88
CA PRO C 385 15.72 -35.92 7.68
C PRO C 385 17.08 -35.58 8.24
N GLY D 1 13.58 16.54 20.66
CA GLY D 1 13.03 17.51 19.62
C GLY D 1 12.84 16.85 18.26
N SER D 2 13.85 16.09 17.85
CA SER D 2 13.84 15.35 16.59
C SER D 2 14.19 13.91 16.93
N ILE D 3 13.85 12.97 16.05
CA ILE D 3 14.17 11.57 16.35
C ILE D 3 15.68 11.35 16.42
N GLY D 4 16.45 12.12 15.65
CA GLY D 4 17.89 11.94 15.66
C GLY D 4 18.45 12.24 17.03
N ALA D 5 18.12 13.41 17.54
CA ALA D 5 18.58 13.83 18.85
C ALA D 5 18.03 12.90 19.94
N ALA D 6 16.75 12.55 19.86
CA ALA D 6 16.14 11.69 20.88
C ALA D 6 16.76 10.32 20.93
N SER D 7 16.98 9.73 19.76
CA SER D 7 17.57 8.40 19.74
C SER D 7 19.03 8.44 20.20
N MET D 8 19.75 9.51 19.88
CA MET D 8 21.14 9.61 20.32
C MET D 8 21.24 9.81 21.84
N GLU D 9 20.42 10.69 22.40
CA GLU D 9 20.44 10.93 23.84
C GLU D 9 20.03 9.66 24.60
N PHE D 10 18.99 8.98 24.12
CA PHE D 10 18.56 7.72 24.73
C PHE D 10 19.65 6.67 24.60
N CYS D 11 20.22 6.57 23.41
CA CYS D 11 21.29 5.62 23.16
C CYS D 11 22.44 5.79 24.14
N PHE D 12 22.91 7.02 24.32
CA PHE D 12 24.04 7.22 25.23
C PHE D 12 23.68 7.15 26.71
N ASP D 13 22.42 7.36 27.04
CA ASP D 13 21.97 7.23 28.42
C ASP D 13 21.97 5.72 28.71
N VAL D 14 21.56 4.92 27.73
CA VAL D 14 21.58 3.47 27.86
C VAL D 14 23.03 2.98 28.00
N PHE D 15 23.92 3.54 27.20
CA PHE D 15 25.31 3.16 27.25
C PHE D 15 25.90 3.43 28.64
N LYS D 16 25.58 4.58 29.22
CA LYS D 16 26.07 4.93 30.55
C LYS D 16 25.63 3.88 31.58
N GLU D 17 24.40 3.37 31.47
CA GLU D 17 23.94 2.36 32.40
C GLU D 17 24.60 1.02 32.17
N LEU D 18 24.77 0.62 30.90
CA LEU D 18 25.39 -0.66 30.58
C LEU D 18 26.87 -0.74 31.00
N LYS D 19 27.57 0.40 31.00
CA LYS D 19 28.98 0.39 31.38
C LYS D 19 29.18 -0.02 32.85
N VAL D 20 28.13 0.14 33.67
CA VAL D 20 28.25 -0.22 35.06
C VAL D 20 28.50 -1.72 35.26
N HIS D 21 27.75 -2.57 34.56
CA HIS D 21 27.94 -4.00 34.75
C HIS D 21 28.52 -4.79 33.59
N HIS D 22 29.13 -4.11 32.62
CA HIS D 22 29.69 -4.82 31.49
C HIS D 22 31.07 -4.32 31.12
N ALA D 23 31.95 -4.21 32.11
CA ALA D 23 33.29 -3.74 31.82
C ALA D 23 34.09 -4.86 31.16
N ASN D 24 34.99 -4.49 30.26
CA ASN D 24 35.84 -5.43 29.56
C ASN D 24 35.10 -6.44 28.67
N GLU D 25 33.83 -6.16 28.36
CA GLU D 25 33.08 -7.04 27.46
C GLU D 25 32.49 -6.27 26.28
N ASN D 26 32.18 -6.98 25.22
CA ASN D 26 31.57 -6.34 24.04
C ASN D 26 30.20 -5.87 24.49
N ILE D 27 29.72 -4.81 23.86
CA ILE D 27 28.41 -4.27 24.15
C ILE D 27 27.80 -4.06 22.76
N PHE D 28 26.51 -4.32 22.63
CA PHE D 28 25.87 -4.16 21.33
C PHE D 28 24.38 -4.18 21.54
N TYR D 29 23.71 -3.11 21.12
CA TYR D 29 22.27 -3.05 21.26
C TYR D 29 21.69 -2.16 20.15
N CYS D 30 20.37 -2.18 20.06
CA CYS D 30 19.67 -1.42 19.02
C CYS D 30 18.73 -0.40 19.67
N PRO D 31 19.20 0.85 19.88
CA PRO D 31 18.34 1.85 20.51
C PRO D 31 17.01 2.07 19.83
N ILE D 32 17.01 2.15 18.50
CA ILE D 32 15.78 2.40 17.79
C ILE D 32 14.72 1.33 18.04
N ALA D 33 15.13 0.08 18.19
CA ALA D 33 14.16 -1.00 18.44
C ALA D 33 13.64 -0.94 19.88
N ILE D 34 14.49 -0.56 20.83
CA ILE D 34 14.04 -0.46 22.22
C ILE D 34 13.03 0.69 22.31
N MET D 35 13.34 1.80 21.64
CA MET D 35 12.41 2.92 21.65
C MET D 35 11.05 2.49 21.07
N SER D 36 11.06 1.67 20.04
CA SER D 36 9.80 1.26 19.44
C SER D 36 8.97 0.40 20.40
N ALA D 37 9.64 -0.50 21.12
CA ALA D 37 8.96 -1.35 22.08
C ALA D 37 8.39 -0.46 23.22
N LEU D 38 9.16 0.52 23.68
CA LEU D 38 8.66 1.37 24.73
C LEU D 38 7.53 2.28 24.25
N ALA D 39 7.57 2.68 22.96
CA ALA D 39 6.52 3.52 22.41
C ALA D 39 5.19 2.75 22.42
N MET D 40 5.24 1.45 22.13
CA MET D 40 4.05 0.61 22.09
C MET D 40 3.40 0.54 23.46
N VAL D 41 4.23 0.45 24.51
CA VAL D 41 3.74 0.40 25.87
C VAL D 41 3.20 1.81 26.24
N TYR D 42 3.97 2.82 25.86
CA TYR D 42 3.64 4.23 26.11
C TYR D 42 2.21 4.54 25.69
N LEU D 43 1.81 4.00 24.54
CA LEU D 43 0.46 4.17 24.01
C LEU D 43 -0.65 3.89 25.04
N GLY D 44 -0.41 2.93 25.93
CA GLY D 44 -1.42 2.58 26.92
C GLY D 44 -1.07 2.94 28.35
N ALA D 45 0.00 3.72 28.53
CA ALA D 45 0.43 4.14 29.86
C ALA D 45 -0.25 5.45 30.26
N LYS D 46 -0.40 5.65 31.55
CA LYS D 46 -1.03 6.84 32.09
C LYS D 46 -0.34 7.32 33.36
N ASP D 47 -0.67 8.54 33.78
CA ASP D 47 -0.13 9.12 35.00
C ASP D 47 1.39 9.05 35.11
N SER D 48 1.90 8.69 36.28
CA SER D 48 3.36 8.66 36.44
C SER D 48 4.08 7.56 35.64
N THR D 49 3.41 6.44 35.37
CA THR D 49 4.02 5.38 34.57
C THR D 49 4.36 5.98 33.21
N ARG D 50 3.43 6.74 32.67
CA ARG D 50 3.57 7.42 31.39
C ARG D 50 4.63 8.51 31.44
N THR D 51 4.57 9.32 32.50
CA THR D 51 5.50 10.44 32.65
C THR D 51 6.95 9.96 32.65
N GLN D 52 7.23 8.91 33.42
CA GLN D 52 8.59 8.37 33.47
C GLN D 52 9.10 7.90 32.10
N ILE D 53 8.26 7.21 31.34
CA ILE D 53 8.70 6.75 30.02
C ILE D 53 8.98 7.95 29.10
N ASN D 54 8.04 8.89 29.01
CA ASN D 54 8.22 10.06 28.17
C ASN D 54 9.56 10.74 28.47
N LYS D 55 9.85 10.92 29.76
CA LYS D 55 11.09 11.56 30.17
C LYS D 55 12.36 10.81 29.77
N VAL D 56 12.44 9.54 30.17
CA VAL D 56 13.61 8.75 29.90
C VAL D 56 13.89 8.41 28.43
N VAL D 57 12.84 8.18 27.64
CA VAL D 57 13.01 7.84 26.23
C VAL D 57 12.95 9.09 25.36
N ARG D 58 12.55 10.20 25.96
CA ARG D 58 12.45 11.49 25.27
C ARG D 58 11.50 11.59 24.08
N PHE D 59 10.26 11.16 24.30
CA PHE D 59 9.25 11.21 23.26
C PHE D 59 8.73 12.66 23.16
N ASP D 60 9.11 13.49 24.12
CA ASP D 60 8.73 14.91 24.21
C ASP D 60 7.79 15.46 23.14
N LYS D 61 8.33 16.28 22.24
CA LYS D 61 7.53 16.85 21.15
C LYS D 61 7.85 16.19 19.82
N LEU D 62 8.28 14.93 19.86
CA LEU D 62 8.61 14.22 18.64
C LEU D 62 7.37 14.17 17.77
N PRO D 63 7.55 14.26 16.45
CA PRO D 63 6.42 14.21 15.51
C PRO D 63 5.69 12.89 15.70
N GLY D 64 4.38 12.97 15.94
CA GLY D 64 3.59 11.78 16.12
C GLY D 64 3.37 11.39 17.57
N PHE D 65 4.02 12.10 18.49
CA PHE D 65 3.89 11.77 19.89
C PHE D 65 3.02 12.67 20.75
N GLY D 66 2.60 13.81 20.22
CA GLY D 66 1.72 14.69 20.98
C GLY D 66 0.57 13.92 21.64
N ASP D 67 0.08 14.45 22.76
CA ASP D 67 -0.99 13.82 23.54
C ASP D 67 -2.35 13.68 22.85
N ILE D 69 -2.56 13.58 19.33
CA ILE D 69 -2.34 12.76 18.14
C ILE D 69 -2.48 11.28 18.47
N GLU D 70 -1.94 10.87 19.62
CA GLU D 70 -2.02 9.47 20.04
C GLU D 70 -3.45 9.06 20.32
N ALA D 71 -4.25 10.01 20.79
CA ALA D 71 -5.66 9.74 21.08
C ALA D 71 -6.35 9.35 19.77
N GLN D 72 -5.70 9.69 18.65
CA GLN D 72 -6.23 9.39 17.33
C GLN D 72 -5.80 8.00 16.86
N CYS D 73 -5.10 7.27 17.71
CA CYS D 73 -4.67 5.93 17.32
C CYS D 73 -5.89 5.06 17.05
N GLY D 74 -5.72 4.02 16.25
CA GLY D 74 -6.85 3.15 15.94
C GLY D 74 -7.59 3.69 14.72
N THR D 75 -7.33 4.95 14.41
CA THR D 75 -7.92 5.57 13.24
C THR D 75 -6.71 5.75 12.33
N SER D 76 -6.88 5.56 11.03
CA SER D 76 -5.79 5.67 10.08
C SER D 76 -5.04 7.00 10.13
N VAL D 77 -4.30 7.22 11.22
CA VAL D 77 -3.51 8.43 11.44
C VAL D 77 -2.05 8.00 11.70
N ASN D 78 -1.10 8.83 11.24
CA ASN D 78 0.33 8.53 11.39
C ASN D 78 0.85 8.75 12.80
N VAL D 79 0.25 8.07 13.77
CA VAL D 79 0.69 8.17 15.14
C VAL D 79 2.14 7.65 15.25
N HIS D 80 2.96 8.31 16.05
CA HIS D 80 4.38 7.94 16.25
C HIS D 80 5.20 7.91 14.96
N SER D 81 4.81 8.74 14.00
CA SER D 81 5.50 8.80 12.70
C SER D 81 7.03 8.91 12.70
N SER D 82 7.58 9.86 13.45
CA SER D 82 9.04 10.06 13.49
C SER D 82 9.81 8.78 13.77
N LEU D 83 9.24 7.93 14.61
CA LEU D 83 9.88 6.67 14.94
C LEU D 83 9.42 5.60 13.96
N ARG D 84 8.12 5.52 13.69
CA ARG D 84 7.60 4.49 12.81
C ARG D 84 8.03 4.58 11.33
N ASP D 85 8.28 5.78 10.83
CA ASP D 85 8.67 5.91 9.43
C ASP D 85 10.02 5.22 9.25
N ILE D 86 10.90 5.35 10.25
CA ILE D 86 12.22 4.71 10.17
C ILE D 86 12.09 3.18 10.18
N LEU D 87 11.41 2.65 11.20
CA LEU D 87 11.21 1.22 11.32
C LEU D 87 10.54 0.62 10.08
N ASN D 88 9.53 1.31 9.55
CA ASN D 88 8.84 0.77 8.39
C ASN D 88 9.72 0.75 7.14
N GLN D 89 10.60 1.75 7.01
CA GLN D 89 11.49 1.79 5.85
C GLN D 89 12.53 0.69 5.94
N ILE D 90 13.14 0.51 7.10
CA ILE D 90 14.18 -0.50 7.20
C ILE D 90 13.75 -1.95 7.31
N THR D 91 12.47 -2.23 7.60
CA THR D 91 12.03 -3.63 7.70
C THR D 91 11.52 -4.17 6.36
N LYS D 92 11.43 -3.30 5.36
CA LYS D 92 10.96 -3.71 4.05
C LYS D 92 12.05 -4.48 3.31
N PRO D 93 11.66 -5.53 2.58
CA PRO D 93 12.63 -6.33 1.82
C PRO D 93 13.34 -5.44 0.82
N ASN D 94 14.63 -5.66 0.65
CA ASN D 94 15.37 -4.89 -0.32
C ASN D 94 16.59 -5.71 -0.71
N ASP D 95 17.38 -5.22 -1.65
CA ASP D 95 18.54 -5.96 -2.11
C ASP D 95 19.88 -5.55 -1.49
N VAL D 96 19.87 -4.69 -0.47
CA VAL D 96 21.15 -4.26 0.11
C VAL D 96 21.39 -4.56 1.59
N TYR D 97 20.35 -4.82 2.36
CA TYR D 97 20.55 -5.17 3.77
C TYR D 97 19.32 -5.92 4.26
N SER D 98 19.44 -6.56 5.41
CA SER D 98 18.35 -7.28 6.01
C SER D 98 18.29 -6.85 7.47
N PHE D 99 17.11 -6.47 7.92
CA PHE D 99 16.89 -6.03 9.27
C PHE D 99 15.64 -6.74 9.76
N SER D 100 15.81 -7.67 10.70
CA SER D 100 14.69 -8.45 11.23
C SER D 100 14.35 -8.04 12.65
N LEU D 101 13.11 -7.65 12.90
CA LEU D 101 12.69 -7.23 14.23
C LEU D 101 11.57 -8.11 14.80
N ALA D 102 11.80 -8.67 15.98
CA ALA D 102 10.79 -9.47 16.66
C ALA D 102 10.52 -8.70 17.96
N SER D 103 9.48 -7.89 17.95
CA SER D 103 9.15 -7.06 19.12
C SER D 103 7.69 -7.32 19.49
N ARG D 104 7.44 -7.71 20.74
CA ARG D 104 6.09 -8.03 21.11
C ARG D 104 5.86 -8.04 22.61
N LEU D 105 4.64 -7.71 22.98
CA LEU D 105 4.21 -7.73 24.37
C LEU D 105 3.28 -8.95 24.53
N TYR D 106 3.63 -9.88 25.41
CA TYR D 106 2.77 -11.04 25.70
C TYR D 106 2.08 -10.75 27.03
N ALA D 107 0.74 -10.70 27.03
CA ALA D 107 0.01 -10.42 28.26
C ALA D 107 -0.82 -11.60 28.73
N GLU D 108 -0.93 -11.76 30.04
CA GLU D 108 -1.72 -12.87 30.60
C GLU D 108 -3.12 -12.78 29.99
N GLU D 109 -3.58 -13.89 29.42
CA GLU D 109 -4.88 -13.92 28.76
C GLU D 109 -6.09 -13.51 29.60
N ARG D 110 -5.99 -13.52 30.91
CA ARG D 110 -7.14 -13.13 31.71
C ARG D 110 -7.37 -11.63 31.77
N TYR D 111 -6.37 -10.86 31.30
CA TYR D 111 -6.46 -9.40 31.29
C TYR D 111 -7.23 -8.94 30.07
N PRO D 112 -8.40 -8.33 30.27
CA PRO D 112 -9.10 -7.89 29.05
C PRO D 112 -8.40 -6.69 28.43
N ILE D 113 -8.14 -6.78 27.14
CA ILE D 113 -7.46 -5.69 26.44
C ILE D 113 -8.48 -4.72 25.86
N LEU D 114 -8.30 -3.42 26.09
CA LEU D 114 -9.20 -2.44 25.54
C LEU D 114 -9.18 -2.52 24.01
N PRO D 115 -10.36 -2.66 23.36
CA PRO D 115 -10.37 -2.76 21.90
C PRO D 115 -9.69 -1.60 21.20
N GLU D 116 -9.76 -0.40 21.77
CA GLU D 116 -9.10 0.75 21.16
C GLU D 116 -7.58 0.57 21.16
N TYR D 117 -7.05 -0.08 22.22
CA TYR D 117 -5.60 -0.31 22.29
C TYR D 117 -5.21 -1.41 21.30
N LEU D 118 -5.99 -2.48 21.27
CA LEU D 118 -5.73 -3.57 20.34
C LEU D 118 -5.73 -3.03 18.90
N GLN D 119 -6.70 -2.17 18.62
CA GLN D 119 -6.83 -1.59 17.29
C GLN D 119 -5.64 -0.70 16.97
N CYS D 120 -5.20 0.03 17.98
CA CYS D 120 -4.08 0.94 17.88
C CYS D 120 -2.78 0.19 17.48
N VAL D 121 -2.46 -0.83 18.24
CA VAL D 121 -1.26 -1.60 17.96
C VAL D 121 -1.39 -2.36 16.65
N LYS D 122 -2.61 -2.73 16.28
CA LYS D 122 -2.81 -3.46 15.02
C LYS D 122 -2.35 -2.64 13.84
N GLU D 123 -2.62 -1.34 13.85
CA GLU D 123 -2.19 -0.53 12.73
C GLU D 123 -0.84 0.13 12.91
N LEU D 124 -0.42 0.40 14.14
CA LEU D 124 0.88 1.04 14.36
C LEU D 124 2.05 0.08 14.60
N TYR D 125 1.80 -1.05 15.26
CA TYR D 125 2.84 -2.05 15.54
C TYR D 125 2.26 -3.45 15.38
N ARG D 126 1.82 -3.75 14.17
CA ARG D 126 1.21 -5.04 13.85
C ARG D 126 1.85 -6.25 14.50
N GLY D 127 1.04 -7.01 15.24
CA GLY D 127 1.52 -8.21 15.90
C GLY D 127 2.25 -7.92 17.20
N GLY D 128 2.16 -6.67 17.67
CA GLY D 128 2.84 -6.29 18.88
C GLY D 128 2.30 -6.80 20.21
N LEU D 129 1.00 -7.14 20.29
CA LEU D 129 0.42 -7.60 21.55
C LEU D 129 -0.34 -8.93 21.40
N GLU D 130 0.04 -9.93 22.18
CA GLU D 130 -0.60 -11.24 22.11
C GLU D 130 -0.89 -11.81 23.51
N PRO D 131 -2.08 -12.42 23.69
CA PRO D 131 -2.43 -13.00 25.00
C PRO D 131 -1.83 -14.39 25.11
N ILE D 132 -1.46 -14.78 26.32
CA ILE D 132 -0.87 -16.10 26.54
C ILE D 132 -1.22 -16.58 27.95
N ASN D 133 -1.15 -17.88 28.17
CA ASN D 133 -1.47 -18.40 29.49
C ASN D 133 -0.23 -18.52 30.38
N PHE D 134 -0.01 -17.55 31.28
CA PHE D 134 1.12 -17.63 32.20
C PHE D 134 0.62 -18.31 33.49
N GLN D 135 -0.65 -18.08 33.80
CA GLN D 135 -1.28 -18.62 35.01
C GLN D 135 -1.09 -20.13 35.22
N THR D 136 -1.49 -20.92 34.22
CA THR D 136 -1.44 -22.37 34.33
C THR D 136 -0.47 -23.08 33.42
N ALA D 137 0.18 -22.36 32.50
CA ALA D 137 1.12 -23.02 31.60
C ALA D 137 2.33 -22.10 31.34
N ALA D 138 2.91 -21.61 32.42
CA ALA D 138 4.05 -20.70 32.33
C ALA D 138 5.23 -21.29 31.56
N ASP D 139 5.55 -22.55 31.81
CA ASP D 139 6.68 -23.17 31.12
C ASP D 139 6.36 -23.35 29.62
N GLN D 140 5.08 -23.58 29.30
CA GLN D 140 4.64 -23.73 27.91
C GLN D 140 4.68 -22.34 27.23
N ALA D 141 4.27 -21.31 27.96
CA ALA D 141 4.28 -19.95 27.44
C ALA D 141 5.72 -19.56 27.09
N ARG D 142 6.67 -19.92 27.95
CA ARG D 142 8.06 -19.59 27.70
C ARG D 142 8.53 -20.20 26.41
N GLU D 143 8.13 -21.45 26.17
CA GLU D 143 8.53 -22.12 24.95
C GLU D 143 7.90 -21.46 23.73
N LEU D 144 6.63 -21.06 23.81
CA LEU D 144 5.98 -20.41 22.66
C LEU D 144 6.69 -19.10 22.35
N ILE D 145 6.94 -18.32 23.40
CA ILE D 145 7.62 -17.04 23.25
C ILE D 145 9.02 -17.22 22.67
N ASN D 146 9.82 -18.09 23.27
CA ASN D 146 11.16 -18.32 22.76
C ASN D 146 11.15 -18.82 21.32
N SER D 147 10.18 -19.68 20.99
CA SER D 147 10.12 -20.19 19.63
C SER D 147 9.68 -19.12 18.62
N TRP D 148 8.81 -18.20 19.03
CA TRP D 148 8.40 -17.13 18.12
C TRP D 148 9.61 -16.26 17.78
N VAL D 149 10.33 -15.82 18.81
CA VAL D 149 11.52 -14.99 18.61
C VAL D 149 12.54 -15.69 17.71
N GLU D 150 12.79 -16.97 17.99
CA GLU D 150 13.76 -17.73 17.20
C GLU D 150 13.36 -17.91 15.74
N SER D 151 12.10 -18.27 15.52
CA SER D 151 11.62 -18.47 14.16
C SER D 151 11.69 -17.16 13.39
N GLN D 152 11.31 -16.07 14.04
CA GLN D 152 11.33 -14.72 13.44
C GLN D 152 12.72 -14.09 13.18
N THR D 153 13.77 -14.59 13.83
CA THR D 153 15.11 -14.03 13.63
C THR D 153 16.00 -15.00 12.87
N ASN D 154 15.36 -15.89 12.11
CA ASN D 154 16.06 -16.89 11.31
C ASN D 154 16.86 -17.89 12.15
N GLY D 155 16.33 -18.25 13.31
CA GLY D 155 17.01 -19.19 14.19
C GLY D 155 18.24 -18.63 14.87
N ILE D 156 18.46 -17.33 14.76
CA ILE D 156 19.63 -16.70 15.36
C ILE D 156 19.51 -16.42 16.85
N ILE D 157 18.43 -15.76 17.24
CA ILE D 157 18.24 -15.43 18.65
C ILE D 157 17.40 -16.53 19.30
N ARG D 158 18.09 -17.35 20.08
CA ARG D 158 17.46 -18.48 20.75
C ARG D 158 17.46 -18.36 22.26
N ASN D 159 16.47 -18.98 22.89
CA ASN D 159 16.33 -18.95 24.34
C ASN D 159 16.36 -17.53 24.88
N VAL D 160 15.59 -16.63 24.26
CA VAL D 160 15.63 -15.25 24.72
C VAL D 160 15.14 -15.13 26.17
N LEU D 161 14.18 -15.97 26.55
CA LEU D 161 13.69 -15.98 27.93
C LEU D 161 14.33 -17.19 28.60
N GLN D 162 15.09 -16.91 29.67
CA GLN D 162 15.80 -17.95 30.40
C GLN D 162 14.88 -18.74 31.33
N PRO D 163 15.24 -19.98 31.64
CA PRO D 163 14.44 -20.81 32.53
C PRO D 163 14.10 -20.06 33.83
N SER D 165 12.29 -17.48 34.23
CA SER D 165 12.02 -16.06 34.05
C SER D 165 10.53 -15.81 34.00
N VAL D 166 9.76 -16.86 33.76
CA VAL D 166 8.31 -16.71 33.73
C VAL D 166 7.69 -17.76 34.64
N ASP D 167 6.61 -17.39 35.31
CA ASP D 167 5.90 -18.28 36.22
C ASP D 167 4.44 -17.90 36.28
N SER D 168 3.70 -18.56 37.18
CA SER D 168 2.27 -18.31 37.29
C SER D 168 1.89 -16.89 37.64
N GLN D 169 2.82 -16.13 38.22
CA GLN D 169 2.51 -14.76 38.57
C GLN D 169 2.90 -13.75 37.49
N THR D 170 3.52 -14.21 36.41
CA THR D 170 3.92 -13.28 35.34
C THR D 170 2.70 -12.56 34.75
N ALA D 171 2.78 -11.24 34.63
CA ALA D 171 1.64 -10.49 34.10
C ALA D 171 1.82 -10.17 32.62
N MET D 172 2.95 -9.56 32.28
CA MET D 172 3.23 -9.22 30.90
C MET D 172 4.73 -9.30 30.65
N VAL D 173 5.11 -9.74 29.45
CA VAL D 173 6.51 -9.88 29.09
C VAL D 173 6.78 -9.10 27.79
N LEU D 174 7.86 -8.34 27.77
CA LEU D 174 8.23 -7.58 26.56
C LEU D 174 9.46 -8.22 25.92
N VAL D 175 9.36 -8.70 24.67
CA VAL D 175 10.54 -9.27 24.03
C VAL D 175 10.89 -8.35 22.85
N ASN D 176 12.17 -8.01 22.72
CA ASN D 176 12.62 -7.08 21.68
C ASN D 176 13.94 -7.60 21.12
N ALA D 177 13.88 -8.29 19.96
CA ALA D 177 15.06 -8.88 19.35
C ALA D 177 15.25 -8.42 17.92
N ILE D 178 16.49 -8.16 17.55
CA ILE D 178 16.78 -7.69 16.20
C ILE D 178 18.01 -8.36 15.60
N VAL D 179 17.99 -8.53 14.28
CA VAL D 179 19.11 -9.12 13.56
C VAL D 179 19.39 -8.21 12.35
N PHE D 180 20.66 -7.87 12.13
CA PHE D 180 21.03 -7.02 10.99
C PHE D 180 22.22 -7.56 10.23
N LYS D 181 22.18 -7.38 8.91
CA LYS D 181 23.27 -7.74 8.00
C LYS D 181 23.13 -6.76 6.83
N GLY D 182 24.18 -5.99 6.56
CA GLY D 182 24.11 -5.05 5.45
C GLY D 182 25.32 -5.15 4.55
N LEU D 183 25.16 -4.75 3.29
CA LEU D 183 26.25 -4.76 2.32
C LEU D 183 26.93 -3.41 2.34
N TRP D 184 28.26 -3.38 2.25
CA TRP D 184 29.00 -2.11 2.19
C TRP D 184 28.82 -1.51 0.80
N GLU D 185 28.94 -0.19 0.65
CA GLU D 185 28.86 0.36 -0.70
C GLU D 185 30.16 -0.10 -1.35
N LYS D 186 31.25 0.02 -0.59
CA LYS D 186 32.58 -0.38 -1.05
C LYS D 186 33.03 -1.66 -0.34
N ALA D 187 33.02 -2.76 -1.08
CA ALA D 187 33.41 -4.06 -0.55
C ALA D 187 34.90 -4.23 -0.22
N PHE D 188 35.20 -5.08 0.75
CA PHE D 188 36.58 -5.41 1.07
C PHE D 188 36.82 -6.69 0.28
N LYS D 189 38.02 -6.86 -0.26
CA LYS D 189 38.32 -8.09 -1.02
C LYS D 189 38.72 -9.22 -0.06
N ASP D 190 38.14 -10.41 -0.22
CA ASP D 190 38.49 -11.50 0.68
C ASP D 190 39.98 -11.80 0.68
N GLU D 191 40.62 -11.60 -0.47
CA GLU D 191 42.06 -11.86 -0.60
C GLU D 191 42.94 -10.87 0.15
N ASP D 192 42.37 -9.72 0.51
CA ASP D 192 43.10 -8.72 1.28
C ASP D 192 43.01 -8.98 2.78
N THR D 193 42.04 -9.81 3.18
CA THR D 193 41.83 -10.14 4.59
C THR D 193 42.87 -11.12 5.11
N GLN D 194 43.52 -10.77 6.22
CA GLN D 194 44.51 -11.67 6.80
C GLN D 194 44.50 -11.56 8.33
N ALA D 195 45.04 -12.58 9.01
CA ALA D 195 45.08 -12.58 10.47
C ALA D 195 46.03 -11.49 10.94
N MET D 196 45.62 -10.73 11.95
CA MET D 196 46.44 -9.65 12.50
C MET D 196 46.19 -9.61 14.00
N PRO D 197 47.22 -9.29 14.82
CA PRO D 197 46.90 -9.27 16.24
C PRO D 197 45.99 -8.11 16.59
N PHE D 198 45.05 -8.38 17.49
CA PHE D 198 44.11 -7.38 17.98
C PHE D 198 44.49 -7.22 19.44
N ARG D 199 44.92 -6.03 19.80
CA ARG D 199 45.36 -5.73 21.15
C ARG D 199 44.18 -5.43 22.05
N VAL D 200 43.80 -6.43 22.83
CA VAL D 200 42.68 -6.33 23.76
C VAL D 200 43.13 -5.50 24.98
N THR D 201 44.39 -5.67 25.40
CA THR D 201 44.93 -4.91 26.52
C THR D 201 46.35 -4.56 26.13
N GLU D 202 46.99 -3.69 26.89
CA GLU D 202 48.36 -3.30 26.57
C GLU D 202 49.26 -4.52 26.42
N GLN D 203 49.14 -5.46 27.37
CA GLN D 203 49.97 -6.66 27.33
C GLN D 203 49.30 -7.91 26.78
N GLU D 204 48.11 -7.76 26.20
CA GLU D 204 47.42 -8.92 25.63
C GLU D 204 46.92 -8.69 24.21
N SER D 205 47.13 -9.69 23.36
CA SER D 205 46.69 -9.63 21.97
C SER D 205 46.23 -11.00 21.51
N LYS D 206 45.29 -11.00 20.58
CA LYS D 206 44.75 -12.22 20.00
C LYS D 206 44.63 -12.03 18.50
N PRO D 207 44.90 -13.09 17.71
CA PRO D 207 44.79 -12.98 16.26
C PRO D 207 43.31 -12.80 15.88
N VAL D 208 43.03 -11.95 14.90
CA VAL D 208 41.66 -11.75 14.42
C VAL D 208 41.73 -11.63 12.90
N GLN D 209 40.65 -11.92 12.19
CA GLN D 209 40.69 -11.75 10.73
C GLN D 209 40.49 -10.27 10.45
N MET D 210 41.52 -9.60 9.97
CA MET D 210 41.48 -8.17 9.68
C MET D 210 41.23 -7.90 8.21
N MET D 211 40.14 -7.19 7.92
CA MET D 211 39.82 -6.84 6.53
C MET D 211 40.60 -5.58 6.20
N TYR D 212 40.87 -5.39 4.90
CA TYR D 212 41.68 -4.26 4.46
C TYR D 212 41.24 -3.73 3.10
N GLN D 213 41.21 -2.41 2.94
CA GLN D 213 40.95 -1.81 1.64
C GLN D 213 41.43 -0.36 1.64
N ILE D 214 41.64 0.18 0.44
CA ILE D 214 42.03 1.58 0.29
C ILE D 214 40.85 2.22 -0.47
N GLY D 215 40.29 3.28 0.10
CA GLY D 215 39.18 3.94 -0.56
C GLY D 215 38.98 5.37 -0.11
N LEU D 216 38.06 6.05 -0.79
CA LEU D 216 37.74 7.44 -0.47
C LEU D 216 36.66 7.36 0.64
N PHE D 217 36.99 7.77 1.86
CA PHE D 217 35.99 7.77 2.93
C PHE D 217 36.04 9.06 3.74
N ARG D 218 34.93 9.40 4.40
CA ARG D 218 34.85 10.57 5.28
C ARG D 218 35.56 10.15 6.57
N VAL D 219 36.56 10.92 6.98
CA VAL D 219 37.33 10.63 8.17
C VAL D 219 37.72 11.91 8.89
N ALA D 220 38.09 11.78 10.15
CA ALA D 220 38.53 12.92 10.96
C ALA D 220 39.48 12.37 11.99
N SER D 221 40.53 13.12 12.27
CA SER D 221 41.53 12.72 13.25
C SER D 221 41.55 13.89 14.25
N MET D 222 41.20 13.62 15.51
CA MET D 222 41.14 14.65 16.54
C MET D 222 42.44 14.66 17.33
N ALA D 223 43.01 15.85 17.53
CA ALA D 223 44.24 15.93 18.29
C ALA D 223 43.94 15.87 19.77
N SER D 224 43.12 16.80 20.23
CA SER D 224 42.77 16.86 21.65
C SER D 224 42.12 15.58 22.17
N GLU D 225 41.15 15.04 21.43
CA GLU D 225 40.45 13.81 21.84
C GLU D 225 41.28 12.54 21.68
N LYS D 226 42.41 12.66 20.98
CA LYS D 226 43.31 11.53 20.74
C LYS D 226 42.55 10.35 20.11
N MET D 227 41.84 10.64 19.03
CA MET D 227 41.04 9.61 18.35
C MET D 227 40.82 9.94 16.87
N LYS D 228 40.25 8.98 16.16
CA LYS D 228 39.93 9.11 14.72
C LYS D 228 38.53 8.55 14.56
N ILE D 229 37.80 9.09 13.59
CA ILE D 229 36.47 8.61 13.33
C ILE D 229 36.40 8.39 11.82
N LEU D 230 35.82 7.27 11.46
CA LEU D 230 35.70 6.86 10.06
C LEU D 230 34.26 6.55 9.75
N GLU D 231 33.78 6.95 8.59
CA GLU D 231 32.39 6.64 8.22
C GLU D 231 32.42 5.69 7.02
N LEU D 232 31.76 4.53 7.13
CA LEU D 232 31.68 3.55 6.05
C LEU D 232 30.22 3.44 5.63
N PRO D 233 29.90 3.92 4.43
CA PRO D 233 28.48 3.81 4.05
C PRO D 233 28.03 2.42 3.61
N PHE D 234 26.79 2.09 3.91
CA PHE D 234 26.23 0.83 3.50
C PHE D 234 25.61 1.09 2.13
N ALA D 235 25.52 0.03 1.34
CA ALA D 235 24.95 0.17 0.00
C ALA D 235 23.51 0.68 0.09
N GLY D 237 22.68 3.99 0.27
CA GLY D 237 22.69 5.33 0.81
C GLY D 237 21.79 5.75 1.96
N THR D 238 21.26 4.79 2.73
CA THR D 238 20.38 5.18 3.83
C THR D 238 20.97 4.95 5.22
N MET D 239 22.11 4.26 5.29
CA MET D 239 22.74 3.98 6.59
C MET D 239 24.24 3.98 6.46
N SER D 240 24.95 4.26 7.55
CA SER D 240 26.39 4.22 7.49
C SER D 240 26.90 3.74 8.83
N MET D 241 28.14 3.24 8.88
CA MET D 241 28.70 2.84 10.15
C MET D 241 29.78 3.84 10.54
N LEU D 242 29.76 4.30 11.78
CA LEU D 242 30.76 5.24 12.27
C LEU D 242 31.63 4.42 13.20
N VAL D 243 32.94 4.50 13.02
CA VAL D 243 33.83 3.72 13.87
C VAL D 243 34.68 4.74 14.60
N LEU D 244 34.64 4.71 15.94
CA LEU D 244 35.38 5.66 16.77
C LEU D 244 36.54 4.91 17.42
N LEU D 245 37.74 5.27 16.98
CA LEU D 245 38.96 4.61 17.36
C LEU D 245 39.93 5.44 18.17
N PRO D 246 40.13 5.07 19.45
CA PRO D 246 41.07 5.84 20.27
C PRO D 246 42.48 5.59 19.72
N ASP D 247 43.36 6.57 19.85
CA ASP D 247 44.75 6.41 19.42
C ASP D 247 45.48 5.29 20.19
N GLU D 248 45.20 5.13 21.48
CA GLU D 248 45.86 4.09 22.29
C GLU D 248 44.84 3.14 22.93
N VAL D 249 45.28 1.93 23.28
CA VAL D 249 44.36 0.96 23.89
C VAL D 249 43.75 1.50 25.20
N SER D 250 44.55 2.22 25.97
CA SER D 250 44.11 2.80 27.24
C SER D 250 43.13 3.96 27.05
N GLY D 251 42.94 4.41 25.82
CA GLY D 251 42.05 5.54 25.58
C GLY D 251 40.57 5.33 25.42
N LEU D 252 40.11 4.09 25.35
CA LEU D 252 38.68 3.85 25.18
C LEU D 252 37.84 4.32 26.35
N GLU D 253 38.33 4.09 27.57
CA GLU D 253 37.59 4.46 28.75
C GLU D 253 37.24 5.96 28.73
N GLN D 254 38.20 6.82 28.39
CA GLN D 254 37.92 8.25 28.37
C GLN D 254 36.95 8.61 27.23
N LEU D 255 37.09 7.93 26.08
CA LEU D 255 36.20 8.17 24.96
C LEU D 255 34.76 7.86 25.36
N GLU D 256 34.57 6.75 26.08
CA GLU D 256 33.24 6.37 26.52
C GLU D 256 32.63 7.40 27.45
N SER D 257 33.47 8.04 28.26
CA SER D 257 32.99 9.05 29.20
C SER D 257 32.48 10.31 28.51
N ILE D 258 33.03 10.62 27.34
CA ILE D 258 32.60 11.85 26.70
C ILE D 258 31.64 11.75 25.53
N ILE D 259 31.50 10.57 24.94
CA ILE D 259 30.62 10.49 23.80
C ILE D 259 29.14 10.72 24.17
N ASN D 260 28.49 11.59 23.40
CA ASN D 260 27.07 11.88 23.58
C ASN D 260 26.59 12.56 22.30
N PHE D 261 25.33 12.97 22.29
CA PHE D 261 24.75 13.61 21.10
C PHE D 261 25.55 14.82 20.61
N GLU D 262 25.88 15.74 21.52
CA GLU D 262 26.62 16.93 21.12
C GLU D 262 28.02 16.62 20.58
N LYS D 263 28.78 15.74 21.21
CA LYS D 263 30.11 15.43 20.70
C LYS D 263 30.06 14.67 19.38
N LEU D 264 29.17 13.69 19.30
CA LEU D 264 29.07 12.90 18.07
C LEU D 264 28.69 13.82 16.92
N THR D 265 27.82 14.79 17.19
CA THR D 265 27.40 15.73 16.16
C THR D 265 28.57 16.59 15.70
N GLU D 266 29.38 17.07 16.64
CA GLU D 266 30.55 17.87 16.28
C GLU D 266 31.57 17.04 15.48
N TRP D 267 31.83 15.82 15.95
CA TRP D 267 32.81 14.97 15.28
C TRP D 267 32.44 14.59 13.86
N THR D 268 31.15 14.61 13.53
CA THR D 268 30.73 14.22 12.19
C THR D 268 30.39 15.42 11.31
N SER D 269 30.60 16.62 11.84
CA SER D 269 30.30 17.87 11.13
C SER D 269 31.18 18.04 9.87
N SER D 270 30.77 18.92 8.96
CA SER D 270 31.54 19.14 7.74
C SER D 270 32.87 19.84 8.03
N ASN D 271 32.90 20.64 9.09
CA ASN D 271 34.13 21.32 9.47
C ASN D 271 35.20 20.30 9.91
N VAL D 272 34.75 19.18 10.48
CA VAL D 272 35.69 18.21 10.99
C VAL D 272 36.00 17.02 10.08
N MET D 273 34.98 16.39 9.51
CA MET D 273 35.20 15.24 8.64
C MET D 273 35.41 15.65 7.19
N GLU D 274 36.35 14.99 6.52
CA GLU D 274 36.65 15.27 5.12
C GLU D 274 36.77 13.94 4.38
N GLU D 275 36.40 13.96 3.11
CA GLU D 275 36.52 12.78 2.25
C GLU D 275 38.01 12.69 1.97
N ARG D 276 38.64 11.55 2.25
CA ARG D 276 40.06 11.38 1.97
C ARG D 276 40.28 9.95 1.54
N LYS D 277 41.32 9.71 0.74
CA LYS D 277 41.64 8.35 0.33
C LYS D 277 42.46 7.84 1.52
N ILE D 278 42.02 6.74 2.12
CA ILE D 278 42.70 6.22 3.31
C ILE D 278 42.75 4.68 3.31
N LYS D 279 43.74 4.10 3.99
CA LYS D 279 43.83 2.64 4.10
C LYS D 279 42.99 2.28 5.32
N VAL D 280 42.06 1.35 5.17
CA VAL D 280 41.20 0.97 6.27
C VAL D 280 41.44 -0.49 6.66
N TYR D 281 41.70 -0.73 7.95
CA TYR D 281 41.88 -2.08 8.49
C TYR D 281 40.72 -2.24 9.49
N LEU D 282 39.80 -3.16 9.24
CA LEU D 282 38.65 -3.37 10.13
C LEU D 282 38.43 -4.86 10.33
N PRO D 283 38.29 -5.32 11.58
CA PRO D 283 38.08 -6.77 11.80
C PRO D 283 36.71 -7.29 11.40
N ARG D 284 36.64 -8.55 11.00
CA ARG D 284 35.35 -9.15 10.71
C ARG D 284 34.80 -9.25 12.13
N MET D 285 33.52 -9.02 12.29
CA MET D 285 32.94 -9.08 13.63
C MET D 285 31.62 -9.79 13.61
N LYS D 286 31.32 -10.46 14.72
CA LYS D 286 30.05 -11.15 14.90
C LYS D 286 29.60 -10.69 16.28
N MET D 287 28.60 -9.82 16.32
CA MET D 287 28.14 -9.28 17.59
C MET D 287 26.77 -9.79 18.02
N GLU D 288 26.66 -10.19 19.29
CA GLU D 288 25.38 -10.61 19.84
C GLU D 288 25.44 -10.41 21.34
N GLU D 289 24.46 -9.70 21.87
CA GLU D 289 24.39 -9.45 23.30
C GLU D 289 22.90 -9.41 23.67
N LYS D 290 22.58 -9.84 24.89
CA LYS D 290 21.22 -9.86 25.38
C LYS D 290 21.25 -9.09 26.69
N TYR D 291 20.23 -8.28 26.93
CA TYR D 291 20.18 -7.47 28.13
C TYR D 291 18.84 -7.52 28.82
N ASN D 292 18.90 -7.52 30.15
CA ASN D 292 17.69 -7.49 30.96
C ASN D 292 17.27 -6.03 30.96
N LEU D 293 16.28 -5.67 30.13
CA LEU D 293 15.84 -4.27 30.02
C LEU D 293 15.20 -3.73 31.27
N THR D 294 14.63 -4.61 32.08
CA THR D 294 14.01 -4.16 33.32
C THR D 294 15.05 -3.46 34.19
N SER D 295 16.17 -4.13 34.41
CA SER D 295 17.21 -3.58 35.24
C SER D 295 17.82 -2.32 34.65
N VAL D 296 18.05 -2.35 33.34
CA VAL D 296 18.63 -1.21 32.65
C VAL D 296 17.73 0.01 32.76
N LEU D 297 16.47 -0.14 32.35
CA LEU D 297 15.54 0.98 32.38
C LEU D 297 15.21 1.46 33.78
N MET D 298 15.15 0.53 34.73
CA MET D 298 14.86 0.94 36.10
C MET D 298 16.01 1.82 36.58
N ALA D 299 17.24 1.46 36.21
CA ALA D 299 18.40 2.25 36.59
C ALA D 299 18.40 3.62 35.92
N MET D 300 17.65 3.73 34.85
CA MET D 300 17.55 4.98 34.10
C MET D 300 16.37 5.85 34.51
N GLY D 301 15.48 5.32 35.34
CA GLY D 301 14.35 6.11 35.77
C GLY D 301 12.96 5.61 35.42
N ILE D 302 12.84 4.48 34.74
CA ILE D 302 11.52 3.93 34.40
C ILE D 302 11.29 2.83 35.45
N THR D 303 10.45 3.14 36.43
CA THR D 303 10.22 2.20 37.52
C THR D 303 8.78 1.77 37.72
N ASP D 304 7.82 2.68 37.58
CA ASP D 304 6.41 2.34 37.80
C ASP D 304 5.84 1.22 36.93
N VAL D 305 6.26 1.16 35.68
CA VAL D 305 5.75 0.13 34.74
C VAL D 305 6.12 -1.30 35.13
N PHE D 306 7.16 -1.46 35.95
CA PHE D 306 7.60 -2.80 36.36
C PHE D 306 7.10 -3.18 37.77
N SER D 307 6.26 -2.34 38.36
CA SER D 307 5.78 -2.58 39.73
C SER D 307 4.26 -2.60 39.86
N SER D 308 3.78 -2.84 41.09
CA SER D 308 2.35 -2.88 41.30
C SER D 308 1.68 -1.52 41.21
N SER D 309 2.47 -0.45 41.23
CA SER D 309 1.89 0.88 41.11
C SER D 309 1.80 1.24 39.61
N ALA D 310 2.12 0.27 38.77
CA ALA D 310 2.07 0.46 37.32
C ALA D 310 0.69 0.91 36.89
N ASN D 311 0.64 1.92 36.02
CA ASN D 311 -0.64 2.35 35.48
C ASN D 311 -0.67 2.15 33.96
N LEU D 312 -1.15 0.99 33.53
CA LEU D 312 -1.29 0.68 32.10
C LEU D 312 -2.78 0.58 31.80
N SER D 313 -3.56 1.49 32.39
CA SER D 313 -5.01 1.48 32.18
C SER D 313 -5.43 1.80 30.75
N GLY D 314 -4.46 2.15 29.92
CA GLY D 314 -4.76 2.41 28.52
C GLY D 314 -4.76 1.07 27.77
N ILE D 315 -4.14 0.06 28.37
CA ILE D 315 -4.09 -1.28 27.77
C ILE D 315 -5.22 -2.17 28.31
N SER D 316 -5.41 -2.14 29.62
CA SER D 316 -6.43 -2.95 30.27
C SER D 316 -6.92 -2.28 31.54
N SER D 317 -8.19 -2.49 31.87
CA SER D 317 -8.77 -1.92 33.08
C SER D 317 -8.49 -2.77 34.31
N ALA D 318 -7.92 -3.96 34.13
CA ALA D 318 -7.60 -4.85 35.25
C ALA D 318 -6.38 -4.34 36.02
N GLU D 319 -6.51 -4.17 37.33
CA GLU D 319 -5.39 -3.70 38.15
C GLU D 319 -4.36 -4.82 38.23
N LEU D 321 -1.77 -5.13 36.10
CA LEU D 321 -1.07 -5.25 34.84
C LEU D 321 0.24 -4.49 34.99
N LYS D 322 1.34 -5.16 34.69
CA LYS D 322 2.68 -4.57 34.77
C LYS D 322 3.59 -5.40 33.90
N ILE D 323 4.78 -4.88 33.64
CA ILE D 323 5.75 -5.61 32.87
C ILE D 323 6.61 -6.41 33.85
N SER D 324 6.53 -7.73 33.76
CA SER D 324 7.27 -8.68 34.61
C SER D 324 8.69 -9.02 34.14
N GLN D 325 8.88 -9.02 32.83
CA GLN D 325 10.18 -9.28 32.21
C GLN D 325 10.24 -8.44 30.92
N ALA D 326 11.44 -7.95 30.58
CA ALA D 326 11.68 -7.16 29.37
C ALA D 326 13.10 -7.51 28.98
N VAL D 327 13.25 -8.09 27.81
CA VAL D 327 14.57 -8.50 27.34
C VAL D 327 14.85 -7.91 25.96
N HIS D 328 16.10 -7.49 25.74
CA HIS D 328 16.56 -6.94 24.45
C HIS D 328 17.73 -7.78 23.99
N ALA D 329 17.67 -8.25 22.74
CA ALA D 329 18.75 -9.03 22.19
C ALA D 329 19.06 -8.50 20.80
N ALA D 330 20.34 -8.31 20.51
CA ALA D 330 20.73 -7.77 19.20
C ALA D 330 21.86 -8.60 18.60
N HIS D 331 21.77 -8.83 17.28
CA HIS D 331 22.80 -9.62 16.59
C HIS D 331 23.12 -9.02 15.21
N ALA D 332 24.40 -8.87 14.90
CA ALA D 332 24.80 -8.33 13.61
C ALA D 332 26.19 -8.82 13.23
N GLU D 333 26.39 -9.07 11.95
CA GLU D 333 27.69 -9.52 11.50
C GLU D 333 28.31 -8.47 10.60
N ILE D 334 29.59 -8.19 10.80
CA ILE D 334 30.28 -7.23 9.96
C ILE D 334 31.35 -8.01 9.25
N ASN D 335 31.29 -8.03 7.91
CA ASN D 335 32.30 -8.73 7.12
C ASN D 335 32.63 -8.03 5.79
N GLU D 336 33.25 -8.74 4.86
CA GLU D 336 33.69 -8.09 3.62
C GLU D 336 32.65 -7.66 2.59
N ALA D 337 31.52 -8.34 2.57
CA ALA D 337 30.49 -8.11 1.56
C ALA D 337 30.13 -6.66 1.23
N GLY D 338 30.19 -6.34 -0.05
CA GLY D 338 29.87 -5.00 -0.52
C GLY D 338 29.40 -5.07 -1.96
N ARG D 339 28.86 -3.96 -2.45
CA ARG D 339 28.34 -3.92 -3.81
C ARG D 339 29.45 -3.83 -4.85
N GLU D 340 30.39 -2.91 -4.64
CA GLU D 340 31.46 -2.75 -5.62
C GLU D 340 32.88 -2.73 -5.08
N VAL D 341 33.83 -2.85 -6.00
CA VAL D 341 35.24 -2.76 -5.64
C VAL D 341 35.85 -1.80 -6.66
N VAL D 342 36.91 -1.12 -6.26
CA VAL D 342 37.58 -0.17 -7.15
C VAL D 342 38.21 -0.89 -8.37
N GLY D 343 38.13 -0.25 -9.54
CA GLY D 343 38.72 -0.84 -10.73
C GLY D 343 40.25 -0.93 -10.61
N ALA D 345 42.88 -0.06 -12.54
CA ALA D 345 43.68 1.11 -12.80
C ALA D 345 43.62 2.11 -11.63
N GLU D 346 42.42 2.42 -11.17
CA GLU D 346 42.34 3.35 -10.05
C GLU D 346 42.89 2.75 -8.75
N ALA D 347 42.77 1.43 -8.58
CA ALA D 347 43.28 0.80 -7.36
C ALA D 347 44.81 0.96 -7.29
N GLY D 348 45.46 0.98 -8.46
CA GLY D 348 46.90 1.14 -8.50
C GLY D 348 47.28 2.57 -8.13
N VAL D 349 46.52 3.53 -8.66
CA VAL D 349 46.77 4.93 -8.38
C VAL D 349 46.58 5.18 -6.88
N ASP D 350 45.56 4.56 -6.31
CA ASP D 350 45.27 4.70 -4.87
C ASP D 350 46.41 4.15 -4.00
N ALA D 351 46.75 2.88 -4.19
CA ALA D 351 47.83 2.27 -3.41
C ALA D 351 49.14 3.09 -3.50
N ALA D 352 49.38 3.76 -4.61
CA ALA D 352 50.62 4.52 -4.80
C ALA D 352 50.66 5.88 -4.09
N SER D 353 49.50 6.51 -3.91
CA SER D 353 49.45 7.83 -3.31
C SER D 353 48.92 7.92 -1.89
N VAL D 354 48.28 6.87 -1.40
CA VAL D 354 47.71 6.90 -0.06
C VAL D 354 48.67 6.52 1.08
N SER D 355 48.80 7.40 2.06
CA SER D 355 49.68 7.11 3.19
C SER D 355 48.95 7.05 4.52
N GLU D 356 47.82 7.75 4.63
CA GLU D 356 47.05 7.80 5.88
C GLU D 356 46.31 6.49 6.11
N GLU D 357 46.21 6.07 7.36
CA GLU D 357 45.50 4.85 7.65
C GLU D 357 44.59 4.92 8.88
N PHE D 358 43.60 4.02 8.90
CA PHE D 358 42.66 3.91 10.01
C PHE D 358 42.78 2.41 10.33
N ARG D 359 43.49 2.10 11.40
CA ARG D 359 43.75 0.71 11.75
C ARG D 359 43.11 0.31 13.08
N ALA D 360 41.96 -0.34 12.98
CA ALA D 360 41.18 -0.77 14.14
C ALA D 360 41.66 -2.10 14.68
N ASP D 361 42.88 -2.12 15.21
CA ASP D 361 43.42 -3.35 15.78
C ASP D 361 43.49 -3.31 17.33
N HIS D 362 42.60 -2.51 17.94
CA HIS D 362 42.44 -2.41 19.40
C HIS D 362 40.98 -1.97 19.66
N PRO D 363 40.49 -2.07 20.93
CA PRO D 363 39.09 -1.70 21.21
C PRO D 363 38.60 -0.37 20.67
N PHE D 364 37.37 -0.39 20.15
CA PHE D 364 36.76 0.79 19.56
C PHE D 364 35.24 0.78 19.71
N LEU D 365 34.62 1.92 19.44
CA LEU D 365 33.16 2.05 19.52
C LEU D 365 32.68 2.12 18.08
N PHE D 366 31.44 1.72 17.85
CA PHE D 366 30.89 1.83 16.49
C PHE D 366 29.41 2.10 16.58
N CYS D 367 28.90 2.79 15.58
CA CYS D 367 27.50 3.17 15.59
C CYS D 367 26.97 3.07 14.17
N ILE D 368 25.84 2.43 14.00
CA ILE D 368 25.23 2.38 12.68
C ILE D 368 24.07 3.37 12.75
N LYS D 369 24.12 4.40 11.91
CA LYS D 369 23.09 5.42 11.91
C LYS D 369 22.28 5.51 10.62
N HIS D 370 21.11 6.13 10.75
CA HIS D 370 20.21 6.37 9.65
C HIS D 370 20.66 7.76 9.15
N ILE D 371 21.12 7.81 7.91
CA ILE D 371 21.66 9.04 7.34
C ILE D 371 20.73 10.24 7.31
N ALA D 372 19.55 10.07 6.73
CA ALA D 372 18.58 11.16 6.61
C ALA D 372 18.21 11.85 7.91
N THR D 373 17.95 11.07 8.96
CA THR D 373 17.53 11.60 10.25
C THR D 373 18.63 11.69 11.31
N ASN D 374 19.76 11.01 11.05
CA ASN D 374 20.86 10.91 12.01
C ASN D 374 20.45 10.15 13.26
N ALA D 375 19.39 9.35 13.15
CA ALA D 375 18.96 8.51 14.28
C ALA D 375 19.94 7.33 14.43
N VAL D 376 20.20 6.87 15.65
CA VAL D 376 21.11 5.73 15.87
C VAL D 376 20.32 4.42 15.78
N LEU D 377 20.76 3.53 14.90
CA LEU D 377 20.10 2.25 14.74
C LEU D 377 20.75 1.21 15.65
N PHE D 378 22.08 1.20 15.67
CA PHE D 378 22.84 0.27 16.53
C PHE D 378 24.02 0.97 17.14
N PHE D 379 24.42 0.50 18.32
CA PHE D 379 25.60 1.06 18.95
C PHE D 379 26.35 -0.06 19.67
N GLY D 380 27.68 0.00 19.63
CA GLY D 380 28.40 -1.06 20.33
C GLY D 380 29.83 -0.72 20.70
N ARG D 381 30.42 -1.56 21.55
CA ARG D 381 31.80 -1.42 21.94
C ARG D 381 32.40 -2.75 21.55
N CYS D 382 33.47 -2.73 20.76
CA CYS D 382 34.13 -3.95 20.35
C CYS D 382 35.48 -4.09 21.04
N VAL D 383 35.57 -5.03 21.97
CA VAL D 383 36.81 -5.30 22.68
C VAL D 383 37.34 -6.65 22.18
N SER D 384 36.45 -7.49 21.68
CA SER D 384 36.81 -8.82 21.19
C SER D 384 36.03 -9.08 19.91
N PRO D 385 36.66 -8.93 18.74
CA PRO D 385 35.91 -9.17 17.50
C PRO D 385 35.41 -10.61 17.34
#